data_3N58
#
_entry.id   3N58
#
_cell.length_a   68.450
_cell.length_b   165.230
_cell.length_c   184.140
_cell.angle_alpha   90.00
_cell.angle_beta   90.00
_cell.angle_gamma   90.00
#
_symmetry.space_group_name_H-M   'P 21 21 21'
#
loop_
_entity.id
_entity.type
_entity.pdbx_description
1 polymer Adenosylhomocysteinase
2 non-polymer 'POTASSIUM ION'
3 non-polymer ADENOSINE
4 non-polymer NICOTINAMIDE-ADENINE-DINUCLEOTIDE
5 water water
#
_entity_poly.entity_id   1
_entity_poly.type   'polypeptide(L)'
_entity_poly.pdbx_seq_one_letter_code
;GPGSMVVKDISLADWGRKELDIAETEMPGLMAAREEFGKSQPLKGARISGSLHMTIQTAVLIETLKVLGAEVRWASCNIF
STQDHAAAAIAATGTPVFAVKGETLEEYWTYTDQIFQWPDGEPSNMILDDGGDATMYILIGARAEAGEDVLSNPQSEEEE
VLFAQIKKRMAATPGFFTKQRAAIKGVTEETTTGVNRLYQLQKKGLLPFPAINVNDSVTKSKFDNKYGCKESLVDGIRRG
TDVMMAGKVAVVCGYGDVGKGSAQSLAGAGARVKVTEVDPICALQAAMDGFEVVTLDDAASTADIVVTTTGNKDVITIDH
MRKMKDMCIVGNIGHFDNEIQVAALRNLKWTNVKPQVDLIEFPDGKRLILLSEGRLLNLGNATGHPSFVMSASFTNQVLG
QIELFTRTDAYKNEVYVLPKHLDEKVARLHLDKLGAKLTVLSEEQAAYIGVTPQGPFKSEHYRY
;
_entity_poly.pdbx_strand_id   A,B,C,D
#
# COMPACT_ATOMS: atom_id res chain seq x y z
N MET A 5 45.91 -0.90 -14.45
CA MET A 5 44.73 -1.04 -13.60
C MET A 5 44.91 -0.28 -12.29
N VAL A 6 43.84 0.34 -11.82
CA VAL A 6 43.76 0.92 -10.47
C VAL A 6 42.47 0.50 -9.75
N VAL A 7 42.63 -0.34 -8.72
CA VAL A 7 41.55 -0.70 -7.82
C VAL A 7 42.04 -0.59 -6.37
N LYS A 8 41.08 -0.59 -5.45
CA LYS A 8 41.38 -0.46 -4.03
C LYS A 8 42.25 -1.58 -3.49
N ASP A 9 41.92 -2.82 -3.84
CA ASP A 9 42.54 -3.99 -3.22
C ASP A 9 42.25 -5.23 -4.04
N ILE A 10 43.25 -5.69 -4.78
CA ILE A 10 43.06 -6.81 -5.69
C ILE A 10 42.69 -8.10 -4.96
N SER A 11 42.91 -8.15 -3.65
CA SER A 11 42.61 -9.39 -2.90
C SER A 11 41.11 -9.60 -2.69
N LEU A 12 40.31 -8.62 -3.06
CA LEU A 12 38.86 -8.74 -2.94
C LEU A 12 38.28 -9.57 -4.10
N ALA A 13 39.13 -9.90 -5.08
CA ALA A 13 38.66 -10.52 -6.30
C ALA A 13 37.84 -11.79 -6.07
N ASP A 14 38.27 -12.63 -5.14
CA ASP A 14 37.54 -13.87 -4.91
C ASP A 14 36.12 -13.63 -4.40
N TRP A 15 36.00 -12.64 -3.52
CA TRP A 15 34.72 -12.24 -3.00
C TRP A 15 33.85 -11.72 -4.14
N GLY A 16 34.40 -10.81 -4.92
CA GLY A 16 33.71 -10.31 -6.09
C GLY A 16 33.24 -11.43 -7.01
N ARG A 17 34.10 -12.40 -7.27
CA ARG A 17 33.76 -13.52 -8.13
C ARG A 17 32.59 -14.35 -7.60
N LYS A 18 32.52 -14.52 -6.29
CA LYS A 18 31.42 -15.28 -5.70
C LYS A 18 30.11 -14.54 -5.90
N GLU A 19 30.14 -13.22 -5.77
CA GLU A 19 28.92 -12.46 -5.97
C GLU A 19 28.57 -12.37 -7.45
N LEU A 20 29.55 -12.49 -8.33
CA LEU A 20 29.23 -12.58 -9.74
C LEU A 20 28.51 -13.91 -10.05
N ASP A 21 28.98 -15.00 -9.45
CA ASP A 21 28.33 -16.29 -9.62
C ASP A 21 26.86 -16.14 -9.26
N ILE A 22 26.58 -15.43 -8.16
CA ILE A 22 25.21 -15.18 -7.75
C ILE A 22 24.48 -14.23 -8.70
N ALA A 23 25.14 -13.14 -9.07
CA ALA A 23 24.49 -12.10 -9.86
C ALA A 23 24.01 -12.67 -11.19
N GLU A 24 24.82 -13.54 -11.77
CA GLU A 24 24.48 -14.16 -13.04
C GLU A 24 23.12 -14.85 -13.02
N THR A 25 22.76 -15.51 -11.90
CA THR A 25 21.47 -16.18 -11.82
C THR A 25 20.32 -15.20 -11.70
N GLU A 26 20.64 -13.92 -11.51
CA GLU A 26 19.63 -12.88 -11.35
C GLU A 26 19.50 -12.00 -12.60
N MET A 27 20.34 -12.26 -13.59
CA MET A 27 20.43 -11.38 -14.76
C MET A 27 20.33 -12.15 -16.05
N PRO A 28 19.15 -12.75 -16.30
CA PRO A 28 18.94 -13.66 -17.43
C PRO A 28 19.07 -12.96 -18.78
N GLY A 29 18.86 -11.65 -18.81
CA GLY A 29 19.00 -10.88 -20.03
C GLY A 29 20.43 -10.96 -20.54
N LEU A 30 21.39 -10.63 -19.68
CA LEU A 30 22.78 -10.64 -20.06
C LEU A 30 23.24 -12.03 -20.42
N MET A 31 22.87 -13.02 -19.60
CA MET A 31 23.25 -14.40 -19.85
C MET A 31 22.65 -14.93 -21.15
N ALA A 32 21.42 -14.51 -21.48
CA ALA A 32 20.80 -14.83 -22.77
C ALA A 32 21.58 -14.24 -23.95
N ALA A 33 22.07 -13.02 -23.77
CA ALA A 33 22.85 -12.37 -24.82
C ALA A 33 24.19 -13.09 -25.05
N ARG A 34 24.71 -13.71 -23.99
CA ARG A 34 25.93 -14.48 -24.12
C ARG A 34 25.64 -15.72 -24.96
N GLU A 35 24.47 -16.31 -24.75
CA GLU A 35 24.08 -17.50 -25.48
C GLU A 35 23.87 -17.18 -26.94
N GLU A 36 23.13 -16.11 -27.20
CA GLU A 36 22.75 -15.75 -28.56
C GLU A 36 23.93 -15.29 -29.41
N PHE A 37 24.77 -14.42 -28.86
CA PHE A 37 25.78 -13.73 -29.66
C PHE A 37 27.21 -14.15 -29.36
N GLY A 38 27.39 -15.07 -28.43
CA GLY A 38 28.71 -15.54 -28.06
C GLY A 38 29.52 -16.10 -29.22
N LYS A 39 28.93 -17.04 -29.96
CA LYS A 39 29.69 -17.67 -31.04
C LYS A 39 29.83 -16.69 -32.19
N SER A 40 28.82 -15.85 -32.38
CA SER A 40 28.74 -14.99 -33.54
C SER A 40 29.64 -13.75 -33.39
N GLN A 41 29.96 -13.42 -32.14
CA GLN A 41 30.94 -12.38 -31.81
C GLN A 41 30.72 -11.04 -32.51
N PRO A 42 29.53 -10.45 -32.36
CA PRO A 42 29.21 -9.23 -33.11
C PRO A 42 30.07 -8.01 -32.75
N LEU A 43 30.72 -8.03 -31.59
CA LEU A 43 31.54 -6.90 -31.16
C LEU A 43 33.03 -7.18 -31.26
N LYS A 44 33.38 -8.24 -31.99
CA LYS A 44 34.78 -8.50 -32.25
C LYS A 44 35.31 -7.29 -32.98
N GLY A 45 36.35 -6.69 -32.43
CA GLY A 45 36.94 -5.52 -33.06
C GLY A 45 36.47 -4.25 -32.39
N ALA A 46 35.44 -4.36 -31.55
CA ALA A 46 35.01 -3.23 -30.76
C ALA A 46 36.02 -2.89 -29.66
N ARG A 47 36.32 -1.60 -29.54
CA ARG A 47 37.19 -1.07 -28.50
C ARG A 47 36.36 -0.07 -27.71
N ILE A 48 35.84 -0.52 -26.58
CA ILE A 48 34.84 0.22 -25.83
C ILE A 48 35.42 0.86 -24.57
N SER A 49 35.13 2.15 -24.43
CA SER A 49 35.51 2.92 -23.26
C SER A 49 34.25 3.10 -22.44
N GLY A 50 34.23 2.47 -21.26
CA GLY A 50 33.05 2.46 -20.40
C GLY A 50 33.22 3.31 -19.15
N SER A 51 32.24 4.17 -18.92
CA SER A 51 32.21 5.07 -17.80
C SER A 51 30.85 4.89 -17.14
N LEU A 52 30.80 3.97 -16.18
CA LEU A 52 29.56 3.54 -15.56
C LEU A 52 29.86 2.88 -14.22
N HIS A 53 29.13 3.25 -13.16
CA HIS A 53 29.27 2.72 -11.79
C HIS A 53 29.84 1.29 -11.71
N MET A 54 31.06 1.17 -11.23
CA MET A 54 31.76 -0.12 -11.24
C MET A 54 31.23 -1.04 -10.13
N THR A 55 29.98 -1.45 -10.28
CA THR A 55 29.29 -2.35 -9.37
C THR A 55 29.36 -3.80 -9.83
N ILE A 56 28.92 -4.74 -9.00
CA ILE A 56 28.79 -6.13 -9.41
C ILE A 56 27.97 -6.26 -10.71
N GLN A 57 26.92 -5.44 -10.84
CA GLN A 57 26.05 -5.54 -12.00
C GLN A 57 26.79 -5.15 -13.27
N THR A 58 27.52 -4.04 -13.19
CA THR A 58 28.34 -3.57 -14.29
C THR A 58 29.40 -4.59 -14.65
N ALA A 59 29.85 -5.34 -13.65
CA ALA A 59 30.82 -6.41 -13.88
C ALA A 59 30.26 -7.56 -14.72
N VAL A 60 28.97 -7.86 -14.55
CA VAL A 60 28.35 -8.88 -15.38
C VAL A 60 28.20 -8.38 -16.82
N LEU A 61 27.88 -7.10 -16.97
CA LEU A 61 27.80 -6.45 -18.26
C LEU A 61 29.14 -6.48 -18.97
N ILE A 62 30.17 -6.01 -18.27
CA ILE A 62 31.51 -6.03 -18.82
C ILE A 62 31.86 -7.42 -19.35
N GLU A 63 31.60 -8.46 -18.57
CA GLU A 63 31.99 -9.80 -19.02
C GLU A 63 31.14 -10.27 -20.20
N THR A 64 29.92 -9.77 -20.29
CA THR A 64 29.03 -10.05 -21.42
C THR A 64 29.56 -9.41 -22.71
N LEU A 65 30.05 -8.17 -22.61
CA LEU A 65 30.63 -7.46 -23.74
C LEU A 65 31.88 -8.17 -24.23
N LYS A 66 32.61 -8.78 -23.31
CA LYS A 66 33.81 -9.52 -23.67
C LYS A 66 33.44 -10.88 -24.28
N VAL A 67 32.39 -11.51 -23.78
CA VAL A 67 31.94 -12.75 -24.39
C VAL A 67 31.57 -12.47 -25.86
N LEU A 68 31.06 -11.27 -26.14
CA LEU A 68 30.65 -10.90 -27.49
C LEU A 68 31.78 -10.41 -28.41
N GLY A 69 33.00 -10.43 -27.90
CA GLY A 69 34.17 -10.12 -28.72
C GLY A 69 34.87 -8.81 -28.40
N ALA A 70 34.24 -7.97 -27.59
CA ALA A 70 34.80 -6.65 -27.34
C ALA A 70 36.04 -6.68 -26.46
N GLU A 71 36.91 -5.70 -26.69
CA GLU A 71 37.89 -5.28 -25.71
C GLU A 71 37.35 -4.02 -25.03
N VAL A 72 37.54 -3.92 -23.71
CA VAL A 72 37.04 -2.74 -22.98
C VAL A 72 38.09 -2.18 -22.02
N ARG A 73 37.93 -0.91 -21.66
CA ARG A 73 38.64 -0.27 -20.56
C ARG A 73 37.59 0.50 -19.77
N TRP A 74 37.61 0.38 -18.46
CA TRP A 74 36.48 0.83 -17.66
C TRP A 74 36.85 1.75 -16.51
N ALA A 75 35.94 2.67 -16.22
CA ALA A 75 36.02 3.58 -15.08
C ALA A 75 34.61 3.78 -14.55
N SER A 76 34.49 4.16 -13.29
CA SER A 76 33.17 4.42 -12.71
C SER A 76 32.75 5.83 -13.10
N CYS A 77 31.45 6.14 -13.00
CA CYS A 77 30.96 7.51 -13.34
C CYS A 77 30.57 8.33 -12.12
N ASN A 78 31.07 7.87 -10.99
CA ASN A 78 30.89 8.55 -9.72
C ASN A 78 32.00 8.13 -8.75
N ILE A 79 32.50 9.07 -7.97
CA ILE A 79 33.62 8.80 -7.06
C ILE A 79 33.25 7.84 -5.89
N PHE A 80 31.97 7.67 -5.58
CA PHE A 80 31.57 6.84 -4.43
C PHE A 80 30.83 5.55 -4.82
N SER A 81 30.62 5.32 -6.11
CA SER A 81 29.67 4.28 -6.52
C SER A 81 30.31 2.92 -6.83
N THR A 82 31.63 2.88 -6.93
CA THR A 82 32.34 1.62 -7.13
C THR A 82 32.16 0.65 -5.95
N GLN A 83 31.99 -0.63 -6.27
CA GLN A 83 32.12 -1.72 -5.28
C GLN A 83 33.49 -2.35 -5.45
N ASP A 84 34.39 -2.12 -4.50
CA ASP A 84 35.78 -2.51 -4.69
C ASP A 84 35.96 -3.99 -5.05
N HIS A 85 35.13 -4.87 -4.47
CA HIS A 85 35.22 -6.30 -4.82
C HIS A 85 34.80 -6.61 -6.26
N ALA A 86 33.89 -5.83 -6.81
CA ALA A 86 33.57 -5.95 -8.24
C ALA A 86 34.73 -5.46 -9.10
N ALA A 87 35.24 -4.27 -8.79
CA ALA A 87 36.40 -3.74 -9.51
C ALA A 87 37.51 -4.77 -9.54
N ALA A 88 37.78 -5.36 -8.37
CA ALA A 88 38.87 -6.32 -8.24
C ALA A 88 38.67 -7.53 -9.15
N ALA A 89 37.48 -8.10 -9.11
CA ALA A 89 37.19 -9.30 -9.90
C ALA A 89 37.43 -9.04 -11.37
N ILE A 90 37.02 -7.85 -11.82
CA ILE A 90 37.18 -7.48 -13.22
C ILE A 90 38.65 -7.30 -13.58
N ALA A 91 39.37 -6.62 -12.70
CA ALA A 91 40.81 -6.40 -12.89
C ALA A 91 41.53 -7.74 -12.97
N ALA A 92 41.08 -8.70 -12.17
CA ALA A 92 41.73 -9.99 -12.14
C ALA A 92 41.60 -10.73 -13.46
N THR A 93 40.61 -10.38 -14.26
CA THR A 93 40.46 -11.03 -15.55
C THR A 93 41.47 -10.50 -16.57
N GLY A 94 42.11 -9.37 -16.25
CA GLY A 94 43.01 -8.72 -17.20
C GLY A 94 42.40 -7.53 -17.91
N THR A 95 41.10 -7.34 -17.71
CA THR A 95 40.43 -6.14 -18.20
C THR A 95 40.84 -4.91 -17.41
N PRO A 96 41.34 -3.87 -18.11
CA PRO A 96 41.79 -2.64 -17.46
C PRO A 96 40.64 -1.89 -16.81
N VAL A 97 40.69 -1.71 -15.50
CA VAL A 97 39.66 -0.97 -14.78
C VAL A 97 40.29 0.06 -13.84
N PHE A 98 39.65 1.21 -13.72
CA PHE A 98 40.19 2.28 -12.90
C PHE A 98 39.06 2.81 -12.03
N ALA A 99 38.93 2.28 -10.83
CA ALA A 99 37.75 2.58 -10.03
C ALA A 99 37.94 2.19 -8.59
N VAL A 100 37.80 3.18 -7.72
CA VAL A 100 37.99 3.01 -6.32
C VAL A 100 36.84 3.71 -5.63
N LYS A 101 36.22 3.04 -4.67
CA LYS A 101 35.21 3.71 -3.86
C LYS A 101 35.90 4.76 -3.00
N GLY A 102 35.46 6.00 -3.11
CA GLY A 102 36.08 7.11 -2.40
C GLY A 102 37.25 7.79 -3.12
N GLU A 103 37.29 7.71 -4.44
CA GLU A 103 38.32 8.41 -5.22
C GLU A 103 38.18 9.93 -5.10
N THR A 104 39.28 10.68 -5.31
CA THR A 104 39.20 12.14 -5.37
C THR A 104 38.76 12.61 -6.75
N LEU A 105 38.37 13.88 -6.87
CA LEU A 105 37.97 14.42 -8.15
C LEU A 105 39.10 14.30 -9.15
N GLU A 106 40.30 14.67 -8.72
CA GLU A 106 41.48 14.54 -9.56
C GLU A 106 41.64 13.10 -10.05
N GLU A 107 41.50 12.15 -9.12
CA GLU A 107 41.60 10.73 -9.49
C GLU A 107 40.51 10.33 -10.49
N TYR A 108 39.28 10.74 -10.22
CA TYR A 108 38.18 10.48 -11.14
C TYR A 108 38.53 10.83 -12.58
N TRP A 109 39.03 12.05 -12.78
CA TRP A 109 39.28 12.51 -14.14
C TRP A 109 40.53 11.91 -14.76
N THR A 110 41.47 11.49 -13.92
CA THR A 110 42.61 10.72 -14.39
C THR A 110 42.13 9.39 -14.93
N TYR A 111 41.18 8.77 -14.21
CA TYR A 111 40.63 7.49 -14.64
C TYR A 111 39.76 7.60 -15.89
N THR A 112 38.95 8.65 -15.99
CA THR A 112 38.17 8.86 -17.23
C THR A 112 39.05 8.95 -18.49
N ASP A 113 40.17 9.66 -18.37
CA ASP A 113 41.18 9.75 -19.42
C ASP A 113 41.82 8.38 -19.68
N GLN A 114 42.09 7.62 -18.63
CA GLN A 114 42.69 6.30 -18.81
C GLN A 114 41.91 5.32 -19.70
N ILE A 115 40.59 5.44 -19.73
CA ILE A 115 39.79 4.47 -20.47
C ILE A 115 39.97 4.62 -21.97
N PHE A 116 40.58 5.74 -22.37
CA PHE A 116 40.86 6.01 -23.77
C PHE A 116 42.31 5.76 -24.16
N GLN A 117 43.17 5.39 -23.20
CA GLN A 117 44.58 5.18 -23.48
C GLN A 117 44.92 3.71 -23.70
N TRP A 118 44.78 3.24 -24.93
CA TRP A 118 45.06 1.84 -25.24
C TRP A 118 46.54 1.58 -25.39
N PRO A 119 47.00 0.40 -24.97
CA PRO A 119 48.43 0.08 -25.09
C PRO A 119 49.02 0.27 -26.51
N ASP A 120 48.28 -0.09 -27.56
CA ASP A 120 48.82 0.04 -28.91
C ASP A 120 48.82 1.48 -29.44
N GLY A 121 48.33 2.41 -28.64
CA GLY A 121 48.35 3.81 -29.01
C GLY A 121 47.21 4.26 -29.92
N GLU A 122 46.41 3.31 -30.40
CA GLU A 122 45.24 3.64 -31.22
C GLU A 122 44.02 3.97 -30.35
N PRO A 123 43.07 4.72 -30.92
CA PRO A 123 41.92 5.21 -30.14
C PRO A 123 40.80 4.18 -29.95
N SER A 124 39.86 4.51 -29.07
CA SER A 124 38.70 3.66 -28.83
C SER A 124 37.80 3.85 -30.02
N ASN A 125 36.85 2.94 -30.22
CA ASN A 125 35.86 3.13 -31.29
C ASN A 125 34.39 3.15 -30.83
N MET A 126 34.17 2.91 -29.54
CA MET A 126 32.84 3.02 -28.95
C MET A 126 32.93 3.60 -27.55
N ILE A 127 31.86 4.22 -27.11
CA ILE A 127 31.73 4.69 -25.73
C ILE A 127 30.44 4.17 -25.12
N LEU A 128 30.54 3.65 -23.91
CA LEU A 128 29.36 3.24 -23.18
C LEU A 128 29.36 4.14 -21.98
N ASP A 129 28.37 5.03 -21.93
CA ASP A 129 28.42 6.17 -21.03
C ASP A 129 27.21 6.20 -20.11
N ASP A 130 27.41 6.73 -18.92
CA ASP A 130 26.34 6.94 -17.94
C ASP A 130 26.54 8.33 -17.34
N GLY A 131 25.79 9.30 -17.84
CA GLY A 131 25.80 10.65 -17.33
C GLY A 131 26.52 11.61 -18.27
N GLY A 132 27.23 11.06 -19.25
CA GLY A 132 27.83 11.87 -20.30
C GLY A 132 29.25 12.38 -20.08
N ASP A 133 29.88 12.03 -18.96
CA ASP A 133 31.20 12.55 -18.62
C ASP A 133 32.27 12.15 -19.63
N ALA A 134 32.35 10.87 -19.96
CA ALA A 134 33.31 10.40 -20.96
C ALA A 134 33.08 11.02 -22.36
N THR A 135 31.83 11.20 -22.73
CA THR A 135 31.51 11.82 -24.01
C THR A 135 31.93 13.29 -23.99
N MET A 136 31.65 13.96 -22.89
CA MET A 136 31.96 15.37 -22.79
C MET A 136 33.47 15.61 -22.80
N TYR A 137 34.18 14.74 -22.08
CA TYR A 137 35.64 14.84 -22.01
C TYR A 137 36.26 14.88 -23.40
N ILE A 138 35.86 13.94 -24.26
CA ILE A 138 36.39 13.89 -25.62
C ILE A 138 35.93 15.08 -26.43
N LEU A 139 34.67 15.43 -26.30
CA LEU A 139 34.13 16.49 -27.13
C LEU A 139 34.68 17.86 -26.76
N ILE A 140 34.73 18.17 -25.48
CA ILE A 140 35.30 19.44 -25.03
C ILE A 140 36.80 19.52 -25.30
N GLY A 141 37.50 18.41 -25.09
CA GLY A 141 38.91 18.33 -25.40
C GLY A 141 39.21 18.59 -26.87
N ALA A 142 38.39 18.05 -27.77
CA ALA A 142 38.63 18.22 -29.19
C ALA A 142 38.36 19.63 -29.65
N ARG A 143 37.44 20.31 -28.98
CA ARG A 143 37.18 21.70 -29.33
C ARG A 143 38.29 22.61 -28.85
N ALA A 144 38.79 22.36 -27.66
CA ALA A 144 39.95 23.07 -27.13
C ALA A 144 41.13 22.93 -28.07
N GLU A 145 41.37 21.70 -28.54
CA GLU A 145 42.45 21.43 -29.48
C GLU A 145 42.27 22.20 -30.77
N ALA A 146 41.02 22.41 -31.18
CA ALA A 146 40.72 23.14 -32.40
C ALA A 146 40.72 24.64 -32.11
N GLY A 147 41.10 24.99 -30.88
CA GLY A 147 41.38 26.38 -30.56
C GLY A 147 40.25 27.13 -29.87
N GLU A 148 39.12 26.46 -29.70
CA GLU A 148 37.99 27.09 -29.05
C GLU A 148 38.25 27.36 -27.58
N ASP A 149 37.76 28.48 -27.08
CA ASP A 149 38.01 28.84 -25.70
C ASP A 149 37.01 28.18 -24.77
N VAL A 150 37.24 26.91 -24.47
CA VAL A 150 36.27 26.16 -23.69
C VAL A 150 36.80 25.72 -22.33
N LEU A 151 37.98 26.20 -21.95
CA LEU A 151 38.61 25.77 -20.70
C LEU A 151 38.82 26.92 -19.72
N SER A 152 38.01 27.97 -19.84
CA SER A 152 38.14 29.14 -19.00
CA SER A 152 38.14 29.14 -18.98
C SER A 152 36.98 29.25 -18.00
N ASN A 153 37.02 30.26 -17.15
CA ASN A 153 35.96 30.51 -16.17
C ASN A 153 35.27 29.23 -15.69
N PRO A 154 36.01 28.35 -15.00
CA PRO A 154 35.45 27.13 -14.42
C PRO A 154 34.46 27.43 -13.30
N GLN A 155 33.30 26.79 -13.36
CA GLN A 155 32.15 27.16 -12.54
C GLN A 155 32.03 26.34 -11.26
N SER A 156 32.78 25.25 -11.20
CA SER A 156 32.88 24.42 -10.00
C SER A 156 34.29 23.91 -9.84
N GLU A 157 34.56 23.35 -8.67
CA GLU A 157 35.83 22.71 -8.37
C GLU A 157 36.01 21.53 -9.31
N GLU A 158 34.92 20.81 -9.54
CA GLU A 158 35.00 19.65 -10.39
C GLU A 158 35.32 20.09 -11.82
N GLU A 159 34.68 21.15 -12.27
CA GLU A 159 34.95 21.68 -13.59
C GLU A 159 36.43 22.09 -13.75
N GLU A 160 37.01 22.61 -12.68
CA GLU A 160 38.39 23.05 -12.72
C GLU A 160 39.32 21.86 -12.98
N VAL A 161 39.05 20.77 -12.28
CA VAL A 161 39.84 19.56 -12.40
C VAL A 161 39.72 19.00 -13.81
N LEU A 162 38.53 19.08 -14.38
CA LEU A 162 38.30 18.61 -15.73
C LEU A 162 39.14 19.41 -16.72
N PHE A 163 39.16 20.72 -16.54
CA PHE A 163 39.94 21.57 -17.41
C PHE A 163 41.43 21.25 -17.31
N ALA A 164 41.92 21.05 -16.08
CA ALA A 164 43.32 20.72 -15.88
C ALA A 164 43.67 19.35 -16.45
N GLN A 165 42.73 18.42 -16.40
CA GLN A 165 42.97 17.12 -16.98
C GLN A 165 43.05 17.21 -18.48
N ILE A 166 42.17 17.99 -19.08
CA ILE A 166 42.22 18.20 -20.51
C ILE A 166 43.55 18.85 -20.91
N LYS A 167 43.96 19.88 -20.17
CA LYS A 167 45.21 20.56 -20.50
C LYS A 167 46.40 19.62 -20.39
N LYS A 168 46.38 18.77 -19.37
CA LYS A 168 47.42 17.79 -19.12
C LYS A 168 47.52 16.80 -20.28
N ARG A 169 46.39 16.36 -20.80
CA ARG A 169 46.36 15.41 -21.91
C ARG A 169 46.86 16.02 -23.22
N MET A 170 46.42 17.24 -23.51
CA MET A 170 46.83 17.93 -24.72
C MET A 170 48.34 18.09 -24.73
N ALA A 171 48.92 18.37 -23.57
CA ALA A 171 50.35 18.53 -23.47
C ALA A 171 51.09 17.22 -23.67
N ALA A 172 50.58 16.14 -23.10
CA ALA A 172 51.29 14.87 -23.22
C ALA A 172 51.26 14.32 -24.64
N THR A 173 50.07 14.25 -25.21
CA THR A 173 49.89 13.67 -26.55
C THR A 173 49.04 14.57 -27.46
N PRO A 174 49.66 15.62 -28.02
CA PRO A 174 48.90 16.59 -28.82
C PRO A 174 48.12 15.90 -29.94
N GLY A 175 46.89 16.34 -30.14
CA GLY A 175 46.06 15.78 -31.19
C GLY A 175 45.21 14.61 -30.76
N PHE A 176 45.35 14.17 -29.52
CA PHE A 176 44.60 13.02 -29.05
C PHE A 176 43.09 13.21 -29.14
N PHE A 177 42.58 14.35 -28.72
CA PHE A 177 41.15 14.57 -28.64
C PHE A 177 40.52 14.53 -30.05
N THR A 178 41.15 15.25 -30.97
CA THR A 178 40.66 15.35 -32.33
C THR A 178 40.57 13.94 -32.98
N LYS A 179 41.63 13.16 -32.82
CA LYS A 179 41.69 11.81 -33.37
C LYS A 179 40.72 10.84 -32.69
N GLN A 180 40.56 10.97 -31.37
CA GLN A 180 39.64 10.10 -30.64
C GLN A 180 38.20 10.42 -30.98
N ARG A 181 37.89 11.72 -31.05
CA ARG A 181 36.55 12.13 -31.46
C ARG A 181 36.16 11.48 -32.79
N ALA A 182 37.06 11.54 -33.76
CA ALA A 182 36.78 11.02 -35.10
C ALA A 182 36.72 9.51 -35.15
N ALA A 183 37.32 8.86 -34.16
CA ALA A 183 37.41 7.41 -34.16
C ALA A 183 36.17 6.74 -33.56
N ILE A 184 35.35 7.51 -32.85
CA ILE A 184 34.16 6.97 -32.21
C ILE A 184 33.03 6.61 -33.22
N LYS A 185 32.68 5.34 -33.30
CA LYS A 185 31.59 4.96 -34.18
C LYS A 185 30.26 5.43 -33.61
N GLY A 186 30.10 5.29 -32.29
CA GLY A 186 28.89 5.72 -31.63
C GLY A 186 28.97 5.65 -30.12
N VAL A 187 28.02 6.31 -29.44
CA VAL A 187 27.92 6.23 -27.99
C VAL A 187 26.55 5.73 -27.51
N THR A 188 26.54 4.89 -26.50
CA THR A 188 25.27 4.55 -25.86
C THR A 188 25.20 5.21 -24.46
N GLU A 189 24.09 5.88 -24.18
CA GLU A 189 23.93 6.67 -22.96
C GLU A 189 22.82 6.12 -22.02
N GLU A 190 23.19 5.83 -20.78
CA GLU A 190 22.35 5.07 -19.84
C GLU A 190 21.24 5.86 -19.16
N THR A 191 21.53 7.10 -18.80
CA THR A 191 20.68 7.79 -17.84
C THR A 191 20.12 9.15 -18.30
N THR A 192 19.00 9.52 -17.69
CA THR A 192 18.26 10.72 -18.00
C THR A 192 19.15 11.93 -18.15
N THR A 193 19.97 12.18 -17.14
CA THR A 193 20.84 13.33 -17.16
C THR A 193 21.83 13.27 -18.32
N GLY A 194 22.32 12.09 -18.66
CA GLY A 194 23.23 11.93 -19.79
C GLY A 194 22.57 12.22 -21.14
N VAL A 195 21.34 11.73 -21.28
CA VAL A 195 20.57 11.89 -22.50
C VAL A 195 20.25 13.36 -22.71
N ASN A 196 19.80 14.03 -21.66
CA ASN A 196 19.58 15.46 -21.70
C ASN A 196 20.78 16.16 -22.33
N ARG A 197 21.98 15.75 -21.94
CA ARG A 197 23.21 16.34 -22.45
C ARG A 197 23.39 16.10 -23.94
N LEU A 198 23.03 14.90 -24.37
CA LEU A 198 23.10 14.54 -25.77
C LEU A 198 22.18 15.38 -26.62
N TYR A 199 20.98 15.65 -26.11
CA TYR A 199 20.00 16.44 -26.85
C TYR A 199 20.51 17.87 -27.00
N GLN A 200 21.14 18.39 -25.95
CA GLN A 200 21.75 19.71 -26.03
C GLN A 200 22.82 19.78 -27.13
N LEU A 201 23.65 18.73 -27.23
CA LEU A 201 24.66 18.64 -28.27
C LEU A 201 24.05 18.60 -29.66
N GLN A 202 23.07 17.72 -29.88
CA GLN A 202 22.40 17.59 -31.18
C GLN A 202 21.79 18.91 -31.60
N LYS A 203 21.05 19.55 -30.70
CA LYS A 203 20.42 20.83 -31.01
C LYS A 203 21.44 21.88 -31.46
N LYS A 204 22.63 21.88 -30.87
CA LYS A 204 23.66 22.85 -31.26
C LYS A 204 24.52 22.42 -32.45
N GLY A 205 24.27 21.22 -32.98
CA GLY A 205 25.12 20.66 -34.04
C GLY A 205 26.49 20.16 -33.56
N LEU A 206 26.57 19.79 -32.29
CA LEU A 206 27.84 19.40 -31.67
C LEU A 206 27.94 17.91 -31.38
N LEU A 207 27.01 17.15 -31.92
CA LEU A 207 27.07 15.71 -31.80
C LEU A 207 27.59 15.20 -33.12
N PRO A 208 28.78 14.60 -33.12
CA PRO A 208 29.51 14.16 -34.32
C PRO A 208 29.33 12.70 -34.64
N PHE A 209 28.55 11.98 -33.85
CA PHE A 209 28.34 10.58 -34.11
C PHE A 209 27.01 10.20 -33.51
N PRO A 210 26.46 9.07 -33.95
CA PRO A 210 25.17 8.56 -33.46
C PRO A 210 25.19 8.14 -31.99
N ALA A 211 24.08 8.37 -31.32
CA ALA A 211 23.93 7.98 -29.93
C ALA A 211 22.64 7.19 -29.75
N ILE A 212 22.71 6.12 -28.97
CA ILE A 212 21.49 5.46 -28.57
C ILE A 212 21.11 5.88 -27.15
N ASN A 213 19.96 6.54 -27.05
CA ASN A 213 19.37 6.87 -25.77
C ASN A 213 18.80 5.60 -25.13
N VAL A 214 19.60 4.92 -24.31
CA VAL A 214 19.18 3.67 -23.66
C VAL A 214 18.21 3.93 -22.52
N ASN A 215 18.25 5.13 -21.95
CA ASN A 215 17.37 5.49 -20.86
C ASN A 215 15.90 5.41 -21.24
N ASP A 216 15.59 5.77 -22.49
CA ASP A 216 14.19 5.86 -22.87
C ASP A 216 13.59 4.61 -23.49
N SER A 217 14.32 3.50 -23.45
CA SER A 217 13.68 2.18 -23.60
C SER A 217 12.67 2.04 -22.48
N VAL A 218 11.51 1.48 -22.80
CA VAL A 218 10.49 1.36 -21.79
C VAL A 218 11.00 0.45 -20.70
N THR A 219 11.71 -0.60 -21.10
CA THR A 219 12.27 -1.55 -20.16
C THR A 219 13.48 -1.00 -19.41
N LYS A 220 13.77 0.29 -19.59
CA LYS A 220 14.78 0.92 -18.76
C LYS A 220 14.12 1.99 -17.89
N SER A 221 13.57 3.03 -18.51
CA SER A 221 13.00 4.16 -17.79
C SER A 221 11.88 3.76 -16.86
N LYS A 222 11.06 2.80 -17.28
CA LYS A 222 9.94 2.37 -16.45
C LYS A 222 10.28 1.20 -15.53
N PHE A 223 11.56 0.87 -15.41
CA PHE A 223 11.95 -0.23 -14.52
C PHE A 223 13.10 0.17 -13.59
N ASP A 224 14.32 0.16 -14.14
CA ASP A 224 15.46 0.84 -13.53
C ASP A 224 15.07 2.10 -12.74
N ASN A 225 14.66 3.16 -13.43
CA ASN A 225 14.50 4.46 -12.77
C ASN A 225 13.48 4.45 -11.67
N LYS A 226 12.56 3.50 -11.76
CA LYS A 226 11.37 3.47 -10.93
C LYS A 226 11.48 2.38 -9.85
N TYR A 227 11.45 1.12 -10.28
CA TYR A 227 11.59 -0.02 -9.37
C TYR A 227 12.97 -0.04 -8.74
N GLY A 228 13.98 0.31 -9.53
CA GLY A 228 15.35 0.37 -9.05
C GLY A 228 15.43 1.25 -7.84
N CYS A 229 14.89 2.45 -7.97
CA CYS A 229 14.98 3.41 -6.88
C CYS A 229 14.09 2.95 -5.76
N LYS A 230 13.01 2.26 -6.10
CA LYS A 230 12.14 1.72 -5.08
C LYS A 230 12.96 0.82 -4.16
N GLU A 231 13.75 -0.06 -4.75
CA GLU A 231 14.56 -1.01 -4.01
C GLU A 231 15.71 -0.32 -3.24
N SER A 232 16.42 0.60 -3.91
CA SER A 232 17.71 1.06 -3.43
C SER A 232 17.78 2.39 -2.66
N LEU A 233 16.84 3.31 -2.88
CA LEU A 233 16.78 4.51 -2.06
C LEU A 233 16.77 4.24 -0.52
N VAL A 234 15.70 3.61 -0.03
CA VAL A 234 15.56 3.31 1.39
C VAL A 234 16.77 2.45 1.89
N ASP A 235 17.22 1.53 1.03
CA ASP A 235 18.42 0.75 1.30
C ASP A 235 19.55 1.70 1.72
N GLY A 236 19.84 2.65 0.85
CA GLY A 236 20.94 3.55 1.12
C GLY A 236 20.74 4.38 2.37
N ILE A 237 19.50 4.82 2.60
CA ILE A 237 19.20 5.59 3.82
C ILE A 237 19.28 4.73 5.09
N ARG A 238 18.96 3.45 4.99
CA ARG A 238 19.06 2.59 6.17
C ARG A 238 20.51 2.30 6.55
N ARG A 239 21.33 1.95 5.56
CA ARG A 239 22.71 1.60 5.82
C ARG A 239 23.50 2.82 6.31
N GLY A 240 23.10 3.99 5.87
CA GLY A 240 23.79 5.20 6.25
C GLY A 240 23.44 5.63 7.66
N THR A 241 22.17 5.47 8.03
CA THR A 241 21.66 6.13 9.23
C THR A 241 20.93 5.20 10.23
N ASP A 242 20.51 4.03 9.77
CA ASP A 242 19.72 3.10 10.57
C ASP A 242 18.49 3.76 11.20
N VAL A 243 17.97 4.80 10.55
CA VAL A 243 16.83 5.55 11.07
C VAL A 243 15.53 4.73 10.95
N MET A 244 14.56 5.03 11.80
CA MET A 244 13.24 4.38 11.79
C MET A 244 12.38 5.03 10.74
N MET A 245 11.84 4.26 9.80
CA MET A 245 11.02 4.89 8.75
C MET A 245 9.62 5.23 9.24
N ALA A 246 8.99 4.28 9.92
CA ALA A 246 7.65 4.46 10.46
C ALA A 246 7.59 5.70 11.35
N GLY A 247 6.54 6.50 11.20
CA GLY A 247 6.40 7.69 12.02
C GLY A 247 7.15 8.91 11.50
N LYS A 248 7.97 8.75 10.47
CA LYS A 248 8.70 9.89 9.94
C LYS A 248 8.10 10.49 8.67
N VAL A 249 8.37 11.77 8.46
CA VAL A 249 7.94 12.48 7.27
C VAL A 249 9.11 12.72 6.32
N ALA A 250 8.98 12.21 5.10
CA ALA A 250 10.03 12.33 4.09
C ALA A 250 9.52 13.22 2.94
N VAL A 251 10.28 14.26 2.62
CA VAL A 251 9.94 15.10 1.47
C VAL A 251 10.77 14.68 0.25
N VAL A 252 10.08 14.22 -0.79
CA VAL A 252 10.72 13.85 -2.05
C VAL A 252 10.61 14.98 -3.06
N CYS A 253 11.74 15.52 -3.48
CA CYS A 253 11.74 16.60 -4.47
C CYS A 253 11.76 16.05 -5.88
N GLY A 254 10.68 16.31 -6.62
CA GLY A 254 10.50 15.74 -7.94
C GLY A 254 9.64 14.49 -8.01
N TYR A 255 8.87 14.35 -9.07
CA TYR A 255 8.00 13.20 -9.19
C TYR A 255 8.01 12.64 -10.61
N GLY A 256 9.19 12.50 -11.17
CA GLY A 256 9.35 11.86 -12.46
C GLY A 256 9.53 10.38 -12.21
N ASP A 257 10.28 9.70 -13.08
CA ASP A 257 10.44 8.27 -12.89
C ASP A 257 11.11 7.94 -11.54
N VAL A 258 12.19 8.66 -11.23
CA VAL A 258 12.97 8.42 -10.03
C VAL A 258 12.22 8.87 -8.80
N GLY A 259 11.61 10.05 -8.87
CA GLY A 259 10.84 10.56 -7.75
C GLY A 259 9.68 9.63 -7.43
N LYS A 260 9.11 9.02 -8.46
CA LYS A 260 7.99 8.11 -8.26
C LYS A 260 8.49 6.86 -7.57
N GLY A 261 9.59 6.30 -8.06
CA GLY A 261 10.18 5.15 -7.42
C GLY A 261 10.53 5.44 -5.98
N SER A 262 11.07 6.64 -5.74
CA SER A 262 11.56 7.03 -4.43
C SER A 262 10.42 7.13 -3.43
N ALA A 263 9.29 7.66 -3.87
CA ALA A 263 8.13 7.78 -3.01
C ALA A 263 7.63 6.40 -2.60
N GLN A 264 7.57 5.50 -3.57
CA GLN A 264 7.20 4.13 -3.25
C GLN A 264 8.19 3.51 -2.25
N SER A 265 9.47 3.81 -2.42
CA SER A 265 10.52 3.31 -1.54
C SER A 265 10.25 3.68 -0.09
N LEU A 266 9.95 4.95 0.14
CA LEU A 266 9.78 5.47 1.48
C LEU A 266 8.44 5.07 2.08
N ALA A 267 7.37 5.18 1.27
CA ALA A 267 6.03 4.82 1.71
C ALA A 267 5.95 3.33 2.04
N GLY A 268 6.51 2.49 1.18
CA GLY A 268 6.49 1.05 1.41
C GLY A 268 7.29 0.62 2.62
N ALA A 269 8.17 1.50 3.10
CA ALA A 269 8.97 1.24 4.29
C ALA A 269 8.34 1.85 5.54
N GLY A 270 7.28 2.63 5.36
CA GLY A 270 6.54 3.16 6.49
C GLY A 270 6.52 4.67 6.63
N ALA A 271 7.39 5.35 5.90
CA ALA A 271 7.49 6.81 6.03
C ALA A 271 6.26 7.43 5.43
N ARG A 272 5.89 8.60 5.92
CA ARG A 272 4.82 9.34 5.24
C ARG A 272 5.43 10.33 4.27
N VAL A 273 5.08 10.19 2.99
CA VAL A 273 5.71 10.96 1.91
C VAL A 273 4.95 12.21 1.48
N LYS A 274 5.65 13.34 1.48
CA LYS A 274 5.21 14.56 0.81
C LYS A 274 6.10 14.77 -0.42
N VAL A 275 5.54 15.36 -1.47
CA VAL A 275 6.20 15.49 -2.79
C VAL A 275 6.19 16.91 -3.32
N THR A 276 7.31 17.33 -3.91
CA THR A 276 7.39 18.62 -4.62
C THR A 276 7.49 18.41 -6.14
N GLU A 277 7.00 19.39 -6.90
CA GLU A 277 7.09 19.33 -8.35
C GLU A 277 6.92 20.71 -8.98
N VAL A 278 7.50 20.86 -10.17
CA VAL A 278 7.35 22.05 -11.02
C VAL A 278 6.43 21.75 -12.18
N ASP A 279 6.28 20.47 -12.48
CA ASP A 279 5.44 20.01 -13.59
C ASP A 279 4.05 19.69 -13.08
N PRO A 280 3.03 20.45 -13.52
CA PRO A 280 1.67 20.26 -13.00
C PRO A 280 1.12 18.83 -13.21
N ILE A 281 1.49 18.18 -14.30
CA ILE A 281 0.96 16.85 -14.57
C ILE A 281 1.52 15.87 -13.55
N CYS A 282 2.84 15.94 -13.35
CA CYS A 282 3.53 15.09 -12.41
C CYS A 282 3.01 15.32 -10.99
N ALA A 283 2.77 16.58 -10.64
CA ALA A 283 2.19 16.93 -9.36
C ALA A 283 0.82 16.30 -9.19
N LEU A 284 -0.01 16.37 -10.22
CA LEU A 284 -1.33 15.80 -10.14
C LEU A 284 -1.20 14.31 -9.95
N GLN A 285 -0.21 13.68 -10.59
CA GLN A 285 -0.03 12.25 -10.38
C GLN A 285 0.28 11.97 -8.90
N ALA A 286 1.20 12.75 -8.33
CA ALA A 286 1.54 12.61 -6.91
C ALA A 286 0.30 12.68 -6.06
N ALA A 287 -0.52 13.71 -6.28
CA ALA A 287 -1.71 13.85 -5.46
C ALA A 287 -2.65 12.66 -5.63
N MET A 288 -2.82 12.21 -6.87
CA MET A 288 -3.66 11.05 -7.14
C MET A 288 -3.13 9.77 -6.51
N ASP A 289 -1.81 9.70 -6.31
CA ASP A 289 -1.18 8.53 -5.73
C ASP A 289 -1.26 8.56 -4.20
N GLY A 290 -1.81 9.65 -3.68
CA GLY A 290 -2.13 9.77 -2.26
C GLY A 290 -1.18 10.62 -1.43
N PHE A 291 -0.30 11.34 -2.12
CA PHE A 291 0.75 12.08 -1.44
C PHE A 291 0.39 13.55 -1.35
N GLU A 292 0.71 14.15 -0.21
CA GLU A 292 0.56 15.59 -0.04
C GLU A 292 1.62 16.29 -0.92
N VAL A 293 1.18 17.21 -1.78
CA VAL A 293 2.11 17.94 -2.65
C VAL A 293 2.43 19.34 -2.11
N VAL A 294 3.70 19.57 -1.80
CA VAL A 294 4.11 20.78 -1.08
C VAL A 294 5.29 21.46 -1.77
N THR A 295 5.63 22.67 -1.33
CA THR A 295 6.91 23.27 -1.65
C THR A 295 7.88 22.98 -0.52
N LEU A 296 9.16 22.84 -0.85
CA LEU A 296 10.18 22.58 0.14
C LEU A 296 10.31 23.80 1.04
N ASP A 297 10.11 25.00 0.48
CA ASP A 297 10.04 26.22 1.30
C ASP A 297 9.12 26.01 2.50
N ASP A 298 7.95 25.43 2.25
CA ASP A 298 6.97 25.23 3.30
C ASP A 298 7.26 24.02 4.20
N ALA A 299 7.74 22.93 3.61
CA ALA A 299 7.84 21.66 4.31
C ALA A 299 9.18 21.42 4.97
N ALA A 300 10.17 22.22 4.57
CA ALA A 300 11.53 22.00 5.00
C ALA A 300 11.67 21.91 6.52
N SER A 301 10.96 22.76 7.25
CA SER A 301 11.23 22.94 8.66
C SER A 301 10.75 21.79 9.54
N THR A 302 9.85 20.96 9.00
CA THR A 302 9.28 19.83 9.77
C THR A 302 9.60 18.44 9.21
N ALA A 303 10.35 18.37 8.11
CA ALA A 303 10.70 17.08 7.53
C ALA A 303 11.73 16.34 8.37
N ASP A 304 11.76 15.02 8.26
CA ASP A 304 12.74 14.22 8.99
C ASP A 304 13.79 13.75 8.00
N ILE A 305 13.34 13.53 6.76
CA ILE A 305 14.16 13.10 5.64
C ILE A 305 13.83 14.01 4.43
N VAL A 306 14.84 14.46 3.70
CA VAL A 306 14.62 15.22 2.46
C VAL A 306 15.54 14.68 1.37
N VAL A 307 14.94 14.31 0.26
CA VAL A 307 15.64 13.64 -0.82
C VAL A 307 15.23 14.28 -2.16
N THR A 308 16.24 14.57 -2.97
CA THR A 308 16.02 15.22 -4.26
C THR A 308 16.22 14.22 -5.41
N THR A 309 15.38 14.30 -6.44
CA THR A 309 15.36 13.30 -7.51
C THR A 309 15.20 13.96 -8.87
N THR A 310 15.65 15.20 -9.01
CA THR A 310 15.24 16.03 -10.15
C THR A 310 16.14 16.02 -11.39
N GLY A 311 17.45 15.84 -11.20
CA GLY A 311 18.38 16.01 -12.31
C GLY A 311 18.64 17.49 -12.59
N ASN A 312 17.99 18.34 -11.81
CA ASN A 312 18.14 19.79 -11.88
C ASN A 312 19.20 20.22 -10.85
N LYS A 313 19.28 21.51 -10.55
CA LYS A 313 20.26 22.01 -9.60
C LYS A 313 19.67 23.02 -8.65
N ASP A 314 20.33 23.22 -7.51
CA ASP A 314 19.89 24.17 -6.52
C ASP A 314 18.46 23.86 -6.06
N VAL A 315 18.15 22.57 -5.90
CA VAL A 315 16.84 22.15 -5.41
C VAL A 315 16.76 22.28 -3.90
N ILE A 316 17.75 21.75 -3.20
CA ILE A 316 17.85 21.94 -1.75
C ILE A 316 18.91 22.97 -1.41
N THR A 317 18.51 24.18 -1.04
CA THR A 317 19.46 25.25 -0.86
C THR A 317 19.89 25.50 0.56
N ILE A 318 20.89 26.37 0.69
CA ILE A 318 21.38 26.76 2.00
C ILE A 318 20.21 27.30 2.83
N ASP A 319 19.27 28.03 2.20
CA ASP A 319 18.13 28.57 2.95
CA ASP A 319 18.14 28.57 2.92
C ASP A 319 17.23 27.47 3.47
N HIS A 320 17.04 26.42 2.67
CA HIS A 320 16.25 25.27 3.12
C HIS A 320 16.98 24.59 4.27
N MET A 321 18.30 24.43 4.12
CA MET A 321 19.07 23.67 5.10
C MET A 321 19.11 24.41 6.44
N ARG A 322 19.11 25.73 6.39
CA ARG A 322 18.96 26.54 7.60
C ARG A 322 17.65 26.28 8.35
N LYS A 323 16.58 26.02 7.61
CA LYS A 323 15.26 25.86 8.22
C LYS A 323 15.05 24.47 8.78
N MET A 324 15.74 23.50 8.22
CA MET A 324 15.55 22.11 8.65
C MET A 324 15.78 21.94 10.13
N LYS A 325 15.18 20.90 10.72
CA LYS A 325 15.35 20.62 12.14
C LYS A 325 16.58 19.79 12.44
N ASP A 326 17.04 19.85 13.69
CA ASP A 326 18.17 19.04 14.15
C ASP A 326 18.03 17.56 13.80
N MET A 327 19.06 17.02 13.16
CA MET A 327 19.17 15.61 12.77
C MET A 327 18.36 15.22 11.52
N CYS A 328 17.73 16.20 10.87
CA CYS A 328 17.16 15.96 9.55
C CYS A 328 18.19 15.30 8.61
N ILE A 329 17.76 14.29 7.85
CA ILE A 329 18.62 13.57 6.93
C ILE A 329 18.45 14.13 5.50
N VAL A 330 19.57 14.41 4.84
CA VAL A 330 19.55 15.04 3.53
C VAL A 330 20.38 14.23 2.54
N GLY A 331 19.76 13.86 1.43
CA GLY A 331 20.42 13.09 0.39
C GLY A 331 19.87 13.39 -1.00
N ASN A 332 20.59 12.90 -2.00
CA ASN A 332 20.24 13.13 -3.40
C ASN A 332 20.40 11.84 -4.17
N ILE A 333 19.43 11.54 -5.02
CA ILE A 333 19.51 10.32 -5.82
C ILE A 333 19.44 10.62 -7.33
N GLY A 334 19.44 11.91 -7.68
CA GLY A 334 19.66 12.34 -9.06
C GLY A 334 21.12 12.17 -9.48
N HIS A 335 21.47 12.45 -10.73
CA HIS A 335 22.79 12.02 -11.21
C HIS A 335 23.99 12.81 -10.68
N PHE A 336 23.81 14.09 -10.35
CA PHE A 336 24.93 14.98 -10.00
C PHE A 336 24.73 15.59 -8.62
N ASP A 337 25.85 15.93 -7.97
CA ASP A 337 25.90 16.45 -6.58
C ASP A 337 25.58 17.95 -6.42
N ASN A 338 24.96 18.55 -7.43
CA ASN A 338 24.62 19.96 -7.32
C ASN A 338 23.14 20.26 -7.09
N GLU A 339 22.35 19.20 -6.97
CA GLU A 339 20.93 19.31 -6.60
C GLU A 339 20.86 19.92 -5.22
N ILE A 340 21.80 19.52 -4.37
CA ILE A 340 21.99 20.08 -3.03
C ILE A 340 23.17 21.06 -3.04
N GLN A 341 23.01 22.22 -2.40
CA GLN A 341 24.08 23.20 -2.31
C GLN A 341 25.12 22.78 -1.30
N VAL A 342 25.80 21.67 -1.60
CA VAL A 342 26.81 21.14 -0.70
C VAL A 342 27.94 22.13 -0.47
N ALA A 343 28.38 22.77 -1.55
CA ALA A 343 29.49 23.73 -1.47
C ALA A 343 29.23 24.84 -0.45
N ALA A 344 27.97 25.27 -0.36
CA ALA A 344 27.59 26.30 0.61
C ALA A 344 27.73 25.82 2.05
N LEU A 345 27.91 24.51 2.23
CA LEU A 345 28.09 23.93 3.56
C LEU A 345 29.55 23.82 3.98
N ARG A 346 30.46 24.07 3.04
CA ARG A 346 31.88 23.73 3.23
C ARG A 346 32.64 24.50 4.31
N ASN A 347 32.15 25.63 4.76
CA ASN A 347 32.83 26.38 5.80
C ASN A 347 32.23 26.09 7.17
N LEU A 348 31.25 25.21 7.21
CA LEU A 348 30.63 24.82 8.46
C LEU A 348 31.41 23.67 9.07
N LYS A 349 31.16 23.41 10.34
CA LYS A 349 31.82 22.33 11.04
C LYS A 349 31.26 21.00 10.55
N TRP A 350 32.10 20.19 9.91
CA TRP A 350 31.75 18.81 9.53
C TRP A 350 32.40 17.78 10.47
N THR A 351 31.63 16.79 10.88
CA THR A 351 32.17 15.62 11.59
C THR A 351 31.83 14.36 10.81
N ASN A 352 32.82 13.67 10.25
CA ASN A 352 32.55 12.38 9.65
C ASN A 352 32.11 11.32 10.66
N VAL A 353 30.99 10.67 10.37
CA VAL A 353 30.44 9.61 11.19
C VAL A 353 31.03 8.29 10.73
N LYS A 354 31.07 8.12 9.43
CA LYS A 354 31.60 6.91 8.83
C LYS A 354 31.54 7.16 7.33
N PRO A 355 32.06 6.24 6.52
CA PRO A 355 32.07 6.50 5.08
C PRO A 355 30.71 6.94 4.50
N GLN A 356 30.70 8.08 3.81
CA GLN A 356 29.54 8.63 3.12
C GLN A 356 28.45 9.07 4.09
N VAL A 357 28.83 9.28 5.34
CA VAL A 357 27.90 9.82 6.32
C VAL A 357 28.56 10.93 7.12
N ASP A 358 28.03 12.14 7.01
CA ASP A 358 28.61 13.28 7.68
C ASP A 358 27.58 14.06 8.48
N LEU A 359 27.99 14.49 9.67
CA LEU A 359 27.18 15.35 10.49
C LEU A 359 27.66 16.78 10.22
N ILE A 360 26.75 17.65 9.80
CA ILE A 360 27.11 19.04 9.50
C ILE A 360 26.40 19.99 10.45
N GLU A 361 27.18 20.81 11.13
CA GLU A 361 26.64 21.67 12.17
C GLU A 361 26.57 23.12 11.75
N PHE A 362 25.39 23.71 11.91
CA PHE A 362 25.20 25.13 11.66
C PHE A 362 25.61 25.96 12.87
N PRO A 363 25.71 27.28 12.67
CA PRO A 363 26.10 28.20 13.75
C PRO A 363 25.25 28.05 15.01
N ASP A 364 23.93 27.94 14.85
CA ASP A 364 23.04 27.82 15.99
C ASP A 364 23.07 26.44 16.66
N GLY A 365 23.94 25.55 16.21
CA GLY A 365 24.04 24.23 16.79
C GLY A 365 23.25 23.13 16.09
N LYS A 366 22.31 23.52 15.24
CA LYS A 366 21.52 22.51 14.53
C LYS A 366 22.38 21.72 13.58
N ARG A 367 22.23 20.40 13.65
CA ARG A 367 23.03 19.46 12.90
C ARG A 367 22.19 18.80 11.81
N LEU A 368 22.82 18.49 10.68
CA LEU A 368 22.19 17.74 9.60
C LEU A 368 23.00 16.50 9.31
N ILE A 369 22.33 15.45 8.89
CA ILE A 369 23.02 14.25 8.45
C ILE A 369 22.99 14.23 6.94
N LEU A 370 24.13 14.48 6.31
CA LEU A 370 24.24 14.49 4.86
C LEU A 370 24.77 13.15 4.36
N LEU A 371 24.13 12.59 3.34
CA LEU A 371 24.59 11.32 2.80
C LEU A 371 25.43 11.47 1.53
N SER A 372 26.51 10.70 1.48
CA SER A 372 27.40 10.62 0.33
C SER A 372 27.86 11.98 -0.23
N GLU A 373 28.03 12.97 0.65
CA GLU A 373 28.37 14.34 0.26
C GLU A 373 27.54 14.87 -0.92
N GLY A 374 26.29 14.43 -0.99
CA GLY A 374 25.37 14.99 -1.96
C GLY A 374 25.32 14.23 -3.26
N ARG A 375 26.08 13.16 -3.37
CA ARG A 375 26.06 12.32 -4.56
C ARG A 375 25.04 11.18 -4.45
N LEU A 376 24.81 10.43 -5.54
CA LEU A 376 23.74 9.43 -5.58
C LEU A 376 23.83 8.52 -4.38
N LEU A 377 22.95 8.70 -3.41
CA LEU A 377 23.09 7.99 -2.14
C LEU A 377 22.82 6.48 -2.25
N ASN A 378 22.02 6.05 -3.22
CA ASN A 378 21.78 4.60 -3.35
C ASN A 378 23.04 3.85 -3.68
N LEU A 379 23.84 4.42 -4.57
CA LEU A 379 25.10 3.81 -4.96
C LEU A 379 26.17 4.17 -3.96
N GLY A 380 25.99 5.31 -3.30
CA GLY A 380 27.01 5.81 -2.39
C GLY A 380 27.00 5.12 -1.04
N ASN A 381 25.81 5.02 -0.44
CA ASN A 381 25.65 4.47 0.90
C ASN A 381 25.26 3.01 0.90
N ALA A 382 24.80 2.50 -0.23
CA ALA A 382 24.58 1.07 -0.37
C ALA A 382 25.24 0.57 -1.65
N THR A 383 24.50 -0.14 -2.49
CA THR A 383 25.12 -0.77 -3.63
C THR A 383 24.31 -0.53 -4.91
N GLY A 384 23.40 0.43 -4.91
CA GLY A 384 22.61 0.68 -6.10
C GLY A 384 21.51 -0.34 -6.33
N HIS A 385 20.96 -0.31 -7.54
CA HIS A 385 19.81 -1.13 -7.91
C HIS A 385 20.25 -2.57 -7.93
N PRO A 386 19.36 -3.50 -7.53
CA PRO A 386 19.64 -4.95 -7.49
C PRO A 386 19.92 -5.52 -8.89
N SER A 387 20.62 -6.65 -8.97
CA SER A 387 20.99 -7.23 -10.25
C SER A 387 19.85 -7.39 -11.26
N PHE A 388 18.70 -7.86 -10.81
CA PHE A 388 17.61 -8.20 -11.73
C PHE A 388 17.21 -6.99 -12.59
N VAL A 389 16.92 -5.86 -11.93
CA VAL A 389 16.46 -4.67 -12.65
C VAL A 389 17.58 -4.14 -13.57
N MET A 390 18.83 -4.22 -13.12
CA MET A 390 19.97 -3.82 -13.96
C MET A 390 20.19 -4.74 -15.17
N SER A 391 19.75 -5.99 -15.06
CA SER A 391 19.81 -6.89 -16.19
C SER A 391 18.95 -6.36 -17.34
N ALA A 392 17.84 -5.74 -16.98
CA ALA A 392 16.97 -5.14 -17.98
C ALA A 392 17.69 -3.94 -18.63
N SER A 393 18.24 -3.07 -17.80
CA SER A 393 18.95 -1.89 -18.27
C SER A 393 20.13 -2.26 -19.16
N PHE A 394 20.89 -3.25 -18.70
CA PHE A 394 22.14 -3.61 -19.34
C PHE A 394 21.96 -4.43 -20.62
N THR A 395 20.84 -5.12 -20.74
CA THR A 395 20.51 -5.80 -21.98
C THR A 395 20.19 -4.79 -23.08
N ASN A 396 19.57 -3.69 -22.70
CA ASN A 396 19.40 -2.62 -23.67
C ASN A 396 20.77 -2.05 -24.08
N GLN A 397 21.68 -1.89 -23.13
CA GLN A 397 23.05 -1.44 -23.45
C GLN A 397 23.70 -2.34 -24.49
N VAL A 398 23.71 -3.64 -24.21
CA VAL A 398 24.28 -4.61 -25.14
C VAL A 398 23.69 -4.50 -26.56
N LEU A 399 22.36 -4.45 -26.67
CA LEU A 399 21.73 -4.30 -27.98
C LEU A 399 22.10 -2.99 -28.68
N GLY A 400 22.33 -1.94 -27.91
CA GLY A 400 22.66 -0.64 -28.45
C GLY A 400 24.09 -0.57 -28.97
N GLN A 401 25.00 -1.19 -28.22
CA GLN A 401 26.38 -1.36 -28.67
C GLN A 401 26.39 -2.17 -29.97
N ILE A 402 25.66 -3.28 -30.02
CA ILE A 402 25.62 -4.10 -31.22
C ILE A 402 25.13 -3.27 -32.41
N GLU A 403 24.09 -2.47 -32.19
CA GLU A 403 23.56 -1.62 -33.25
C GLU A 403 24.62 -0.67 -33.81
N LEU A 404 25.16 0.20 -32.96
CA LEU A 404 26.02 1.27 -33.42
C LEU A 404 27.39 0.79 -33.89
N PHE A 405 27.82 -0.38 -33.43
CA PHE A 405 29.07 -0.95 -33.91
C PHE A 405 28.89 -1.70 -35.23
N THR A 406 27.85 -2.54 -35.31
CA THR A 406 27.66 -3.40 -36.49
C THR A 406 26.90 -2.73 -37.63
N ARG A 407 26.12 -1.70 -37.32
CA ARG A 407 25.29 -1.04 -38.33
C ARG A 407 25.43 0.49 -38.31
N THR A 408 26.65 0.95 -38.16
CA THR A 408 26.93 2.36 -37.92
C THR A 408 26.39 3.23 -39.05
N ASP A 409 26.59 2.76 -40.27
CA ASP A 409 26.17 3.45 -41.49
C ASP A 409 24.65 3.64 -41.61
N ALA A 410 23.87 2.97 -40.77
CA ALA A 410 22.42 3.14 -40.82
C ALA A 410 21.94 4.24 -39.91
N TYR A 411 22.87 4.91 -39.23
CA TYR A 411 22.52 5.98 -38.30
C TYR A 411 23.18 7.29 -38.68
N LYS A 412 22.46 8.39 -38.46
CA LYS A 412 23.02 9.72 -38.65
C LYS A 412 23.51 10.24 -37.29
N ASN A 413 24.07 11.45 -37.24
CA ASN A 413 24.55 12.01 -35.99
C ASN A 413 23.39 12.54 -35.16
N GLU A 414 22.65 11.62 -34.54
CA GLU A 414 21.47 12.00 -33.80
C GLU A 414 21.25 11.06 -32.63
N VAL A 415 20.28 11.36 -31.80
CA VAL A 415 19.94 10.51 -30.67
C VAL A 415 18.81 9.59 -31.08
N TYR A 416 19.04 8.28 -31.02
CA TYR A 416 18.02 7.30 -31.36
C TYR A 416 17.64 6.45 -30.15
N VAL A 417 16.44 5.88 -30.17
CA VAL A 417 16.06 4.85 -29.22
C VAL A 417 15.86 3.53 -29.96
N LEU A 418 16.03 2.42 -29.25
CA LEU A 418 15.84 1.08 -29.80
C LEU A 418 14.39 0.86 -30.23
N PRO A 419 14.17 0.05 -31.28
CA PRO A 419 12.80 -0.18 -31.75
C PRO A 419 11.98 -0.98 -30.75
N LYS A 420 10.65 -0.89 -30.84
CA LYS A 420 9.80 -1.52 -29.85
C LYS A 420 10.01 -3.03 -29.75
N HIS A 421 10.25 -3.68 -30.88
CA HIS A 421 10.44 -5.14 -30.84
C HIS A 421 11.64 -5.53 -29.98
N LEU A 422 12.67 -4.70 -29.94
CA LEU A 422 13.79 -5.03 -29.07
C LEU A 422 13.42 -4.79 -27.60
N ASP A 423 12.66 -3.72 -27.35
CA ASP A 423 12.17 -3.41 -26.02
C ASP A 423 11.34 -4.57 -25.49
N GLU A 424 10.42 -5.07 -26.33
CA GLU A 424 9.59 -6.20 -25.94
C GLU A 424 10.42 -7.47 -25.69
N LYS A 425 11.44 -7.70 -26.51
CA LYS A 425 12.33 -8.83 -26.34
C LYS A 425 13.03 -8.79 -24.97
N VAL A 426 13.49 -7.60 -24.57
CA VAL A 426 14.16 -7.47 -23.28
C VAL A 426 13.23 -7.88 -22.13
N ALA A 427 12.01 -7.35 -22.14
CA ALA A 427 11.02 -7.71 -21.12
C ALA A 427 10.76 -9.22 -21.14
N ARG A 428 10.51 -9.73 -22.33
CA ARG A 428 10.26 -11.15 -22.54
C ARG A 428 11.35 -11.99 -21.85
N LEU A 429 12.61 -11.60 -22.07
CA LEU A 429 13.73 -12.38 -21.57
C LEU A 429 13.77 -12.47 -20.04
N HIS A 430 13.10 -11.53 -19.38
CA HIS A 430 13.08 -11.50 -17.92
C HIS A 430 11.84 -12.14 -17.24
N LEU A 431 10.87 -12.58 -18.04
CA LEU A 431 9.62 -13.14 -17.49
C LEU A 431 9.76 -14.46 -16.75
N ASP A 432 10.54 -15.38 -17.32
CA ASP A 432 10.66 -16.73 -16.79
C ASP A 432 11.25 -16.73 -15.40
N LYS A 433 12.26 -15.89 -15.21
CA LYS A 433 12.93 -15.79 -13.93
C LYS A 433 11.90 -15.62 -12.82
N LEU A 434 10.82 -14.90 -13.12
CA LEU A 434 9.81 -14.55 -12.10
C LEU A 434 8.62 -15.51 -12.05
N GLY A 435 8.61 -16.47 -12.97
CA GLY A 435 7.53 -17.43 -13.09
C GLY A 435 6.28 -16.76 -13.64
N ALA A 436 6.50 -15.75 -14.48
CA ALA A 436 5.42 -15.02 -15.11
C ALA A 436 5.10 -15.69 -16.44
N LYS A 437 3.90 -16.23 -16.55
CA LYS A 437 3.47 -16.91 -17.77
C LYS A 437 2.70 -15.97 -18.67
N LEU A 438 3.19 -15.79 -19.88
CA LEU A 438 2.56 -14.89 -20.85
C LEU A 438 1.49 -15.62 -21.66
N THR A 439 0.40 -14.91 -21.94
CA THR A 439 -0.67 -15.39 -22.81
C THR A 439 -0.38 -15.12 -24.29
N VAL A 440 -0.78 -16.03 -25.17
CA VAL A 440 -0.57 -15.85 -26.60
C VAL A 440 -1.88 -15.54 -27.33
N LEU A 441 -1.86 -14.50 -28.15
CA LEU A 441 -3.04 -14.10 -28.90
C LEU A 441 -3.40 -15.13 -29.96
N SER A 442 -4.69 -15.37 -30.15
CA SER A 442 -5.18 -16.12 -31.29
C SER A 442 -5.08 -15.23 -32.53
N GLU A 443 -5.07 -15.86 -33.70
CA GLU A 443 -4.88 -15.13 -34.95
C GLU A 443 -5.97 -14.07 -35.11
N GLU A 444 -7.17 -14.46 -34.70
CA GLU A 444 -8.35 -13.64 -34.80
C GLU A 444 -8.32 -12.48 -33.81
N GLN A 445 -7.80 -12.76 -32.61
CA GLN A 445 -7.65 -11.74 -31.56
C GLN A 445 -6.65 -10.66 -32.00
N ALA A 446 -5.49 -11.11 -32.46
CA ALA A 446 -4.49 -10.21 -32.98
C ALA A 446 -5.12 -9.30 -34.03
N ALA A 447 -5.81 -9.92 -34.98
CA ALA A 447 -6.43 -9.15 -36.06
C ALA A 447 -7.41 -8.14 -35.48
N TYR A 448 -8.18 -8.58 -34.49
CA TYR A 448 -9.22 -7.77 -33.88
C TYR A 448 -8.71 -6.48 -33.26
N ILE A 449 -7.46 -6.51 -32.75
CA ILE A 449 -6.88 -5.31 -32.13
C ILE A 449 -5.74 -4.67 -32.93
N GLY A 450 -5.45 -5.22 -34.11
CA GLY A 450 -4.58 -4.55 -35.06
C GLY A 450 -3.11 -4.82 -34.85
N VAL A 451 -2.79 -6.04 -34.40
CA VAL A 451 -1.41 -6.45 -34.18
C VAL A 451 -1.21 -7.84 -34.75
N THR A 452 0.03 -8.33 -34.67
CA THR A 452 0.34 -9.72 -34.95
C THR A 452 0.51 -10.42 -33.59
N PRO A 453 0.44 -11.75 -33.56
CA PRO A 453 0.64 -12.48 -32.30
C PRO A 453 2.08 -12.41 -31.78
N GLN A 454 3.00 -11.97 -32.64
CA GLN A 454 4.41 -11.90 -32.29
C GLN A 454 4.78 -10.53 -31.70
N GLY A 455 3.86 -9.57 -31.83
CA GLY A 455 4.12 -8.20 -31.44
C GLY A 455 4.92 -7.50 -32.51
N PRO A 456 5.14 -6.19 -32.36
CA PRO A 456 4.84 -5.31 -31.22
C PRO A 456 3.38 -5.07 -30.97
N PHE A 457 3.04 -4.92 -29.70
CA PHE A 457 1.66 -4.90 -29.25
C PHE A 457 1.10 -3.48 -29.08
N LYS A 458 1.98 -2.49 -29.03
CA LYS A 458 1.55 -1.14 -28.72
C LYS A 458 2.02 -0.15 -29.78
N SER A 459 1.31 0.97 -29.87
CA SER A 459 1.67 2.01 -30.84
C SER A 459 2.99 2.63 -30.43
N GLU A 460 3.59 3.38 -31.33
CA GLU A 460 4.95 3.88 -31.11
C GLU A 460 5.09 4.68 -29.82
N HIS A 461 4.09 5.50 -29.52
CA HIS A 461 4.21 6.36 -28.36
C HIS A 461 3.26 5.99 -27.22
N TYR A 462 2.94 4.71 -27.13
CA TYR A 462 2.23 4.21 -25.97
C TYR A 462 3.08 4.46 -24.72
N ARG A 463 2.45 5.03 -23.70
CA ARG A 463 3.12 5.47 -22.48
C ARG A 463 3.33 4.42 -21.39
N TYR A 464 2.53 3.34 -21.41
CA TYR A 464 2.60 2.26 -20.37
C TYR A 464 2.35 2.72 -18.91
N SER B 4 -37.38 22.17 -31.41
CA SER B 4 -36.39 23.03 -30.74
C SER B 4 -35.67 22.31 -29.60
N MET B 5 -36.20 21.15 -29.21
CA MET B 5 -35.63 20.31 -28.16
C MET B 5 -36.43 19.02 -28.03
N VAL B 6 -35.74 17.89 -27.83
CA VAL B 6 -36.40 16.63 -27.51
C VAL B 6 -35.83 16.09 -26.21
N VAL B 7 -36.67 15.99 -25.19
CA VAL B 7 -36.28 15.32 -23.95
C VAL B 7 -37.43 14.45 -23.47
N LYS B 8 -37.11 13.54 -22.55
CA LYS B 8 -38.10 12.59 -22.03
C LYS B 8 -39.13 13.26 -21.13
N ASP B 9 -38.73 14.26 -20.35
CA ASP B 9 -39.67 15.00 -19.51
C ASP B 9 -39.14 16.34 -19.02
N ILE B 10 -39.57 17.43 -19.65
CA ILE B 10 -39.18 18.79 -19.24
C ILE B 10 -39.42 19.06 -17.75
N SER B 11 -40.27 18.23 -17.14
CA SER B 11 -40.64 18.34 -15.73
C SER B 11 -39.48 18.03 -14.77
N LEU B 12 -38.63 17.09 -15.16
CA LEU B 12 -37.51 16.65 -14.33
C LEU B 12 -36.35 17.65 -14.25
N ALA B 13 -36.54 18.84 -14.82
CA ALA B 13 -35.48 19.84 -14.97
C ALA B 13 -34.93 20.46 -13.67
N ASP B 14 -35.82 20.67 -12.69
CA ASP B 14 -35.45 21.29 -11.42
C ASP B 14 -34.52 20.37 -10.63
N TRP B 15 -34.82 19.09 -10.71
CA TRP B 15 -34.05 18.03 -10.09
C TRP B 15 -32.67 17.91 -10.76
N GLY B 16 -32.67 17.93 -12.09
CA GLY B 16 -31.43 18.02 -12.83
C GLY B 16 -30.53 19.12 -12.27
N ARG B 17 -31.08 20.32 -12.15
CA ARG B 17 -30.36 21.47 -11.60
C ARG B 17 -29.82 21.22 -10.19
N LYS B 18 -30.60 20.56 -9.34
CA LYS B 18 -30.15 20.26 -7.99
C LYS B 18 -28.96 19.30 -8.03
N GLU B 19 -29.00 18.36 -8.96
CA GLU B 19 -27.87 17.45 -9.18
C GLU B 19 -26.62 18.23 -9.63
N LEU B 20 -26.79 19.15 -10.58
CA LEU B 20 -25.71 20.00 -11.07
C LEU B 20 -24.99 20.75 -9.94
N ASP B 21 -25.76 21.45 -9.11
CA ASP B 21 -25.19 22.20 -7.99
C ASP B 21 -24.16 21.37 -7.21
N ILE B 22 -24.44 20.08 -7.03
CA ILE B 22 -23.53 19.20 -6.32
C ILE B 22 -22.34 18.83 -7.19
N ALA B 23 -22.64 18.32 -8.38
CA ALA B 23 -21.59 17.87 -9.29
C ALA B 23 -20.55 18.97 -9.57
N GLU B 24 -20.99 20.23 -9.66
CA GLU B 24 -20.08 21.34 -9.98
C GLU B 24 -18.95 21.47 -8.97
N THR B 25 -19.25 21.20 -7.71
CA THR B 25 -18.28 21.35 -6.63
C THR B 25 -17.19 20.30 -6.76
N GLU B 26 -17.48 19.25 -7.54
CA GLU B 26 -16.55 18.15 -7.77
C GLU B 26 -15.90 18.23 -9.17
N MET B 27 -16.06 19.37 -9.84
CA MET B 27 -15.48 19.54 -11.17
C MET B 27 -14.77 20.86 -11.30
N PRO B 28 -13.73 21.04 -10.48
CA PRO B 28 -13.00 22.31 -10.34
C PRO B 28 -12.40 22.74 -11.65
N GLY B 29 -12.04 21.76 -12.47
CA GLY B 29 -11.49 22.01 -13.78
C GLY B 29 -12.40 22.85 -14.64
N LEU B 30 -13.61 22.36 -14.89
CA LEU B 30 -14.55 23.07 -15.75
C LEU B 30 -14.97 24.39 -15.13
N MET B 31 -15.10 24.40 -13.81
CA MET B 31 -15.58 25.61 -13.12
C MET B 31 -14.52 26.71 -13.20
N ALA B 32 -13.26 26.32 -12.99
CA ALA B 32 -12.14 27.25 -13.04
C ALA B 32 -11.95 27.78 -14.44
N ALA B 33 -12.25 26.93 -15.42
CA ALA B 33 -12.26 27.35 -16.81
C ALA B 33 -13.23 28.51 -16.98
N ARG B 34 -14.37 28.44 -16.31
CA ARG B 34 -15.40 29.45 -16.44
C ARG B 34 -14.96 30.78 -15.82
N GLU B 35 -14.25 30.71 -14.71
CA GLU B 35 -13.78 31.93 -14.05
C GLU B 35 -12.64 32.57 -14.83
N GLU B 36 -11.76 31.76 -15.41
CA GLU B 36 -10.60 32.27 -16.17
C GLU B 36 -10.92 32.81 -17.56
N PHE B 37 -11.75 32.07 -18.29
CA PHE B 37 -12.08 32.41 -19.67
C PHE B 37 -13.46 33.03 -19.82
N GLY B 38 -14.23 33.09 -18.74
CA GLY B 38 -15.60 33.58 -18.82
C GLY B 38 -15.69 34.99 -19.36
N LYS B 39 -14.80 35.85 -18.86
CA LYS B 39 -14.82 37.25 -19.22
C LYS B 39 -14.30 37.48 -20.64
N SER B 40 -13.22 36.77 -20.99
CA SER B 40 -12.61 36.93 -22.30
C SER B 40 -13.44 36.32 -23.45
N GLN B 41 -14.40 35.46 -23.11
CA GLN B 41 -15.28 34.81 -24.09
C GLN B 41 -14.57 34.32 -25.36
N PRO B 42 -13.61 33.40 -25.20
CA PRO B 42 -12.80 32.98 -26.34
C PRO B 42 -13.62 32.14 -27.32
N LEU B 43 -14.83 31.77 -26.91
CA LEU B 43 -15.74 31.01 -27.77
C LEU B 43 -16.96 31.82 -28.25
N LYS B 44 -16.95 33.14 -28.05
CA LYS B 44 -17.95 33.99 -28.72
C LYS B 44 -17.83 33.72 -30.20
N GLY B 45 -18.95 33.45 -30.86
CA GLY B 45 -18.90 33.17 -32.29
C GLY B 45 -18.84 31.69 -32.61
N ALA B 46 -18.52 30.87 -31.61
CA ALA B 46 -18.54 29.43 -31.80
C ALA B 46 -19.97 28.90 -31.97
N ARG B 47 -20.15 27.98 -32.90
CA ARG B 47 -21.43 27.31 -33.09
C ARG B 47 -21.17 25.81 -33.07
N ILE B 48 -21.27 25.25 -31.87
CA ILE B 48 -20.77 23.90 -31.61
C ILE B 48 -21.88 22.85 -31.69
N SER B 49 -21.65 21.84 -32.53
CA SER B 49 -22.49 20.65 -32.60
C SER B 49 -21.88 19.56 -31.73
N GLY B 50 -22.56 19.23 -30.63
CA GLY B 50 -22.04 18.26 -29.68
C GLY B 50 -22.75 16.93 -29.74
N SER B 51 -21.94 15.86 -29.68
CA SER B 51 -22.42 14.49 -29.61
C SER B 51 -21.64 13.73 -28.52
N LEU B 52 -22.26 13.55 -27.37
CA LEU B 52 -21.57 13.03 -26.18
C LEU B 52 -22.56 12.65 -25.07
N HIS B 53 -22.43 11.43 -24.53
CA HIS B 53 -23.34 10.91 -23.49
C HIS B 53 -23.97 12.06 -22.69
N MET B 54 -25.28 12.24 -22.82
CA MET B 54 -26.01 13.34 -22.14
C MET B 54 -26.24 13.11 -20.63
N THR B 55 -25.16 13.14 -19.85
CA THR B 55 -25.20 12.94 -18.40
C THR B 55 -25.11 14.27 -17.66
N ILE B 56 -25.24 14.26 -16.34
CA ILE B 56 -25.05 15.48 -15.53
C ILE B 56 -23.64 16.09 -15.71
N GLN B 57 -22.63 15.24 -15.65
CA GLN B 57 -21.27 15.66 -15.95
C GLN B 57 -21.21 16.43 -17.27
N THR B 58 -21.86 15.90 -18.30
CA THR B 58 -21.79 16.52 -19.61
C THR B 58 -22.56 17.83 -19.63
N ALA B 59 -23.53 17.94 -18.73
CA ALA B 59 -24.31 19.16 -18.59
C ALA B 59 -23.41 20.28 -18.11
N VAL B 60 -22.51 19.95 -17.19
CA VAL B 60 -21.59 20.93 -16.65
C VAL B 60 -20.60 21.35 -17.73
N LEU B 61 -20.17 20.38 -18.54
CA LEU B 61 -19.39 20.71 -19.72
C LEU B 61 -20.15 21.70 -20.60
N ILE B 62 -21.37 21.32 -20.98
CA ILE B 62 -22.18 22.16 -21.85
C ILE B 62 -22.24 23.60 -21.33
N GLU B 63 -22.66 23.77 -20.09
CA GLU B 63 -22.82 25.12 -19.55
C GLU B 63 -21.50 25.90 -19.54
N THR B 64 -20.39 25.18 -19.36
CA THR B 64 -19.06 25.77 -19.46
C THR B 64 -18.81 26.36 -20.86
N LEU B 65 -19.16 25.60 -21.90
CA LEU B 65 -18.99 26.05 -23.29
C LEU B 65 -19.79 27.34 -23.56
N LYS B 66 -20.95 27.44 -22.94
CA LYS B 66 -21.79 28.62 -23.10
C LYS B 66 -21.21 29.81 -22.34
N VAL B 67 -20.70 29.55 -21.14
CA VAL B 67 -20.03 30.59 -20.36
C VAL B 67 -18.87 31.25 -21.13
N LEU B 68 -18.20 30.47 -21.97
CA LEU B 68 -17.08 31.00 -22.74
C LEU B 68 -17.54 31.58 -24.10
N GLY B 69 -18.85 31.78 -24.24
CA GLY B 69 -19.41 32.42 -25.42
C GLY B 69 -19.93 31.52 -26.53
N ALA B 70 -19.85 30.21 -26.33
CA ALA B 70 -20.28 29.30 -27.39
C ALA B 70 -21.80 29.12 -27.43
N GLU B 71 -22.36 29.06 -28.65
CA GLU B 71 -23.74 28.66 -28.87
C GLU B 71 -23.71 27.16 -29.19
N VAL B 72 -24.65 26.41 -28.64
CA VAL B 72 -24.54 24.95 -28.70
C VAL B 72 -25.84 24.19 -29.01
N ARG B 73 -25.71 23.12 -29.77
CA ARG B 73 -26.79 22.14 -29.95
C ARG B 73 -26.20 20.78 -29.63
N TRP B 74 -26.97 19.96 -28.93
CA TRP B 74 -26.42 18.75 -28.32
C TRP B 74 -27.32 17.54 -28.49
N ALA B 75 -26.70 16.37 -28.60
CA ALA B 75 -27.36 15.07 -28.51
C ALA B 75 -26.45 14.08 -27.78
N SER B 76 -27.01 12.94 -27.37
CA SER B 76 -26.20 11.87 -26.78
C SER B 76 -25.41 11.13 -27.86
N CYS B 77 -24.26 10.57 -27.52
CA CYS B 77 -23.53 9.73 -28.46
C CYS B 77 -23.90 8.27 -28.27
N ASN B 78 -25.01 8.03 -27.55
CA ASN B 78 -25.49 6.69 -27.20
C ASN B 78 -26.97 6.68 -26.81
N ILE B 79 -27.72 5.69 -27.31
CA ILE B 79 -29.16 5.60 -27.03
C ILE B 79 -29.55 5.41 -25.55
N PHE B 80 -28.68 4.79 -24.76
CA PHE B 80 -29.03 4.47 -23.36
C PHE B 80 -28.32 5.32 -22.30
N SER B 81 -27.30 6.08 -22.70
CA SER B 81 -26.44 6.80 -21.76
C SER B 81 -27.06 8.07 -21.17
N THR B 82 -28.09 8.58 -21.85
CA THR B 82 -28.77 9.81 -21.46
C THR B 82 -29.37 9.71 -20.05
N GLN B 83 -29.05 10.69 -19.21
CA GLN B 83 -29.73 10.81 -17.92
C GLN B 83 -30.79 11.89 -18.02
N ASP B 84 -32.05 11.46 -18.04
CA ASP B 84 -33.12 12.35 -18.48
C ASP B 84 -33.24 13.70 -17.73
N HIS B 85 -32.92 13.73 -16.44
CA HIS B 85 -33.02 15.01 -15.75
C HIS B 85 -31.89 15.98 -16.13
N ALA B 86 -30.79 15.45 -16.66
CA ALA B 86 -29.71 16.28 -17.20
C ALA B 86 -30.15 16.97 -18.48
N ALA B 87 -30.64 16.18 -19.43
CA ALA B 87 -31.25 16.71 -20.64
C ALA B 87 -32.26 17.81 -20.29
N ALA B 88 -33.23 17.48 -19.45
CA ALA B 88 -34.27 18.44 -19.06
C ALA B 88 -33.66 19.72 -18.51
N ALA B 89 -32.69 19.56 -17.60
CA ALA B 89 -32.07 20.72 -16.98
C ALA B 89 -31.46 21.60 -18.05
N ILE B 90 -30.87 20.95 -19.07
CA ILE B 90 -30.20 21.61 -20.18
C ILE B 90 -31.17 22.28 -21.17
N ALA B 91 -32.29 21.64 -21.45
CA ALA B 91 -33.30 22.19 -22.35
C ALA B 91 -34.01 23.38 -21.73
N ALA B 92 -34.26 23.33 -20.42
CA ALA B 92 -34.71 24.49 -19.66
C ALA B 92 -33.82 25.74 -19.82
N THR B 93 -32.54 25.53 -20.16
CA THR B 93 -31.60 26.64 -20.37
C THR B 93 -31.96 27.48 -21.60
N GLY B 94 -32.62 26.83 -22.55
CA GLY B 94 -32.89 27.42 -23.85
C GLY B 94 -32.01 26.78 -24.90
N THR B 95 -31.08 25.95 -24.44
CA THR B 95 -30.17 25.19 -25.31
C THR B 95 -30.85 23.97 -25.93
N PRO B 96 -30.78 23.84 -27.27
CA PRO B 96 -31.26 22.65 -27.99
C PRO B 96 -30.54 21.35 -27.58
N VAL B 97 -31.25 20.49 -26.86
CA VAL B 97 -30.79 19.14 -26.53
C VAL B 97 -31.76 18.07 -27.09
N PHE B 98 -31.20 17.06 -27.75
CA PHE B 98 -32.00 15.97 -28.32
C PHE B 98 -31.50 14.63 -27.81
N ALA B 99 -32.01 14.22 -26.66
CA ALA B 99 -31.49 13.03 -26.01
C ALA B 99 -32.49 12.46 -25.03
N VAL B 100 -32.81 11.19 -25.21
CA VAL B 100 -33.76 10.49 -24.38
C VAL B 100 -33.19 9.10 -24.15
N LYS B 101 -32.96 8.76 -22.89
CA LYS B 101 -32.53 7.42 -22.52
C LYS B 101 -33.50 6.40 -23.17
N GLY B 102 -32.95 5.38 -23.83
CA GLY B 102 -33.78 4.35 -24.43
C GLY B 102 -34.36 4.68 -25.80
N GLU B 103 -33.92 5.79 -26.39
CA GLU B 103 -34.34 6.18 -27.73
C GLU B 103 -34.06 5.09 -28.79
N THR B 104 -34.91 5.07 -29.83
CA THR B 104 -34.71 4.22 -31.00
C THR B 104 -33.42 4.58 -31.74
N LEU B 105 -32.93 3.62 -32.51
CA LEU B 105 -31.76 3.86 -33.34
C LEU B 105 -32.09 4.92 -34.38
N GLU B 106 -33.23 4.77 -35.04
CA GLU B 106 -33.73 5.77 -35.97
C GLU B 106 -33.73 7.16 -35.33
N GLU B 107 -34.31 7.26 -34.14
CA GLU B 107 -34.42 8.52 -33.42
C GLU B 107 -33.05 9.06 -33.06
N TYR B 108 -32.14 8.16 -32.74
CA TYR B 108 -30.77 8.56 -32.45
C TYR B 108 -30.22 9.37 -33.63
N TRP B 109 -30.26 8.80 -34.83
CA TRP B 109 -29.70 9.47 -36.01
C TRP B 109 -30.45 10.75 -36.34
N THR B 110 -31.75 10.75 -36.08
CA THR B 110 -32.55 11.95 -36.25
C THR B 110 -32.13 13.09 -35.31
N TYR B 111 -31.65 12.74 -34.12
CA TYR B 111 -31.15 13.71 -33.15
C TYR B 111 -29.74 14.21 -33.52
N THR B 112 -28.93 13.33 -34.12
CA THR B 112 -27.62 13.68 -34.65
C THR B 112 -27.79 14.70 -35.75
N ASP B 113 -28.79 14.49 -36.59
CA ASP B 113 -29.07 15.41 -37.68
C ASP B 113 -29.48 16.77 -37.10
N GLN B 114 -30.36 16.72 -36.10
CA GLN B 114 -30.93 17.92 -35.50
C GLN B 114 -29.87 18.86 -34.90
N ILE B 115 -28.71 18.33 -34.51
CA ILE B 115 -27.69 19.20 -33.94
C ILE B 115 -27.01 20.08 -35.01
N PHE B 116 -27.27 19.79 -36.28
CA PHE B 116 -26.73 20.60 -37.37
C PHE B 116 -27.75 21.56 -37.95
N GLN B 117 -28.97 21.53 -37.42
CA GLN B 117 -30.05 22.37 -37.92
C GLN B 117 -30.27 23.61 -37.06
N TRP B 118 -29.57 24.69 -37.40
CA TRP B 118 -29.73 25.94 -36.66
C TRP B 118 -30.87 26.75 -37.27
N PRO B 119 -31.59 27.49 -36.41
CA PRO B 119 -32.78 28.26 -36.79
C PRO B 119 -32.50 29.47 -37.67
N ASP B 120 -31.28 30.01 -37.62
CA ASP B 120 -30.89 31.08 -38.53
C ASP B 120 -30.55 30.53 -39.92
N GLY B 121 -30.61 29.19 -40.03
CA GLY B 121 -30.36 28.50 -41.29
C GLY B 121 -28.90 28.28 -41.66
N GLU B 122 -28.00 28.93 -40.93
CA GLU B 122 -26.57 28.80 -41.19
C GLU B 122 -26.03 27.53 -40.50
N PRO B 123 -24.82 27.07 -40.89
CA PRO B 123 -24.30 25.77 -40.42
C PRO B 123 -23.53 25.86 -39.10
N SER B 124 -23.15 24.70 -38.58
CA SER B 124 -22.20 24.64 -37.47
C SER B 124 -20.84 25.09 -37.99
N ASN B 125 -19.93 25.47 -37.08
CA ASN B 125 -18.54 25.68 -37.44
C ASN B 125 -17.57 24.86 -36.57
N MET B 126 -18.12 24.11 -35.61
CA MET B 126 -17.31 23.22 -34.78
C MET B 126 -18.06 21.94 -34.40
N ILE B 127 -17.39 20.78 -34.46
CA ILE B 127 -17.94 19.59 -33.83
C ILE B 127 -17.13 19.10 -32.63
N LEU B 128 -17.83 18.92 -31.51
CA LEU B 128 -17.29 18.26 -30.31
C LEU B 128 -17.88 16.84 -30.27
N ASP B 129 -17.03 15.84 -30.39
CA ASP B 129 -17.49 14.48 -30.70
C ASP B 129 -16.87 13.39 -29.79
N ASP B 130 -17.71 12.42 -29.42
CA ASP B 130 -17.29 11.21 -28.72
C ASP B 130 -17.67 10.03 -29.59
N GLY B 131 -16.69 9.36 -30.18
CA GLY B 131 -16.98 8.19 -31.00
C GLY B 131 -17.01 8.39 -32.51
N GLY B 132 -17.23 9.63 -32.94
CA GLY B 132 -17.10 9.98 -34.35
C GLY B 132 -18.34 9.86 -35.21
N ASP B 133 -19.50 9.64 -34.59
CA ASP B 133 -20.75 9.50 -35.34
C ASP B 133 -21.19 10.82 -35.98
N ALA B 134 -20.94 11.94 -35.30
CA ALA B 134 -21.39 13.24 -35.80
C ALA B 134 -20.49 13.73 -36.92
N THR B 135 -19.20 13.43 -36.81
CA THR B 135 -18.24 13.76 -37.84
C THR B 135 -18.48 12.94 -39.11
N MET B 136 -18.56 11.63 -38.94
CA MET B 136 -18.81 10.70 -40.06
C MET B 136 -20.11 10.96 -40.83
N TYR B 137 -21.16 11.40 -40.14
CA TYR B 137 -22.45 11.75 -40.75
C TYR B 137 -22.32 12.89 -41.77
N ILE B 138 -21.59 13.95 -41.41
CA ILE B 138 -21.37 15.06 -42.32
C ILE B 138 -20.47 14.64 -43.47
N LEU B 139 -19.41 13.90 -43.16
CA LEU B 139 -18.43 13.51 -44.15
C LEU B 139 -18.92 12.47 -45.15
N ILE B 140 -19.67 11.47 -44.66
CA ILE B 140 -20.28 10.48 -45.56
C ILE B 140 -21.34 11.14 -46.44
N GLY B 141 -22.18 11.96 -45.83
CA GLY B 141 -23.22 12.66 -46.56
C GLY B 141 -22.64 13.50 -47.68
N ALA B 142 -21.49 14.12 -47.43
CA ALA B 142 -20.91 15.06 -48.40
C ALA B 142 -20.25 14.29 -49.54
N ARG B 143 -19.72 13.12 -49.22
CA ARG B 143 -19.22 12.19 -50.23
C ARG B 143 -20.35 11.70 -51.13
N ALA B 144 -21.54 11.52 -50.55
CA ALA B 144 -22.70 11.10 -51.32
C ALA B 144 -23.20 12.22 -52.22
N GLU B 145 -23.17 13.45 -51.71
CA GLU B 145 -23.58 14.63 -52.47
C GLU B 145 -22.57 15.03 -53.56
N ALA B 146 -21.37 14.47 -53.47
CA ALA B 146 -20.36 14.65 -54.52
C ALA B 146 -20.44 13.50 -55.53
N GLY B 147 -21.34 12.56 -55.28
CA GLY B 147 -21.63 11.51 -56.25
C GLY B 147 -20.98 10.17 -56.05
N GLU B 148 -20.19 10.03 -54.98
CA GLU B 148 -19.60 8.75 -54.66
C GLU B 148 -20.67 7.74 -54.24
N ASP B 149 -20.46 6.46 -54.56
CA ASP B 149 -21.39 5.40 -54.12
C ASP B 149 -21.04 4.90 -52.73
N VAL B 150 -21.65 5.52 -51.71
CA VAL B 150 -21.33 5.23 -50.32
C VAL B 150 -22.56 4.90 -49.49
N LEU B 151 -23.74 4.94 -50.12
CA LEU B 151 -24.97 4.66 -49.38
C LEU B 151 -25.58 3.34 -49.84
N SER B 152 -24.79 2.61 -50.63
CA SER B 152 -25.12 1.24 -51.01
C SER B 152 -24.22 0.26 -50.25
N ASN B 153 -24.65 -0.98 -50.17
CA ASN B 153 -23.90 -2.03 -49.46
C ASN B 153 -23.72 -1.76 -47.95
N PRO B 154 -24.82 -1.46 -47.23
CA PRO B 154 -24.75 -1.31 -45.77
C PRO B 154 -24.35 -2.61 -45.09
N GLN B 155 -23.29 -2.57 -44.28
CA GLN B 155 -22.84 -3.75 -43.56
C GLN B 155 -23.84 -4.21 -42.48
N SER B 156 -24.49 -3.27 -41.81
CA SER B 156 -25.42 -3.61 -40.72
C SER B 156 -26.77 -2.90 -40.86
N GLU B 157 -27.79 -3.43 -40.19
CA GLU B 157 -29.10 -2.81 -40.18
C GLU B 157 -29.07 -1.49 -39.41
N GLU B 158 -28.05 -1.35 -38.57
CA GLU B 158 -27.81 -0.10 -37.88
C GLU B 158 -27.27 0.92 -38.86
N GLU B 159 -26.57 0.43 -39.88
CA GLU B 159 -26.03 1.29 -40.92
C GLU B 159 -27.12 1.75 -41.91
N GLU B 160 -28.09 0.89 -42.18
CA GLU B 160 -29.22 1.28 -43.00
C GLU B 160 -29.97 2.47 -42.37
N VAL B 161 -30.04 2.49 -41.04
CA VAL B 161 -30.65 3.62 -40.37
C VAL B 161 -29.84 4.89 -40.67
N LEU B 162 -28.52 4.81 -40.59
CA LEU B 162 -27.64 5.91 -40.98
C LEU B 162 -27.93 6.40 -42.41
N PHE B 163 -27.76 5.49 -43.37
CA PHE B 163 -27.95 5.80 -44.79
C PHE B 163 -29.35 6.36 -45.12
N ALA B 164 -30.39 5.73 -44.60
CA ALA B 164 -31.75 6.26 -44.68
C ALA B 164 -31.82 7.71 -44.18
N GLN B 165 -31.03 8.01 -43.15
CA GLN B 165 -31.09 9.32 -42.49
C GLN B 165 -30.36 10.41 -43.26
N ILE B 166 -29.42 10.00 -44.10
CA ILE B 166 -28.68 10.94 -44.93
C ILE B 166 -29.47 11.24 -46.20
N LYS B 167 -30.15 10.22 -46.71
CA LYS B 167 -31.02 10.41 -47.86
C LYS B 167 -32.24 11.26 -47.49
N LYS B 168 -32.79 11.03 -46.31
CA LYS B 168 -33.88 11.88 -45.83
C LYS B 168 -33.42 13.33 -45.89
N ARG B 169 -32.28 13.61 -45.26
CA ARG B 169 -31.72 14.97 -45.19
C ARG B 169 -31.28 15.52 -46.56
N MET B 170 -30.65 14.68 -47.36
CA MET B 170 -30.29 15.07 -48.71
C MET B 170 -31.53 15.51 -49.50
N ALA B 171 -32.53 14.62 -49.55
CA ALA B 171 -33.78 14.94 -50.23
C ALA B 171 -34.41 16.24 -49.70
N ALA B 172 -34.41 16.41 -48.38
CA ALA B 172 -35.04 17.56 -47.73
C ALA B 172 -34.35 18.92 -48.00
N THR B 173 -33.02 18.96 -47.88
CA THR B 173 -32.28 20.19 -48.13
C THR B 173 -31.01 19.91 -48.93
N PRO B 174 -31.12 19.93 -50.27
CA PRO B 174 -29.99 19.66 -51.18
C PRO B 174 -28.79 20.54 -50.86
N GLY B 175 -27.59 19.94 -50.86
CA GLY B 175 -26.37 20.66 -50.57
C GLY B 175 -26.00 20.78 -49.09
N PHE B 176 -26.89 20.35 -48.20
CA PHE B 176 -26.65 20.51 -46.76
C PHE B 176 -25.28 20.01 -46.37
N PHE B 177 -24.93 18.82 -46.87
CA PHE B 177 -23.74 18.12 -46.40
C PHE B 177 -22.46 18.77 -46.94
N THR B 178 -22.49 19.11 -48.23
CA THR B 178 -21.34 19.73 -48.88
C THR B 178 -21.00 21.07 -48.21
N LYS B 179 -22.04 21.90 -48.03
CA LYS B 179 -21.92 23.18 -47.35
C LYS B 179 -21.56 23.06 -45.84
N GLN B 180 -22.05 22.01 -45.17
CA GLN B 180 -21.68 21.79 -43.74
C GLN B 180 -20.21 21.34 -43.57
N ARG B 181 -19.76 20.41 -44.41
CA ARG B 181 -18.37 19.98 -44.45
C ARG B 181 -17.40 21.16 -44.63
N ALA B 182 -17.76 22.09 -45.52
CA ALA B 182 -16.90 23.24 -45.83
C ALA B 182 -16.83 24.24 -44.67
N ALA B 183 -17.77 24.12 -43.73
CA ALA B 183 -17.92 25.11 -42.67
C ALA B 183 -17.32 24.68 -41.33
N ILE B 184 -17.02 23.40 -41.19
CA ILE B 184 -16.38 22.95 -39.97
C ILE B 184 -14.95 23.48 -39.89
N LYS B 185 -14.66 24.25 -38.84
CA LYS B 185 -13.33 24.79 -38.61
C LYS B 185 -12.44 23.68 -38.10
N GLY B 186 -12.97 22.91 -37.16
CA GLY B 186 -12.26 21.79 -36.58
C GLY B 186 -13.21 20.96 -35.76
N VAL B 187 -12.77 19.74 -35.41
CA VAL B 187 -13.51 18.85 -34.53
C VAL B 187 -12.55 18.32 -33.46
N THR B 188 -13.08 18.08 -32.26
CA THR B 188 -12.35 17.39 -31.18
C THR B 188 -12.93 15.99 -30.95
N GLU B 189 -12.06 15.04 -30.65
CA GLU B 189 -12.50 13.65 -30.48
C GLU B 189 -12.03 13.03 -29.15
N GLU B 190 -12.96 12.39 -28.47
CA GLU B 190 -12.75 11.98 -27.07
C GLU B 190 -12.25 10.56 -26.90
N THR B 191 -12.54 9.72 -27.89
CA THR B 191 -12.35 8.27 -27.78
C THR B 191 -11.49 7.66 -28.87
N THR B 192 -10.95 6.49 -28.54
CA THR B 192 -9.96 5.78 -29.33
C THR B 192 -10.53 5.39 -30.70
N THR B 193 -11.82 5.08 -30.70
CA THR B 193 -12.53 4.62 -31.88
C THR B 193 -12.78 5.77 -32.85
N GLY B 194 -13.21 6.91 -32.30
CA GLY B 194 -13.36 8.14 -33.07
C GLY B 194 -12.07 8.60 -33.72
N VAL B 195 -10.96 8.51 -33.00
CA VAL B 195 -9.68 8.89 -33.58
C VAL B 195 -9.33 7.93 -34.71
N ASN B 196 -9.54 6.63 -34.48
CA ASN B 196 -9.20 5.64 -35.48
C ASN B 196 -9.81 6.02 -36.82
N ARG B 197 -11.10 6.31 -36.82
CA ARG B 197 -11.85 6.65 -38.03
C ARG B 197 -11.24 7.85 -38.75
N LEU B 198 -10.93 8.89 -37.98
CA LEU B 198 -10.36 10.12 -38.52
C LEU B 198 -9.01 9.88 -39.18
N TYR B 199 -8.12 9.19 -38.48
CA TYR B 199 -6.78 8.90 -39.00
C TYR B 199 -6.82 8.09 -40.30
N GLN B 200 -7.86 7.29 -40.49
CA GLN B 200 -8.10 6.61 -41.76
C GLN B 200 -8.62 7.59 -42.84
N LEU B 201 -9.49 8.51 -42.44
CA LEU B 201 -9.87 9.58 -43.34
C LEU B 201 -8.60 10.29 -43.80
N GLN B 202 -7.74 10.64 -42.85
CA GLN B 202 -6.52 11.37 -43.18
C GLN B 202 -5.62 10.59 -44.13
N LYS B 203 -5.43 9.30 -43.88
CA LYS B 203 -4.53 8.51 -44.71
C LYS B 203 -5.03 8.42 -46.15
N LYS B 204 -6.35 8.57 -46.33
CA LYS B 204 -6.97 8.51 -47.66
C LYS B 204 -7.42 9.90 -48.15
N GLY B 205 -6.73 10.94 -47.70
CA GLY B 205 -7.06 12.32 -48.04
C GLY B 205 -8.53 12.72 -47.96
N LEU B 206 -9.25 12.16 -46.98
CA LEU B 206 -10.69 12.42 -46.79
C LEU B 206 -11.01 13.32 -45.61
N LEU B 207 -9.97 13.75 -44.90
CA LEU B 207 -10.14 14.61 -43.72
C LEU B 207 -10.07 16.05 -44.17
N PRO B 208 -11.21 16.76 -44.16
CA PRO B 208 -11.25 18.11 -44.76
C PRO B 208 -11.04 19.24 -43.75
N PHE B 209 -10.60 18.90 -42.55
CA PHE B 209 -10.34 19.90 -41.51
C PHE B 209 -9.50 19.33 -40.38
N PRO B 210 -8.87 20.22 -39.59
CA PRO B 210 -8.12 19.76 -38.42
C PRO B 210 -9.00 19.01 -37.39
N ALA B 211 -8.41 18.02 -36.74
CA ALA B 211 -9.03 17.36 -35.61
C ALA B 211 -8.04 17.30 -34.44
N ILE B 212 -8.52 17.57 -33.23
CA ILE B 212 -7.74 17.35 -32.01
C ILE B 212 -8.08 15.99 -31.39
N ASN B 213 -7.08 15.12 -31.28
CA ASN B 213 -7.24 13.87 -30.54
C ASN B 213 -7.03 14.12 -29.05
N VAL B 214 -8.14 14.10 -28.31
CA VAL B 214 -8.09 14.38 -26.88
C VAL B 214 -7.82 13.12 -26.08
N ASN B 215 -8.16 11.96 -26.64
CA ASN B 215 -8.05 10.73 -25.86
C ASN B 215 -6.62 10.50 -25.39
N ASP B 216 -5.66 11.06 -26.11
CA ASP B 216 -4.27 10.76 -25.80
C ASP B 216 -3.57 11.84 -24.99
N SER B 217 -4.32 12.84 -24.53
CA SER B 217 -3.85 13.71 -23.45
C SER B 217 -3.52 12.85 -22.26
N VAL B 218 -2.39 13.15 -21.62
CA VAL B 218 -2.00 12.45 -20.40
C VAL B 218 -3.10 12.63 -19.35
N THR B 219 -3.60 13.85 -19.18
CA THR B 219 -4.59 14.14 -18.14
C THR B 219 -5.97 13.57 -18.43
N LYS B 220 -6.13 12.91 -19.56
CA LYS B 220 -7.42 12.32 -19.90
C LYS B 220 -7.33 10.81 -20.07
N SER B 221 -6.26 10.34 -20.71
CA SER B 221 -6.05 8.90 -20.84
C SER B 221 -5.76 8.27 -19.48
N LYS B 222 -4.91 8.92 -18.68
CA LYS B 222 -4.63 8.47 -17.31
C LYS B 222 -5.83 8.61 -16.37
N PHE B 223 -6.58 9.69 -16.52
CA PHE B 223 -7.68 9.96 -15.60
C PHE B 223 -8.92 9.08 -15.83
N ASP B 224 -9.37 8.99 -17.06
CA ASP B 224 -10.36 8.00 -17.39
C ASP B 224 -9.73 6.64 -17.09
N ASN B 225 -8.94 6.12 -18.02
CA ASN B 225 -8.53 4.72 -17.96
C ASN B 225 -8.09 4.17 -16.59
N LYS B 226 -7.14 4.84 -15.95
CA LYS B 226 -6.54 4.31 -14.72
C LYS B 226 -7.22 4.75 -13.42
N TYR B 227 -7.23 6.05 -13.15
CA TYR B 227 -7.75 6.51 -11.86
C TYR B 227 -9.27 6.31 -11.78
N GLY B 228 -9.95 6.53 -12.89
CA GLY B 228 -11.40 6.38 -12.94
C GLY B 228 -11.81 4.95 -12.65
N CYS B 229 -11.21 4.01 -13.35
CA CYS B 229 -11.50 2.60 -13.15
C CYS B 229 -11.03 2.11 -11.79
N LYS B 230 -9.99 2.73 -11.24
CA LYS B 230 -9.57 2.38 -9.89
C LYS B 230 -10.71 2.69 -8.91
N GLU B 231 -11.38 3.83 -9.09
CA GLU B 231 -12.43 4.25 -8.18
C GLU B 231 -13.72 3.44 -8.31
N SER B 232 -13.97 2.89 -9.50
CA SER B 232 -15.30 2.44 -9.85
C SER B 232 -15.42 0.92 -10.04
N LEU B 233 -14.31 0.21 -10.11
CA LEU B 233 -14.37 -1.24 -10.25
C LEU B 233 -14.87 -1.90 -8.96
N VAL B 234 -14.09 -1.81 -7.89
CA VAL B 234 -14.51 -2.42 -6.62
C VAL B 234 -15.88 -1.92 -6.17
N ASP B 235 -16.20 -0.67 -6.51
CA ASP B 235 -17.49 -0.08 -6.20
C ASP B 235 -18.61 -0.82 -6.94
N GLY B 236 -18.42 -1.00 -8.24
CA GLY B 236 -19.39 -1.74 -9.01
C GLY B 236 -19.64 -3.14 -8.47
N ILE B 237 -18.56 -3.83 -8.13
CA ILE B 237 -18.66 -5.24 -7.72
C ILE B 237 -19.37 -5.38 -6.38
N ARG B 238 -19.19 -4.39 -5.51
CA ARG B 238 -19.85 -4.39 -4.20
C ARG B 238 -21.35 -4.18 -4.35
N ARG B 239 -21.73 -3.14 -5.09
CA ARG B 239 -23.13 -2.86 -5.29
C ARG B 239 -23.82 -4.08 -5.91
N GLY B 240 -23.09 -4.78 -6.78
CA GLY B 240 -23.65 -5.93 -7.46
C GLY B 240 -23.80 -7.19 -6.61
N THR B 241 -22.79 -7.50 -5.81
CA THR B 241 -22.72 -8.79 -5.12
C THR B 241 -22.54 -8.65 -3.63
N ASP B 242 -22.11 -7.48 -3.18
CA ASP B 242 -21.81 -7.27 -1.76
C ASP B 242 -20.77 -8.27 -1.21
N VAL B 243 -19.99 -8.85 -2.11
CA VAL B 243 -18.97 -9.83 -1.78
C VAL B 243 -17.87 -9.13 -0.94
N MET B 244 -17.12 -9.95 -0.21
CA MET B 244 -16.00 -9.50 0.58
C MET B 244 -14.75 -9.66 -0.28
N MET B 245 -13.97 -8.59 -0.35
CA MET B 245 -12.74 -8.54 -1.12
C MET B 245 -11.57 -9.24 -0.42
N ALA B 246 -11.31 -8.87 0.83
CA ALA B 246 -10.26 -9.51 1.65
C ALA B 246 -10.38 -11.00 1.63
N GLY B 247 -9.27 -11.68 1.37
CA GLY B 247 -9.27 -13.12 1.33
C GLY B 247 -9.47 -13.70 -0.06
N LYS B 248 -9.98 -12.88 -0.99
CA LYS B 248 -10.32 -13.36 -2.34
C LYS B 248 -9.18 -13.25 -3.33
N VAL B 249 -9.14 -14.18 -4.28
CA VAL B 249 -8.26 -14.10 -5.43
C VAL B 249 -9.05 -13.50 -6.60
N ALA B 250 -8.52 -12.43 -7.19
CA ALA B 250 -9.13 -11.81 -8.37
C ALA B 250 -8.18 -11.89 -9.55
N VAL B 251 -8.65 -12.47 -10.65
CA VAL B 251 -7.88 -12.48 -11.86
C VAL B 251 -8.26 -11.28 -12.72
N VAL B 252 -7.28 -10.43 -13.01
CA VAL B 252 -7.49 -9.30 -13.90
C VAL B 252 -6.87 -9.62 -15.26
N CYS B 253 -7.71 -9.66 -16.29
CA CYS B 253 -7.24 -9.91 -17.66
C CYS B 253 -6.81 -8.62 -18.34
N GLY B 254 -5.51 -8.52 -18.58
CA GLY B 254 -4.94 -7.36 -19.24
C GLY B 254 -4.37 -6.39 -18.23
N TYR B 255 -3.24 -5.78 -18.59
CA TYR B 255 -2.55 -4.85 -17.70
C TYR B 255 -2.12 -3.58 -18.42
N GLY B 256 -3.03 -3.04 -19.23
CA GLY B 256 -2.91 -1.68 -19.74
C GLY B 256 -3.40 -0.69 -18.70
N ASP B 257 -3.80 0.49 -19.14
CA ASP B 257 -4.22 1.51 -18.19
C ASP B 257 -5.42 1.07 -17.36
N VAL B 258 -6.43 0.50 -18.02
CA VAL B 258 -7.64 0.06 -17.35
C VAL B 258 -7.31 -1.13 -16.44
N GLY B 259 -6.52 -2.07 -16.94
CA GLY B 259 -6.02 -3.16 -16.09
C GLY B 259 -5.22 -2.70 -14.87
N LYS B 260 -4.31 -1.74 -15.04
CA LYS B 260 -3.49 -1.22 -13.93
C LYS B 260 -4.35 -0.60 -12.86
N GLY B 261 -5.33 0.22 -13.26
CA GLY B 261 -6.25 0.80 -12.31
C GLY B 261 -7.08 -0.26 -11.60
N SER B 262 -7.44 -1.31 -12.32
CA SER B 262 -8.32 -2.34 -11.80
C SER B 262 -7.59 -3.13 -10.75
N ALA B 263 -6.36 -3.51 -11.06
CA ALA B 263 -5.47 -4.15 -10.10
C ALA B 263 -5.35 -3.34 -8.80
N GLN B 264 -5.12 -2.04 -8.92
CA GLN B 264 -5.04 -1.19 -7.73
C GLN B 264 -6.35 -1.11 -6.97
N SER B 265 -7.48 -1.11 -7.68
CA SER B 265 -8.76 -1.04 -7.03
C SER B 265 -8.94 -2.29 -6.14
N LEU B 266 -8.68 -3.44 -6.73
CA LEU B 266 -8.85 -4.72 -6.05
C LEU B 266 -7.85 -4.91 -4.90
N ALA B 267 -6.56 -4.74 -5.19
CA ALA B 267 -5.57 -4.88 -4.14
C ALA B 267 -5.83 -3.92 -2.98
N GLY B 268 -6.25 -2.70 -3.30
CA GLY B 268 -6.51 -1.71 -2.28
C GLY B 268 -7.69 -2.08 -1.39
N ALA B 269 -8.60 -2.91 -1.91
CA ALA B 269 -9.79 -3.28 -1.16
C ALA B 269 -9.53 -4.53 -0.34
N GLY B 270 -8.34 -5.10 -0.56
CA GLY B 270 -7.89 -6.28 0.15
C GLY B 270 -7.81 -7.57 -0.65
N ALA B 271 -8.25 -7.57 -1.90
CA ALA B 271 -8.19 -8.80 -2.67
C ALA B 271 -6.75 -9.14 -3.07
N ARG B 272 -6.49 -10.41 -3.41
CA ARG B 272 -5.19 -10.80 -3.93
C ARG B 272 -5.24 -10.88 -5.46
N VAL B 273 -4.50 -10.01 -6.14
CA VAL B 273 -4.65 -9.89 -7.57
C VAL B 273 -3.67 -10.73 -8.38
N LYS B 274 -4.19 -11.51 -9.30
CA LYS B 274 -3.42 -12.08 -10.40
C LYS B 274 -3.72 -11.34 -11.72
N VAL B 275 -2.80 -11.39 -12.66
CA VAL B 275 -2.92 -10.62 -13.89
C VAL B 275 -2.56 -11.49 -15.10
N THR B 276 -3.29 -11.33 -16.21
CA THR B 276 -2.91 -11.98 -17.47
C THR B 276 -2.49 -10.92 -18.48
N GLU B 277 -1.66 -11.30 -19.44
CA GLU B 277 -1.25 -10.35 -20.49
C GLU B 277 -0.64 -11.08 -21.68
N VAL B 278 -0.63 -10.40 -22.82
CA VAL B 278 0.00 -10.92 -24.01
C VAL B 278 1.19 -10.04 -24.34
N ASP B 279 1.23 -8.87 -23.72
CA ASP B 279 2.31 -7.93 -23.96
C ASP B 279 3.38 -8.08 -22.86
N PRO B 280 4.60 -8.52 -23.23
CA PRO B 280 5.64 -8.88 -22.26
C PRO B 280 6.13 -7.69 -21.40
N ILE B 281 6.05 -6.47 -21.94
CA ILE B 281 6.39 -5.30 -21.14
C ILE B 281 5.37 -5.05 -20.02
N CYS B 282 4.09 -5.11 -20.38
CA CYS B 282 3.03 -4.92 -19.42
C CYS B 282 3.02 -6.06 -18.41
N ALA B 283 3.33 -7.26 -18.88
CA ALA B 283 3.36 -8.41 -17.98
C ALA B 283 4.45 -8.19 -16.94
N LEU B 284 5.62 -7.76 -17.41
CA LEU B 284 6.77 -7.51 -16.54
C LEU B 284 6.42 -6.40 -15.56
N GLN B 285 5.66 -5.40 -16.01
CA GLN B 285 5.15 -4.36 -15.10
C GLN B 285 4.34 -5.01 -13.97
N ALA B 286 3.45 -5.93 -14.34
CA ALA B 286 2.54 -6.55 -13.39
C ALA B 286 3.29 -7.37 -12.36
N ALA B 287 4.28 -8.12 -12.81
CA ALA B 287 5.06 -8.94 -11.90
C ALA B 287 5.85 -8.07 -10.94
N MET B 288 6.38 -6.96 -11.47
CA MET B 288 7.13 -5.99 -10.68
C MET B 288 6.26 -5.21 -9.69
N ASP B 289 4.99 -5.06 -10.01
CA ASP B 289 4.05 -4.40 -9.11
C ASP B 289 3.61 -5.38 -8.02
N GLY B 290 4.18 -6.58 -8.04
CA GLY B 290 3.96 -7.59 -7.01
C GLY B 290 2.79 -8.55 -7.20
N PHE B 291 2.24 -8.58 -8.41
CA PHE B 291 1.14 -9.46 -8.79
C PHE B 291 1.65 -10.70 -9.52
N GLU B 292 1.03 -11.84 -9.25
CA GLU B 292 1.35 -13.08 -9.91
C GLU B 292 0.82 -12.96 -11.34
N VAL B 293 1.66 -13.25 -12.32
CA VAL B 293 1.25 -13.15 -13.72
C VAL B 293 0.91 -14.53 -14.28
N VAL B 294 -0.37 -14.72 -14.64
CA VAL B 294 -0.87 -16.05 -14.99
C VAL B 294 -1.69 -16.04 -16.28
N THR B 295 -1.98 -17.23 -16.79
CA THR B 295 -2.98 -17.41 -17.85
C THR B 295 -4.33 -17.77 -17.25
N LEU B 296 -5.41 -17.24 -17.84
CA LEU B 296 -6.75 -17.53 -17.34
C LEU B 296 -7.03 -19.02 -17.43
N ASP B 297 -6.38 -19.68 -18.39
CA ASP B 297 -6.43 -21.11 -18.52
C ASP B 297 -6.04 -21.82 -17.23
N ASP B 298 -4.95 -21.36 -16.61
CA ASP B 298 -4.44 -21.98 -15.38
C ASP B 298 -5.14 -21.50 -14.13
N ALA B 299 -5.57 -20.24 -14.16
CA ALA B 299 -6.06 -19.59 -12.95
C ALA B 299 -7.59 -19.62 -12.78
N ALA B 300 -8.31 -19.99 -13.83
CA ALA B 300 -9.77 -19.95 -13.79
C ALA B 300 -10.39 -20.81 -12.70
N SER B 301 -9.93 -22.05 -12.55
CA SER B 301 -10.59 -22.97 -11.63
C SER B 301 -10.55 -22.53 -10.16
N THR B 302 -9.59 -21.67 -9.79
CA THR B 302 -9.47 -21.21 -8.39
C THR B 302 -9.73 -19.72 -8.12
N ALA B 303 -10.09 -18.98 -9.16
CA ALA B 303 -10.42 -17.57 -9.04
C ALA B 303 -11.72 -17.39 -8.27
N ASP B 304 -11.88 -16.26 -7.59
CA ASP B 304 -13.16 -15.95 -6.97
C ASP B 304 -13.83 -14.80 -7.71
N ILE B 305 -13.01 -14.00 -8.40
CA ILE B 305 -13.50 -12.89 -9.21
C ILE B 305 -12.65 -12.88 -10.47
N VAL B 306 -13.29 -12.76 -11.63
CA VAL B 306 -12.53 -12.57 -12.87
C VAL B 306 -13.05 -11.38 -13.64
N VAL B 307 -12.17 -10.41 -13.90
CA VAL B 307 -12.57 -9.18 -14.52
C VAL B 307 -11.73 -8.97 -15.77
N THR B 308 -12.36 -8.55 -16.85
CA THR B 308 -11.67 -8.39 -18.13
C THR B 308 -11.53 -6.91 -18.46
N THR B 309 -10.36 -6.52 -18.98
CA THR B 309 -10.03 -5.12 -19.22
C THR B 309 -9.24 -4.92 -20.51
N THR B 310 -9.25 -5.92 -21.38
CA THR B 310 -8.38 -5.97 -22.54
C THR B 310 -8.81 -5.11 -23.73
N GLY B 311 -10.10 -5.04 -24.02
CA GLY B 311 -10.58 -4.39 -25.22
C GLY B 311 -10.49 -5.33 -26.42
N ASN B 312 -10.15 -6.58 -26.15
CA ASN B 312 -10.15 -7.66 -27.13
C ASN B 312 -11.51 -8.35 -27.10
N LYS B 313 -11.56 -9.55 -27.69
CA LYS B 313 -12.74 -10.39 -27.65
C LYS B 313 -12.34 -11.82 -27.28
N ASP B 314 -13.31 -12.61 -26.84
CA ASP B 314 -13.07 -14.01 -26.51
C ASP B 314 -11.97 -14.16 -25.48
N VAL B 315 -11.98 -13.26 -24.50
CA VAL B 315 -10.99 -13.29 -23.42
C VAL B 315 -11.41 -14.28 -22.35
N ILE B 316 -12.63 -14.14 -21.84
CA ILE B 316 -13.20 -15.15 -20.94
C ILE B 316 -14.18 -16.03 -21.71
N THR B 317 -13.75 -17.24 -22.03
CA THR B 317 -14.52 -18.12 -22.91
C THR B 317 -15.39 -19.10 -22.12
N ILE B 318 -16.26 -19.81 -22.83
CA ILE B 318 -17.09 -20.84 -22.20
C ILE B 318 -16.23 -21.90 -21.55
N ASP B 319 -15.08 -22.23 -22.15
CA ASP B 319 -14.16 -23.21 -21.57
C ASP B 319 -13.56 -22.77 -20.22
N HIS B 320 -13.28 -21.48 -20.09
CA HIS B 320 -12.84 -20.94 -18.80
C HIS B 320 -13.97 -20.98 -17.80
N MET B 321 -15.17 -20.63 -18.26
CA MET B 321 -16.28 -20.49 -17.35
C MET B 321 -16.74 -21.85 -16.81
N ARG B 322 -16.50 -22.89 -17.60
CA ARG B 322 -16.80 -24.25 -17.16
C ARG B 322 -15.85 -24.67 -16.05
N LYS B 323 -14.63 -24.15 -16.11
CA LYS B 323 -13.59 -24.52 -15.13
C LYS B 323 -13.78 -23.80 -13.79
N MET B 324 -14.36 -22.61 -13.82
CA MET B 324 -14.55 -21.81 -12.61
C MET B 324 -15.29 -22.53 -11.49
N LYS B 325 -14.97 -22.16 -10.26
CA LYS B 325 -15.62 -22.69 -9.08
C LYS B 325 -16.99 -22.03 -8.91
N ASP B 326 -17.80 -22.61 -8.02
CA ASP B 326 -19.16 -22.14 -7.77
C ASP B 326 -19.18 -20.76 -7.13
N MET B 327 -20.06 -19.90 -7.62
CA MET B 327 -20.19 -18.52 -7.14
C MET B 327 -19.05 -17.56 -7.54
N CYS B 328 -18.21 -17.96 -8.50
CA CYS B 328 -17.25 -17.03 -9.08
C CYS B 328 -17.97 -15.84 -9.72
N ILE B 329 -17.50 -14.64 -9.42
CA ILE B 329 -18.06 -13.42 -9.97
C ILE B 329 -17.29 -13.06 -11.23
N VAL B 330 -18.02 -12.69 -12.29
CA VAL B 330 -17.45 -12.48 -13.60
C VAL B 330 -17.97 -11.16 -14.17
N GLY B 331 -17.04 -10.34 -14.65
CA GLY B 331 -17.37 -9.00 -15.10
C GLY B 331 -16.40 -8.48 -16.16
N ASN B 332 -16.83 -7.44 -16.86
CA ASN B 332 -16.08 -6.81 -17.94
C ASN B 332 -16.08 -5.32 -17.69
N ILE B 333 -14.91 -4.71 -17.75
CA ILE B 333 -14.83 -3.26 -17.63
C ILE B 333 -14.12 -2.68 -18.87
N GLY B 334 -13.75 -3.56 -19.80
CA GLY B 334 -13.16 -3.15 -21.06
C GLY B 334 -14.17 -2.54 -22.02
N HIS B 335 -14.20 -3.03 -23.25
CA HIS B 335 -15.18 -2.53 -24.23
C HIS B 335 -15.51 -3.61 -25.24
N PHE B 336 -16.79 -3.91 -25.36
CA PHE B 336 -17.80 -3.28 -24.52
C PHE B 336 -18.89 -4.32 -24.27
N ASP B 337 -18.73 -5.44 -24.97
CA ASP B 337 -19.41 -6.71 -24.76
C ASP B 337 -18.58 -7.56 -25.70
N ASN B 338 -18.61 -8.88 -25.54
CA ASN B 338 -17.79 -9.81 -26.32
C ASN B 338 -16.39 -10.12 -25.77
N GLU B 339 -15.96 -9.45 -24.71
CA GLU B 339 -14.73 -9.88 -24.02
C GLU B 339 -15.05 -11.20 -23.35
N ILE B 340 -16.26 -11.27 -22.80
CA ILE B 340 -16.80 -12.49 -22.24
C ILE B 340 -17.76 -13.12 -23.24
N GLN B 341 -17.73 -14.44 -23.34
CA GLN B 341 -18.56 -15.15 -24.30
C GLN B 341 -19.96 -15.36 -23.70
N VAL B 342 -20.65 -14.26 -23.41
CA VAL B 342 -21.95 -14.33 -22.71
C VAL B 342 -22.99 -15.12 -23.53
N ALA B 343 -23.01 -14.83 -24.82
CA ALA B 343 -23.95 -15.45 -25.71
C ALA B 343 -23.83 -16.96 -25.63
N ALA B 344 -22.59 -17.45 -25.55
CA ALA B 344 -22.35 -18.89 -25.44
C ALA B 344 -23.03 -19.52 -24.21
N LEU B 345 -23.49 -18.69 -23.29
CA LEU B 345 -24.12 -19.17 -22.06
C LEU B 345 -25.65 -19.18 -22.09
N ARG B 346 -26.22 -18.78 -23.22
CA ARG B 346 -27.65 -18.53 -23.33
C ARG B 346 -28.51 -19.78 -23.24
N ASN B 347 -27.91 -20.96 -23.37
CA ASN B 347 -28.67 -22.18 -23.18
C ASN B 347 -28.69 -22.70 -21.74
N LEU B 348 -27.79 -22.21 -20.91
CA LEU B 348 -27.76 -22.58 -19.50
C LEU B 348 -28.90 -21.89 -18.73
N LYS B 349 -29.24 -22.42 -17.55
CA LYS B 349 -30.29 -21.82 -16.70
C LYS B 349 -29.84 -20.51 -16.08
N TRP B 350 -30.50 -19.42 -16.44
CA TRP B 350 -30.21 -18.10 -15.90
C TRP B 350 -31.24 -17.73 -14.84
N THR B 351 -30.79 -17.26 -13.68
CA THR B 351 -31.70 -16.76 -12.66
C THR B 351 -31.35 -15.32 -12.31
N ASN B 352 -32.16 -14.37 -12.76
CA ASN B 352 -31.90 -12.97 -12.45
C ASN B 352 -31.97 -12.77 -10.96
N VAL B 353 -30.99 -12.06 -10.40
CA VAL B 353 -30.93 -11.81 -8.97
C VAL B 353 -31.52 -10.43 -8.72
N LYS B 354 -31.11 -9.49 -9.56
CA LYS B 354 -31.63 -8.13 -9.56
C LYS B 354 -31.06 -7.42 -10.81
N PRO B 355 -31.36 -6.14 -11.01
CA PRO B 355 -30.82 -5.49 -12.20
C PRO B 355 -29.30 -5.55 -12.30
N GLN B 356 -28.83 -6.00 -13.46
CA GLN B 356 -27.40 -6.10 -13.77
C GLN B 356 -26.66 -7.23 -13.00
N VAL B 357 -27.41 -8.09 -12.30
CA VAL B 357 -26.81 -9.25 -11.63
C VAL B 357 -27.58 -10.54 -11.90
N ASP B 358 -26.91 -11.49 -12.53
CA ASP B 358 -27.53 -12.74 -12.95
C ASP B 358 -26.75 -13.96 -12.48
N LEU B 359 -27.48 -14.93 -11.93
CA LEU B 359 -26.93 -16.21 -11.54
C LEU B 359 -27.05 -17.16 -12.73
N ILE B 360 -25.94 -17.72 -13.20
CA ILE B 360 -25.98 -18.68 -14.29
C ILE B 360 -25.54 -20.07 -13.84
N GLU B 361 -26.41 -21.06 -14.05
CA GLU B 361 -26.13 -22.41 -13.60
C GLU B 361 -25.74 -23.38 -14.72
N PHE B 362 -24.63 -24.09 -14.50
CA PHE B 362 -24.12 -25.08 -15.46
C PHE B 362 -24.77 -26.44 -15.24
N PRO B 363 -24.53 -27.39 -16.16
CA PRO B 363 -25.13 -28.71 -16.03
C PRO B 363 -24.83 -29.37 -14.68
N ASP B 364 -23.62 -29.20 -14.18
CA ASP B 364 -23.24 -29.86 -12.93
C ASP B 364 -23.61 -29.13 -11.64
N GLY B 365 -24.46 -28.11 -11.72
CA GLY B 365 -24.79 -27.33 -10.53
C GLY B 365 -23.87 -26.16 -10.23
N LYS B 366 -22.70 -26.12 -10.84
CA LYS B 366 -21.82 -24.96 -10.72
C LYS B 366 -22.54 -23.70 -11.21
N ARG B 367 -22.61 -22.69 -10.36
CA ARG B 367 -23.16 -21.40 -10.73
C ARG B 367 -22.05 -20.35 -10.94
N LEU B 368 -22.37 -19.31 -11.71
CA LEU B 368 -21.51 -18.13 -11.84
C LEU B 368 -22.36 -16.93 -11.52
N ILE B 369 -21.73 -15.86 -11.04
CA ILE B 369 -22.45 -14.61 -10.87
C ILE B 369 -21.91 -13.71 -11.96
N LEU B 370 -22.81 -13.21 -12.81
CA LEU B 370 -22.40 -12.43 -13.99
C LEU B 370 -22.91 -11.01 -13.84
N LEU B 371 -22.04 -10.04 -14.06
CA LEU B 371 -22.42 -8.65 -13.86
C LEU B 371 -22.77 -7.96 -15.19
N SER B 372 -23.91 -7.25 -15.20
CA SER B 372 -24.27 -6.39 -16.33
C SER B 372 -24.32 -7.13 -17.66
N GLU B 373 -24.62 -8.43 -17.60
CA GLU B 373 -24.63 -9.28 -18.79
C GLU B 373 -23.33 -9.20 -19.60
N GLY B 374 -22.25 -8.80 -18.94
CA GLY B 374 -20.93 -8.83 -19.55
C GLY B 374 -20.58 -7.55 -20.27
N ARG B 375 -21.41 -6.54 -20.10
CA ARG B 375 -21.11 -5.21 -20.60
C ARG B 375 -20.39 -4.46 -19.50
N LEU B 376 -19.99 -3.22 -19.77
CA LEU B 376 -19.30 -2.38 -18.79
C LEU B 376 -19.97 -2.38 -17.42
N LEU B 377 -19.24 -2.84 -16.41
CA LEU B 377 -19.86 -3.00 -15.09
C LEU B 377 -19.84 -1.74 -14.25
N ASN B 378 -18.84 -0.89 -14.48
CA ASN B 378 -18.74 0.34 -13.70
C ASN B 378 -19.89 1.29 -14.01
N LEU B 379 -20.47 1.12 -15.20
CA LEU B 379 -21.64 1.90 -15.59
C LEU B 379 -22.89 1.11 -15.23
N GLY B 380 -22.81 -0.20 -15.42
CA GLY B 380 -23.93 -1.07 -15.20
C GLY B 380 -24.36 -1.26 -13.76
N ASN B 381 -23.39 -1.48 -12.88
CA ASN B 381 -23.68 -1.72 -11.47
C ASN B 381 -23.39 -0.53 -10.58
N ALA B 382 -22.66 0.45 -11.12
CA ALA B 382 -22.32 1.64 -10.35
C ALA B 382 -22.91 2.87 -11.00
N THR B 383 -22.11 3.93 -11.09
CA THR B 383 -22.59 5.19 -11.64
C THR B 383 -21.51 5.83 -12.52
N GLY B 384 -20.71 4.98 -13.14
CA GLY B 384 -19.61 5.44 -13.97
C GLY B 384 -18.50 6.06 -13.14
N HIS B 385 -17.66 6.82 -13.80
CA HIS B 385 -16.55 7.48 -13.12
C HIS B 385 -17.03 8.69 -12.35
N PRO B 386 -16.35 8.99 -11.25
CA PRO B 386 -16.62 10.16 -10.39
C PRO B 386 -16.44 11.48 -11.15
N SER B 387 -16.91 12.58 -10.56
CA SER B 387 -17.00 13.84 -11.31
C SER B 387 -15.64 14.49 -11.54
N PHE B 388 -14.78 14.44 -10.51
CA PHE B 388 -13.40 14.90 -10.62
C PHE B 388 -12.72 14.30 -11.86
N VAL B 389 -12.86 12.99 -12.05
CA VAL B 389 -12.30 12.28 -13.19
C VAL B 389 -12.81 12.86 -14.50
N MET B 390 -14.13 12.98 -14.60
CA MET B 390 -14.75 13.48 -15.81
C MET B 390 -14.40 14.96 -16.03
N SER B 391 -14.18 15.69 -14.94
CA SER B 391 -13.77 17.08 -15.04
C SER B 391 -12.43 17.24 -15.75
N ALA B 392 -11.49 16.35 -15.46
CA ALA B 392 -10.19 16.39 -16.10
C ALA B 392 -10.36 16.12 -17.57
N SER B 393 -11.18 15.13 -17.86
CA SER B 393 -11.40 14.72 -19.23
C SER B 393 -12.21 15.73 -20.08
N PHE B 394 -13.26 16.32 -19.51
CA PHE B 394 -14.05 17.36 -20.22
C PHE B 394 -13.33 18.70 -20.34
N THR B 395 -12.46 19.02 -19.39
CA THR B 395 -11.64 20.20 -19.52
C THR B 395 -10.76 20.10 -20.77
N ASN B 396 -10.33 18.88 -21.11
CA ASN B 396 -9.59 18.65 -22.35
C ASN B 396 -10.39 19.04 -23.61
N GLN B 397 -11.66 18.66 -23.66
CA GLN B 397 -12.53 19.06 -24.78
C GLN B 397 -12.56 20.58 -24.93
N VAL B 398 -12.84 21.26 -23.82
CA VAL B 398 -12.91 22.70 -23.82
C VAL B 398 -11.66 23.25 -24.48
N LEU B 399 -10.51 22.98 -23.86
CA LEU B 399 -9.25 23.55 -24.35
C LEU B 399 -9.01 23.24 -25.82
N GLY B 400 -9.35 22.02 -26.23
CA GLY B 400 -9.25 21.63 -27.63
C GLY B 400 -10.13 22.49 -28.52
N GLN B 401 -11.33 22.81 -28.03
CA GLN B 401 -12.28 23.59 -28.79
C GLN B 401 -11.78 25.01 -29.00
N ILE B 402 -11.34 25.63 -27.91
CA ILE B 402 -10.70 26.94 -27.96
C ILE B 402 -9.53 26.92 -28.95
N GLU B 403 -8.65 25.93 -28.81
CA GLU B 403 -7.49 25.79 -29.67
C GLU B 403 -7.85 25.79 -31.16
N LEU B 404 -8.75 24.89 -31.57
CA LEU B 404 -9.12 24.79 -32.99
C LEU B 404 -9.90 26.01 -33.47
N PHE B 405 -10.90 26.42 -32.69
CA PHE B 405 -11.71 27.57 -33.06
C PHE B 405 -10.89 28.87 -33.19
N THR B 406 -9.92 29.07 -32.30
CA THR B 406 -9.17 30.33 -32.25
C THR B 406 -7.82 30.32 -33.00
N ARG B 407 -7.30 29.15 -33.32
CA ARG B 407 -6.05 29.08 -34.07
CA ARG B 407 -6.05 29.07 -34.05
C ARG B 407 -6.20 28.11 -35.24
N THR B 408 -7.38 28.10 -35.86
CA THR B 408 -7.71 27.28 -37.01
C THR B 408 -6.56 27.31 -38.01
N ASP B 409 -6.10 28.53 -38.33
CA ASP B 409 -5.04 28.73 -39.32
C ASP B 409 -3.72 27.97 -39.05
N ALA B 410 -3.39 27.79 -37.77
CA ALA B 410 -2.16 27.09 -37.41
C ALA B 410 -2.21 25.58 -37.63
N TYR B 411 -3.34 25.08 -38.13
CA TYR B 411 -3.52 23.64 -38.25
C TYR B 411 -3.87 23.14 -39.64
N LYS B 412 -3.13 22.12 -40.07
CA LYS B 412 -3.43 21.39 -41.29
C LYS B 412 -4.64 20.47 -41.08
N ASN B 413 -5.22 20.04 -42.19
CA ASN B 413 -6.30 19.06 -42.10
C ASN B 413 -5.74 17.69 -41.78
N GLU B 414 -5.33 17.50 -40.52
CA GLU B 414 -4.81 16.22 -40.04
C GLU B 414 -5.28 16.02 -38.60
N VAL B 415 -5.05 14.83 -38.06
CA VAL B 415 -5.30 14.63 -36.63
C VAL B 415 -4.07 15.07 -35.85
N TYR B 416 -4.29 15.91 -34.84
CA TYR B 416 -3.23 16.38 -33.96
C TYR B 416 -3.61 15.99 -32.54
N VAL B 417 -2.61 15.76 -31.69
CA VAL B 417 -2.88 15.59 -30.27
C VAL B 417 -2.96 16.98 -29.65
N LEU B 418 -3.62 17.05 -28.51
CA LEU B 418 -3.71 18.31 -27.78
C LEU B 418 -2.30 18.78 -27.39
N PRO B 419 -1.98 20.05 -27.65
CA PRO B 419 -0.65 20.57 -27.35
C PRO B 419 -0.30 20.38 -25.87
N LYS B 420 0.94 20.01 -25.57
CA LYS B 420 1.31 19.60 -24.20
C LYS B 420 1.05 20.74 -23.21
N HIS B 421 1.18 21.98 -23.66
CA HIS B 421 1.00 23.10 -22.75
C HIS B 421 -0.45 23.19 -22.30
N LEU B 422 -1.37 22.68 -23.12
CA LEU B 422 -2.77 22.64 -22.73
C LEU B 422 -3.05 21.45 -21.82
N ASP B 423 -2.48 20.30 -22.15
CA ASP B 423 -2.51 19.14 -21.26
C ASP B 423 -2.04 19.57 -19.85
N GLU B 424 -0.95 20.31 -19.78
CA GLU B 424 -0.43 20.79 -18.51
C GLU B 424 -1.42 21.72 -17.85
N LYS B 425 -2.02 22.60 -18.65
CA LYS B 425 -3.03 23.54 -18.17
C LYS B 425 -4.21 22.85 -17.49
N VAL B 426 -4.63 21.73 -18.06
CA VAL B 426 -5.70 20.94 -17.48
C VAL B 426 -5.31 20.56 -16.07
N ALA B 427 -4.10 20.00 -15.91
CA ALA B 427 -3.60 19.58 -14.61
C ALA B 427 -3.58 20.74 -13.63
N ARG B 428 -3.04 21.90 -14.05
CA ARG B 428 -2.96 23.07 -13.17
C ARG B 428 -4.34 23.38 -12.61
N LEU B 429 -5.34 23.28 -13.48
CA LEU B 429 -6.71 23.67 -13.18
C LEU B 429 -7.33 22.81 -12.07
N HIS B 430 -6.75 21.64 -11.85
CA HIS B 430 -7.25 20.73 -10.81
C HIS B 430 -6.38 20.69 -9.53
N LEU B 431 -5.21 21.30 -9.58
CA LEU B 431 -4.27 21.25 -8.48
C LEU B 431 -4.82 21.90 -7.20
N ASP B 432 -5.38 23.11 -7.37
CA ASP B 432 -5.87 23.90 -6.24
C ASP B 432 -6.94 23.22 -5.41
N LYS B 433 -7.87 22.55 -6.08
CA LYS B 433 -8.92 21.86 -5.34
C LYS B 433 -8.29 20.81 -4.42
N LEU B 434 -7.22 20.17 -4.91
CA LEU B 434 -6.56 19.12 -4.15
C LEU B 434 -5.67 19.66 -3.03
N GLY B 435 -5.45 20.97 -3.03
CA GLY B 435 -4.51 21.55 -2.09
C GLY B 435 -3.06 21.28 -2.47
N ALA B 436 -2.82 20.89 -3.72
CA ALA B 436 -1.46 20.61 -4.18
C ALA B 436 -0.79 21.91 -4.63
N LYS B 437 0.35 22.20 -4.02
CA LYS B 437 1.04 23.47 -4.26
C LYS B 437 2.27 23.28 -5.18
N LEU B 438 2.23 23.96 -6.31
CA LEU B 438 3.24 23.82 -7.34
C LEU B 438 4.48 24.67 -7.07
N THR B 439 5.68 24.10 -7.29
CA THR B 439 6.93 24.86 -7.20
C THR B 439 7.23 25.55 -8.53
N VAL B 440 7.92 26.70 -8.51
CA VAL B 440 8.26 27.42 -9.75
C VAL B 440 9.77 27.44 -10.05
N LEU B 441 10.17 27.00 -11.25
CA LEU B 441 11.58 27.01 -11.64
C LEU B 441 12.10 28.42 -11.66
N SER B 442 13.30 28.61 -11.10
CA SER B 442 14.03 29.86 -11.33
C SER B 442 14.40 29.89 -12.80
N GLU B 443 14.76 31.06 -13.29
CA GLU B 443 15.15 31.16 -14.69
C GLU B 443 16.40 30.31 -14.97
N GLU B 444 17.30 30.26 -13.97
CA GLU B 444 18.52 29.47 -14.05
C GLU B 444 18.26 27.96 -14.10
N GLN B 445 17.42 27.47 -13.18
CA GLN B 445 17.00 26.07 -13.18
C GLN B 445 16.34 25.66 -14.49
N ALA B 446 15.50 26.53 -15.04
CA ALA B 446 14.78 26.22 -16.29
C ALA B 446 15.71 26.02 -17.49
N ALA B 447 16.66 26.94 -17.66
CA ALA B 447 17.63 26.83 -18.76
C ALA B 447 18.49 25.59 -18.59
N TYR B 448 18.75 25.25 -17.32
CA TYR B 448 19.62 24.13 -16.96
C TYR B 448 19.08 22.84 -17.53
N ILE B 449 17.77 22.67 -17.44
CA ILE B 449 17.16 21.42 -17.86
C ILE B 449 16.57 21.56 -19.24
N GLY B 450 16.60 22.76 -19.79
CA GLY B 450 16.24 22.97 -21.18
C GLY B 450 14.79 23.33 -21.47
N VAL B 451 14.16 24.02 -20.54
CA VAL B 451 12.77 24.45 -20.68
C VAL B 451 12.64 25.87 -20.18
N THR B 452 11.42 26.41 -20.23
CA THR B 452 11.14 27.73 -19.68
C THR B 452 10.38 27.54 -18.39
N PRO B 453 10.35 28.56 -17.55
CA PRO B 453 9.64 28.47 -16.28
C PRO B 453 8.13 28.25 -16.45
N GLN B 454 7.62 28.46 -17.66
CA GLN B 454 6.18 28.30 -17.92
C GLN B 454 5.82 26.91 -18.46
N GLY B 455 6.81 26.09 -18.77
CA GLY B 455 6.54 24.82 -19.42
C GLY B 455 6.22 25.11 -20.87
N PRO B 456 5.98 24.07 -21.67
CA PRO B 456 5.90 22.66 -21.26
C PRO B 456 7.19 22.14 -20.64
N PHE B 457 7.09 21.19 -19.70
CA PHE B 457 8.25 20.71 -18.97
C PHE B 457 8.85 19.40 -19.46
N LYS B 458 8.17 18.71 -20.36
CA LYS B 458 8.69 17.42 -20.81
C LYS B 458 8.71 17.35 -22.32
N SER B 459 9.49 16.43 -22.87
CA SER B 459 9.59 16.29 -24.31
C SER B 459 8.30 15.67 -24.85
N GLU B 460 8.07 15.85 -26.16
CA GLU B 460 6.82 15.45 -26.78
C GLU B 460 6.37 14.05 -26.39
N HIS B 461 7.30 13.12 -26.29
CA HIS B 461 6.91 11.74 -26.01
C HIS B 461 7.33 11.18 -24.65
N TYR B 462 7.54 12.06 -23.68
CA TYR B 462 7.71 11.64 -22.28
C TYR B 462 6.51 10.76 -21.85
N ARG B 463 6.79 9.63 -21.20
CA ARG B 463 5.74 8.66 -20.88
C ARG B 463 5.05 8.88 -19.53
N TYR B 464 5.59 9.80 -18.72
CA TYR B 464 5.09 10.00 -17.36
C TYR B 464 4.90 8.71 -16.57
N SER C 4 39.31 -7.69 31.61
CA SER C 4 38.58 -6.55 32.18
C SER C 4 37.39 -6.15 31.28
N MET C 5 37.53 -6.44 30.00
CA MET C 5 36.55 -6.16 28.97
C MET C 5 37.01 -7.02 27.79
N VAL C 6 36.08 -7.45 26.96
CA VAL C 6 36.48 -8.09 25.71
C VAL C 6 35.68 -7.50 24.57
N VAL C 7 36.34 -6.70 23.72
CA VAL C 7 35.69 -6.23 22.50
C VAL C 7 36.57 -6.50 21.30
N LYS C 8 36.01 -6.38 20.10
CA LYS C 8 36.75 -6.62 18.87
C LYS C 8 37.91 -5.64 18.68
N ASP C 9 37.65 -4.37 18.95
CA ASP C 9 38.58 -3.30 18.61
C ASP C 9 38.17 -2.04 19.35
N ILE C 10 38.95 -1.65 20.35
CA ILE C 10 38.62 -0.51 21.18
C ILE C 10 38.75 0.79 20.40
N SER C 11 39.44 0.74 19.27
CA SER C 11 39.62 1.96 18.47
C SER C 11 38.32 2.39 17.78
N LEU C 12 37.31 1.54 17.83
CA LEU C 12 36.04 1.87 17.18
C LEU C 12 35.17 2.73 18.08
N ALA C 13 35.66 3.05 19.27
CA ALA C 13 34.87 3.78 20.26
C ALA C 13 34.34 5.10 19.76
N ASP C 14 35.19 5.87 19.07
CA ASP C 14 34.81 7.20 18.63
C ASP C 14 33.63 7.13 17.68
N TRP C 15 33.70 6.20 16.73
CA TRP C 15 32.61 5.96 15.79
C TRP C 15 31.36 5.59 16.57
N GLY C 16 31.49 4.66 17.50
CA GLY C 16 30.37 4.30 18.37
C GLY C 16 29.77 5.51 19.03
N ARG C 17 30.63 6.41 19.52
CA ARG C 17 30.15 7.58 20.26
C ARG C 17 29.35 8.51 19.40
N LYS C 18 29.83 8.73 18.17
CA LYS C 18 29.12 9.59 17.23
C LYS C 18 27.72 9.05 16.95
N GLU C 19 27.64 7.75 16.66
CA GLU C 19 26.35 7.14 16.41
C GLU C 19 25.45 7.18 17.65
N LEU C 20 26.04 7.17 18.85
CA LEU C 20 25.26 7.31 20.08
C LEU C 20 24.68 8.72 20.23
N ASP C 21 25.42 9.73 19.78
CA ASP C 21 24.93 11.09 19.78
C ASP C 21 23.66 11.15 18.95
N ILE C 22 23.67 10.45 17.83
CA ILE C 22 22.55 10.40 16.94
C ILE C 22 21.41 9.59 17.53
N ALA C 23 21.72 8.41 18.05
CA ALA C 23 20.67 7.53 18.58
C ALA C 23 19.85 8.17 19.70
N GLU C 24 20.49 9.02 20.50
CA GLU C 24 19.82 9.67 21.63
C GLU C 24 18.72 10.59 21.15
N THR C 25 18.91 11.21 19.99
CA THR C 25 17.87 12.08 19.44
C THR C 25 16.69 11.26 18.90
N GLU C 26 16.95 9.97 18.69
CA GLU C 26 15.91 9.04 18.25
C GLU C 26 15.27 8.26 19.40
N MET C 27 15.75 8.45 20.63
CA MET C 27 15.27 7.64 21.76
C MET C 27 14.76 8.48 22.92
N PRO C 28 13.62 9.16 22.73
CA PRO C 28 13.13 10.12 23.73
C PRO C 28 12.69 9.43 25.00
N GLY C 29 12.37 8.15 24.90
CA GLY C 29 11.94 7.40 26.05
C GLY C 29 13.05 7.29 27.08
N LEU C 30 14.20 6.80 26.63
CA LEU C 30 15.34 6.66 27.52
C LEU C 30 15.83 8.01 28.02
N MET C 31 15.81 9.02 27.15
CA MET C 31 16.33 10.31 27.55
C MET C 31 15.40 10.94 28.56
N ALA C 32 14.13 10.62 28.48
CA ALA C 32 13.18 11.18 29.42
C ALA C 32 13.38 10.54 30.78
N ALA C 33 13.85 9.29 30.76
CA ALA C 33 14.13 8.55 31.98
C ALA C 33 15.37 9.06 32.67
N ARG C 34 16.32 9.54 31.88
CA ARG C 34 17.50 10.18 32.43
C ARG C 34 17.08 11.46 33.14
N GLU C 35 16.16 12.22 32.53
CA GLU C 35 15.69 13.46 33.14
C GLU C 35 14.92 13.21 34.43
N GLU C 36 14.01 12.26 34.38
CA GLU C 36 13.11 12.05 35.48
C GLU C 36 13.81 11.42 36.69
N PHE C 37 14.70 10.46 36.44
CA PHE C 37 15.27 9.63 37.51
C PHE C 37 16.76 9.82 37.78
N GLY C 38 17.40 10.76 37.09
CA GLY C 38 18.82 10.95 37.24
C GLY C 38 19.26 11.36 38.64
N LYS C 39 18.59 12.38 39.16
CA LYS C 39 18.91 12.96 40.46
C LYS C 39 18.47 12.01 41.58
N SER C 40 17.31 11.40 41.38
CA SER C 40 16.74 10.46 42.33
C SER C 40 17.57 9.17 42.46
N GLN C 41 18.23 8.77 41.37
CA GLN C 41 19.11 7.60 41.42
C GLN C 41 18.48 6.35 42.03
N PRO C 42 17.35 5.90 41.46
CA PRO C 42 16.60 4.73 41.94
C PRO C 42 17.34 3.41 41.84
N LEU C 43 18.38 3.35 41.03
CA LEU C 43 19.12 2.11 40.84
C LEU C 43 20.49 2.17 41.48
N LYS C 44 20.74 3.22 42.27
CA LYS C 44 21.94 3.27 43.08
C LYS C 44 21.99 2.01 43.92
N GLY C 45 23.05 1.23 43.77
CA GLY C 45 23.24 0.00 44.51
C GLY C 45 22.88 -1.22 43.70
N ALA C 46 22.34 -0.99 42.50
CA ALA C 46 21.94 -2.08 41.63
C ALA C 46 23.18 -2.66 40.96
N ARG C 47 23.23 -3.97 40.88
CA ARG C 47 24.34 -4.66 40.25
C ARG C 47 23.78 -5.56 39.15
N ILE C 48 23.67 -4.98 37.96
CA ILE C 48 22.94 -5.58 36.83
C ILE C 48 23.82 -6.35 35.85
N SER C 49 23.58 -7.65 35.71
CA SER C 49 24.16 -8.42 34.61
C SER C 49 23.21 -8.42 33.43
N GLY C 50 23.63 -7.83 32.32
CA GLY C 50 22.81 -7.74 31.13
C GLY C 50 23.24 -8.73 30.04
N SER C 51 22.28 -9.50 29.52
CA SER C 51 22.51 -10.35 28.37
C SER C 51 21.53 -9.97 27.25
N LEU C 52 22.00 -9.12 26.34
CA LEU C 52 21.14 -8.45 25.36
C LEU C 52 21.96 -7.86 24.21
N HIS C 53 21.62 -8.26 22.99
CA HIS C 53 22.30 -7.80 21.76
C HIS C 53 23.07 -6.50 21.96
N MET C 54 24.39 -6.58 21.91
CA MET C 54 25.23 -5.40 22.14
C MET C 54 25.22 -4.44 20.94
N THR C 55 24.10 -3.76 20.76
CA THR C 55 23.93 -2.83 19.65
C THR C 55 24.03 -1.39 20.16
N ILE C 56 24.03 -0.43 19.23
CA ILE C 56 24.00 1.00 19.60
C ILE C 56 22.83 1.29 20.53
N GLN C 57 21.71 0.62 20.28
CA GLN C 57 20.49 0.83 21.05
C GLN C 57 20.69 0.35 22.47
N THR C 58 21.23 -0.86 22.60
CA THR C 58 21.54 -1.39 23.92
C THR C 58 22.51 -0.45 24.65
N ALA C 59 23.48 0.11 23.94
CA ALA C 59 24.42 1.06 24.56
C ALA C 59 23.71 2.29 25.16
N VAL C 60 22.76 2.87 24.45
CA VAL C 60 21.94 3.93 25.02
C VAL C 60 21.19 3.47 26.28
N LEU C 61 20.71 2.22 26.29
CA LEU C 61 20.02 1.71 27.47
C LEU C 61 21.00 1.63 28.62
N ILE C 62 22.12 0.96 28.37
CA ILE C 62 23.20 0.80 29.36
C ILE C 62 23.59 2.12 30.04
N GLU C 63 23.82 3.16 29.24
CA GLU C 63 24.19 4.47 29.77
C GLU C 63 23.03 5.11 30.57
N THR C 64 21.80 4.77 30.19
CA THR C 64 20.63 5.23 30.93
C THR C 64 20.58 4.55 32.30
N LEU C 65 20.79 3.24 32.33
CA LEU C 65 20.86 2.51 33.59
C LEU C 65 21.92 3.13 34.51
N LYS C 66 23.05 3.53 33.93
CA LYS C 66 24.14 4.08 34.72
C LYS C 66 23.78 5.46 35.28
N VAL C 67 23.14 6.28 34.46
CA VAL C 67 22.71 7.58 34.91
C VAL C 67 21.73 7.43 36.09
N LEU C 68 21.06 6.29 36.14
CA LEU C 68 20.06 6.03 37.18
C LEU C 68 20.67 5.40 38.46
N GLY C 69 21.98 5.20 38.43
CA GLY C 69 22.72 4.74 39.59
C GLY C 69 23.29 3.34 39.52
N ALA C 70 22.91 2.59 38.49
CA ALA C 70 23.31 1.20 38.44
C ALA C 70 24.77 1.04 38.03
N GLU C 71 25.34 -0.08 38.47
CA GLU C 71 26.60 -0.56 37.94
C GLU C 71 26.21 -1.77 37.12
N VAL C 72 26.80 -1.93 35.94
CA VAL C 72 26.42 -3.07 35.10
C VAL C 72 27.60 -3.82 34.50
N ARG C 73 27.38 -5.08 34.20
CA ARG C 73 28.30 -5.83 33.36
C ARG C 73 27.51 -6.43 32.21
N TRP C 74 28.07 -6.38 31.00
CA TRP C 74 27.25 -6.71 29.84
C TRP C 74 27.83 -7.71 28.85
N ALA C 75 26.94 -8.47 28.24
CA ALA C 75 27.32 -9.35 27.14
C ALA C 75 26.15 -9.44 26.18
N SER C 76 26.39 -9.98 24.99
CA SER C 76 25.34 -10.07 23.99
C SER C 76 24.58 -11.35 24.21
N CYS C 77 23.36 -11.42 23.69
CA CYS C 77 22.59 -12.66 23.78
C CYS C 77 22.62 -13.42 22.47
N ASN C 78 23.50 -13.03 21.56
CA ASN C 78 23.66 -13.75 20.29
C ASN C 78 25.08 -13.57 19.79
N ILE C 79 25.63 -14.57 19.11
CA ILE C 79 27.03 -14.52 18.69
C ILE C 79 27.31 -13.62 17.52
N PHE C 80 26.27 -13.22 16.78
CA PHE C 80 26.46 -12.41 15.60
C PHE C 80 25.78 -11.06 15.70
N SER C 81 25.15 -10.76 16.82
CA SER C 81 24.30 -9.56 16.86
C SER C 81 24.98 -8.29 17.35
N THR C 82 26.20 -8.42 17.86
CA THR C 82 26.92 -7.29 18.39
C THR C 82 27.30 -6.26 17.30
N GLN C 83 27.17 -4.97 17.62
CA GLN C 83 27.80 -3.91 16.82
C GLN C 83 29.14 -3.49 17.43
N ASP C 84 30.24 -3.95 16.85
CA ASP C 84 31.56 -3.77 17.46
C ASP C 84 31.84 -2.34 17.96
N HIS C 85 31.41 -1.33 17.23
CA HIS C 85 31.64 0.05 17.67
C HIS C 85 30.75 0.46 18.85
N ALA C 86 29.59 -0.17 18.97
CA ALA C 86 28.76 0.04 20.14
C ALA C 86 29.47 -0.53 21.35
N ALA C 87 29.99 -1.75 21.20
CA ALA C 87 30.70 -2.43 22.28
C ALA C 87 31.93 -1.64 22.72
N ALA C 88 32.68 -1.14 21.74
CA ALA C 88 33.86 -0.33 22.03
C ALA C 88 33.50 0.94 22.81
N ALA C 89 32.45 1.62 22.38
CA ALA C 89 32.08 2.88 22.99
C ALA C 89 31.69 2.68 24.44
N ILE C 90 31.01 1.57 24.72
CA ILE C 90 30.63 1.23 26.10
C ILE C 90 31.83 0.82 26.93
N ALA C 91 32.67 -0.03 26.35
CA ALA C 91 33.91 -0.41 27.01
C ALA C 91 34.78 0.80 27.39
N ALA C 92 34.83 1.79 26.52
CA ALA C 92 35.68 2.96 26.77
C ALA C 92 35.21 3.81 27.94
N THR C 93 33.97 3.64 28.36
CA THR C 93 33.50 4.38 29.53
C THR C 93 33.99 3.70 30.81
N GLY C 94 34.54 2.50 30.68
CA GLY C 94 34.90 1.68 31.81
C GLY C 94 33.87 0.61 32.20
N THR C 95 32.71 0.61 31.56
CA THR C 95 31.71 -0.40 31.87
C THR C 95 32.15 -1.70 31.26
N PRO C 96 32.25 -2.76 32.08
CA PRO C 96 32.69 -4.05 31.57
C PRO C 96 31.74 -4.63 30.52
N VAL C 97 32.27 -4.87 29.33
CA VAL C 97 31.46 -5.48 28.27
C VAL C 97 32.19 -6.66 27.63
N PHE C 98 31.45 -7.74 27.37
CA PHE C 98 32.02 -8.94 26.73
C PHE C 98 31.18 -9.34 25.51
N ALA C 99 31.60 -8.84 24.35
CA ALA C 99 30.79 -8.92 23.17
C ALA C 99 31.59 -8.60 21.90
N VAL C 100 31.64 -9.56 21.00
CA VAL C 100 32.32 -9.44 19.73
C VAL C 100 31.39 -10.02 18.68
N LYS C 101 31.19 -9.29 17.58
CA LYS C 101 30.41 -9.81 16.46
C LYS C 101 31.17 -10.97 15.83
N GLY C 102 30.61 -12.17 15.90
CA GLY C 102 31.24 -13.32 15.29
C GLY C 102 32.00 -14.23 16.25
N GLU C 103 31.72 -14.08 17.54
CA GLU C 103 32.29 -14.94 18.57
C GLU C 103 31.84 -16.40 18.43
N THR C 104 32.70 -17.33 18.84
CA THR C 104 32.36 -18.75 18.94
C THR C 104 31.37 -18.99 20.08
N LEU C 105 30.77 -20.18 20.08
CA LEU C 105 29.87 -20.60 21.16
C LEU C 105 30.59 -20.68 22.51
N GLU C 106 31.80 -21.24 22.50
CA GLU C 106 32.57 -21.33 23.73
C GLU C 106 32.78 -19.94 24.32
N GLU C 107 33.21 -19.01 23.48
CA GLU C 107 33.39 -17.63 23.90
C GLU C 107 32.09 -17.05 24.44
N TYR C 108 30.99 -17.36 23.75
CA TYR C 108 29.68 -16.84 24.11
C TYR C 108 29.35 -17.14 25.56
N TRP C 109 29.44 -18.42 25.91
CA TRP C 109 29.22 -18.83 27.31
C TRP C 109 30.29 -18.31 28.27
N THR C 110 31.53 -18.19 27.82
CA THR C 110 32.54 -17.55 28.66
C THR C 110 32.05 -16.14 29.06
N TYR C 111 31.53 -15.41 28.07
CA TYR C 111 31.09 -14.04 28.25
C TYR C 111 29.82 -13.92 29.13
N THR C 112 28.87 -14.82 28.91
CA THR C 112 27.70 -14.92 29.78
C THR C 112 28.11 -15.12 31.24
N ASP C 113 29.08 -15.98 31.46
CA ASP C 113 29.66 -16.15 32.78
C ASP C 113 30.28 -14.85 33.32
N GLN C 114 31.00 -14.12 32.46
CA GLN C 114 31.74 -12.93 32.91
C GLN C 114 30.86 -11.83 33.48
N ILE C 115 29.61 -11.78 33.06
CA ILE C 115 28.75 -10.69 33.50
C ILE C 115 28.43 -10.83 34.97
N PHE C 116 28.70 -12.02 35.52
CA PHE C 116 28.42 -12.27 36.94
C PHE C 116 29.67 -12.18 37.82
N GLN C 117 30.84 -11.99 37.20
CA GLN C 117 32.12 -11.99 37.95
C GLN C 117 32.54 -10.58 38.32
N TRP C 118 32.07 -10.08 39.46
CA TRP C 118 32.39 -8.69 39.82
C TRP C 118 33.75 -8.63 40.52
N PRO C 119 34.45 -7.50 40.36
CA PRO C 119 35.78 -7.30 40.94
C PRO C 119 35.83 -7.50 42.45
N ASP C 120 34.83 -6.99 43.18
CA ASP C 120 34.82 -7.15 44.63
C ASP C 120 34.38 -8.53 45.10
N GLY C 121 34.08 -9.44 44.16
CA GLY C 121 33.80 -10.82 44.51
C GLY C 121 32.42 -11.10 45.08
N GLU C 122 31.59 -10.04 45.16
CA GLU C 122 30.17 -10.15 45.48
C GLU C 122 29.30 -10.36 44.23
N PRO C 123 28.12 -10.95 44.41
CA PRO C 123 27.31 -11.32 43.24
C PRO C 123 26.50 -10.18 42.64
N SER C 124 25.85 -10.49 41.52
CA SER C 124 24.93 -9.56 40.91
C SER C 124 23.67 -9.57 41.75
N ASN C 125 22.87 -8.52 41.65
CA ASN C 125 21.58 -8.52 42.36
C ASN C 125 20.39 -8.31 41.42
N MET C 126 20.69 -8.11 40.13
CA MET C 126 19.68 -7.96 39.09
C MET C 126 20.15 -8.59 37.79
N ILE C 127 19.19 -9.12 37.02
CA ILE C 127 19.46 -9.61 35.68
C ILE C 127 18.58 -8.90 34.68
N LEU C 128 19.16 -8.50 33.57
CA LEU C 128 18.42 -7.94 32.44
C LEU C 128 18.71 -8.88 31.28
N ASP C 129 17.67 -9.62 30.89
CA ASP C 129 17.83 -10.75 30.01
C ASP C 129 17.03 -10.61 28.71
N ASP C 130 17.51 -11.28 27.66
CA ASP C 130 16.82 -11.33 26.36
C ASP C 130 17.02 -12.73 25.79
N GLY C 131 16.00 -13.57 25.98
CA GLY C 131 16.08 -14.97 25.58
C GLY C 131 16.22 -15.96 26.74
N GLY C 132 16.53 -15.46 27.94
CA GLY C 132 16.69 -16.33 29.09
C GLY C 132 18.01 -17.06 29.31
N ASP C 133 19.01 -16.74 28.49
CA ASP C 133 20.31 -17.41 28.58
C ASP C 133 21.05 -17.17 29.91
N ALA C 134 21.00 -15.94 30.42
CA ALA C 134 21.70 -15.60 31.66
C ALA C 134 20.97 -16.21 32.85
N THR C 135 19.64 -16.18 32.78
CA THR C 135 18.80 -16.73 33.83
C THR C 135 18.96 -18.25 33.91
N MET C 136 18.81 -18.91 32.76
CA MET C 136 19.01 -20.35 32.70
C MET C 136 20.38 -20.78 33.23
N TYR C 137 21.42 -20.00 32.89
CA TYR C 137 22.81 -20.33 33.30
C TYR C 137 22.94 -20.43 34.83
N ILE C 138 22.41 -19.45 35.54
CA ILE C 138 22.42 -19.44 37.00
C ILE C 138 21.62 -20.60 37.58
N LEU C 139 20.42 -20.82 37.05
CA LEU C 139 19.47 -21.75 37.67
C LEU C 139 19.83 -23.19 37.42
N ILE C 140 20.38 -23.49 36.23
CA ILE C 140 20.87 -24.84 35.97
C ILE C 140 22.15 -25.10 36.74
N GLY C 141 23.00 -24.08 36.78
CA GLY C 141 24.22 -24.13 37.56
C GLY C 141 23.90 -24.48 39.02
N ALA C 142 22.99 -23.74 39.61
CA ALA C 142 22.66 -23.92 41.04
C ALA C 142 22.12 -25.33 41.35
N ARG C 143 21.32 -25.85 40.43
CA ARG C 143 20.75 -27.17 40.61
C ARG C 143 21.83 -28.23 40.46
N ALA C 144 22.78 -27.98 39.55
CA ALA C 144 23.89 -28.89 39.40
C ALA C 144 24.67 -28.91 40.73
N GLU C 145 24.78 -27.73 41.34
CA GLU C 145 25.56 -27.56 42.55
C GLU C 145 24.84 -28.20 43.73
N ALA C 146 23.52 -28.27 43.63
CA ALA C 146 22.73 -28.94 44.66
C ALA C 146 22.73 -30.46 44.49
N GLY C 147 23.42 -30.95 43.46
CA GLY C 147 23.57 -32.38 43.26
C GLY C 147 22.66 -32.97 42.19
N GLU C 148 21.75 -32.16 41.67
CA GLU C 148 20.82 -32.62 40.65
C GLU C 148 21.58 -32.98 39.38
N ASP C 149 21.16 -34.04 38.70
CA ASP C 149 21.82 -34.48 37.47
C ASP C 149 21.27 -33.75 36.22
N VAL C 150 21.82 -32.58 35.93
CA VAL C 150 21.25 -31.73 34.88
C VAL C 150 22.24 -31.37 33.79
N LEU C 151 23.41 -32.02 33.80
CA LEU C 151 24.47 -31.67 32.86
C LEU C 151 24.86 -32.85 31.98
N SER C 152 23.98 -33.84 31.94
CA SER C 152 24.20 -35.05 31.14
C SER C 152 23.33 -35.03 29.90
N ASN C 153 23.44 -36.08 29.10
CA ASN C 153 22.67 -36.16 27.86
C ASN C 153 22.42 -34.82 27.16
N PRO C 154 23.50 -34.12 26.75
CA PRO C 154 23.29 -32.88 25.99
C PRO C 154 22.62 -33.12 24.64
N GLN C 155 21.49 -32.47 24.40
CA GLN C 155 20.75 -32.62 23.14
C GLN C 155 21.51 -32.02 21.95
N SER C 156 22.18 -30.90 22.17
CA SER C 156 22.86 -30.19 21.08
C SER C 156 24.32 -29.79 21.37
N GLU C 157 25.02 -29.33 20.34
CA GLU C 157 26.35 -28.79 20.49
C GLU C 157 26.28 -27.63 21.47
N GLU C 158 25.39 -26.69 21.20
CA GLU C 158 25.29 -25.50 22.04
C GLU C 158 25.07 -25.87 23.51
N GLU C 159 24.35 -26.96 23.74
CA GLU C 159 24.02 -27.39 25.10
C GLU C 159 25.25 -27.99 25.78
N GLU C 160 25.98 -28.84 25.06
CA GLU C 160 27.23 -29.34 25.56
C GLU C 160 28.13 -28.17 26.01
N VAL C 161 28.25 -27.11 25.19
CA VAL C 161 29.13 -25.98 25.52
C VAL C 161 28.65 -25.26 26.76
N LEU C 162 27.34 -25.14 26.91
CA LEU C 162 26.75 -24.57 28.11
C LEU C 162 27.10 -25.41 29.32
N PHE C 163 27.05 -26.74 29.18
CA PHE C 163 27.36 -27.64 30.30
C PHE C 163 28.80 -27.53 30.74
N ALA C 164 29.71 -27.59 29.77
CA ALA C 164 31.12 -27.49 30.04
C ALA C 164 31.46 -26.18 30.75
N GLN C 165 30.74 -25.12 30.42
CA GLN C 165 30.98 -23.83 31.06
C GLN C 165 30.50 -23.80 32.50
N ILE C 166 29.37 -24.45 32.76
CA ILE C 166 28.89 -24.63 34.12
C ILE C 166 29.88 -25.46 34.95
N LYS C 167 30.47 -26.47 34.33
CA LYS C 167 31.45 -27.30 35.01
C LYS C 167 32.71 -26.50 35.38
N LYS C 168 33.17 -25.64 34.47
CA LYS C 168 34.38 -24.84 34.73
C LYS C 168 34.16 -23.88 35.89
N ARG C 169 32.97 -23.30 35.93
CA ARG C 169 32.65 -22.33 36.96
C ARG C 169 32.50 -23.01 38.30
N MET C 170 31.89 -24.18 38.33
CA MET C 170 31.76 -24.95 39.57
C MET C 170 33.15 -25.28 40.17
N ALA C 171 34.09 -25.63 39.30
CA ALA C 171 35.46 -26.00 39.69
C ALA C 171 36.30 -24.80 40.14
N ALA C 172 36.21 -23.72 39.38
CA ALA C 172 36.95 -22.50 39.68
C ALA C 172 36.52 -21.82 40.97
N THR C 173 35.21 -21.72 41.18
CA THR C 173 34.67 -21.11 42.39
C THR C 173 33.44 -21.85 42.86
N PRO C 174 33.67 -22.83 43.74
CA PRO C 174 32.56 -23.65 44.22
C PRO C 174 31.59 -22.79 45.03
N GLY C 175 30.30 -23.02 44.85
CA GLY C 175 29.29 -22.29 45.57
C GLY C 175 28.81 -21.05 44.84
N PHE C 176 29.41 -20.78 43.68
CA PHE C 176 29.07 -19.57 42.93
C PHE C 176 27.60 -19.50 42.52
N PHE C 177 27.13 -20.54 41.84
CA PHE C 177 25.78 -20.57 41.33
C PHE C 177 24.77 -20.47 42.48
N THR C 178 24.99 -21.26 43.52
CA THR C 178 24.08 -21.33 44.66
C THR C 178 23.92 -19.94 45.24
N LYS C 179 25.07 -19.34 45.49
CA LYS C 179 25.17 -18.03 46.10
C LYS C 179 24.55 -16.93 45.23
N GLN C 180 24.65 -17.09 43.90
CA GLN C 180 24.21 -16.06 42.96
C GLN C 180 22.69 -16.16 42.69
N ARG C 181 22.18 -17.38 42.77
CA ARG C 181 20.75 -17.66 42.64
C ARG C 181 20.01 -16.95 43.74
N ALA C 182 20.62 -16.94 44.91
CA ALA C 182 19.99 -16.35 46.08
C ALA C 182 20.15 -14.84 46.07
N ALA C 183 21.19 -14.34 45.42
CA ALA C 183 21.45 -12.91 45.44
C ALA C 183 20.55 -12.10 44.50
N ILE C 184 19.94 -12.79 43.53
CA ILE C 184 19.11 -12.12 42.51
C ILE C 184 17.77 -11.61 43.05
N LYS C 185 17.60 -10.29 43.06
CA LYS C 185 16.34 -9.68 43.46
C LYS C 185 15.24 -9.87 42.39
N GLY C 186 15.64 -9.95 41.13
CA GLY C 186 14.67 -10.04 40.06
C GLY C 186 15.24 -10.01 38.66
N VAL C 187 14.46 -10.46 37.70
CA VAL C 187 14.87 -10.46 36.31
C VAL C 187 13.82 -9.81 35.41
N THR C 188 14.27 -9.00 34.47
CA THR C 188 13.41 -8.46 33.43
C THR C 188 13.72 -9.18 32.11
N GLU C 189 12.71 -9.76 31.47
CA GLU C 189 12.90 -10.53 30.23
C GLU C 189 12.28 -9.85 29.01
N GLU C 190 13.09 -9.76 27.97
CA GLU C 190 12.81 -8.90 26.83
C GLU C 190 11.92 -9.52 25.76
N THR C 191 12.15 -10.81 25.46
CA THR C 191 11.60 -11.40 24.22
C THR C 191 10.74 -12.65 24.42
N THR C 192 9.84 -12.88 23.46
CA THR C 192 8.89 -13.99 23.55
C THR C 192 9.52 -15.31 23.95
N THR C 193 10.60 -15.70 23.30
CA THR C 193 11.21 -16.99 23.61
C THR C 193 11.70 -17.02 25.06
N GLY C 194 12.21 -15.90 25.54
CA GLY C 194 12.65 -15.79 26.91
C GLY C 194 11.50 -15.91 27.90
N VAL C 195 10.41 -15.20 27.61
CA VAL C 195 9.21 -15.20 28.46
C VAL C 195 8.62 -16.59 28.58
N ASN C 196 8.52 -17.29 27.46
CA ASN C 196 8.10 -18.69 27.45
C ASN C 196 8.92 -19.58 28.40
N ARG C 197 10.25 -19.42 28.38
CA ARG C 197 11.13 -20.13 29.31
C ARG C 197 10.81 -19.80 30.78
N LEU C 198 10.46 -18.54 31.04
CA LEU C 198 10.04 -18.13 32.38
C LEU C 198 8.76 -18.86 32.82
N TYR C 199 7.79 -18.94 31.92
CA TYR C 199 6.52 -19.58 32.27
C TYR C 199 6.69 -21.08 32.50
N GLN C 200 7.58 -21.69 31.74
CA GLN C 200 7.93 -23.08 31.96
C GLN C 200 8.50 -23.23 33.38
N LEU C 201 9.42 -22.35 33.76
CA LEU C 201 10.00 -22.39 35.11
C LEU C 201 8.92 -22.24 36.19
N GLN C 202 8.08 -21.23 36.03
CA GLN C 202 7.06 -20.93 37.04
C GLN C 202 6.14 -22.11 37.23
N LYS C 203 5.70 -22.67 36.12
CA LYS C 203 4.77 -23.78 36.11
C LYS C 203 5.33 -25.01 36.83
N LYS C 204 6.65 -25.14 36.81
CA LYS C 204 7.29 -26.30 37.40
C LYS C 204 7.83 -25.97 38.80
N GLY C 205 7.59 -24.74 39.26
CA GLY C 205 8.04 -24.31 40.57
C GLY C 205 9.54 -24.10 40.64
N LEU C 206 10.13 -23.63 39.56
CA LEU C 206 11.57 -23.52 39.48
C LEU C 206 12.04 -22.08 39.33
N LEU C 207 11.11 -21.15 39.45
CA LEU C 207 11.45 -19.73 39.47
C LEU C 207 11.56 -19.25 40.92
N PRO C 208 12.78 -18.88 41.35
CA PRO C 208 13.02 -18.52 42.74
C PRO C 208 13.01 -17.03 43.00
N PHE C 209 12.69 -16.21 41.99
CA PHE C 209 12.59 -14.77 42.19
C PHE C 209 11.62 -14.19 41.17
N PRO C 210 11.14 -12.95 41.42
CA PRO C 210 10.18 -12.37 40.48
C PRO C 210 10.79 -12.00 39.12
N ALA C 211 9.97 -12.13 38.08
CA ALA C 211 10.34 -11.70 36.73
C ALA C 211 9.30 -10.74 36.20
N ILE C 212 9.77 -9.68 35.57
CA ILE C 212 8.90 -8.82 34.77
C ILE C 212 9.00 -9.21 33.30
N ASN C 213 7.85 -9.58 32.74
CA ASN C 213 7.73 -9.96 31.35
C ASN C 213 7.63 -8.68 30.55
N VAL C 214 8.75 -8.20 30.06
CA VAL C 214 8.76 -6.94 29.32
C VAL C 214 8.17 -7.11 27.90
N ASN C 215 8.44 -8.25 27.27
CA ASN C 215 7.89 -8.53 25.94
C ASN C 215 6.39 -8.22 25.82
N ASP C 216 5.62 -8.55 26.85
CA ASP C 216 4.17 -8.37 26.78
C ASP C 216 3.61 -7.02 27.24
N SER C 217 4.47 -6.02 27.44
CA SER C 217 3.95 -4.65 27.42
C SER C 217 3.41 -4.49 26.01
N VAL C 218 2.35 -3.69 25.86
CA VAL C 218 1.76 -3.47 24.55
C VAL C 218 2.74 -2.67 23.70
N THR C 219 3.38 -1.70 24.35
CA THR C 219 4.39 -0.86 23.71
C THR C 219 5.71 -1.60 23.48
N LYS C 220 5.76 -2.89 23.77
CA LYS C 220 6.88 -3.72 23.35
C LYS C 220 6.39 -4.66 22.25
N SER C 221 5.49 -5.57 22.61
CA SER C 221 5.11 -6.64 21.70
C SER C 221 4.47 -6.11 20.42
N LYS C 222 3.67 -5.04 20.54
CA LYS C 222 2.94 -4.54 19.38
C LYS C 222 3.71 -3.47 18.61
N PHE C 223 4.98 -3.27 18.97
CA PHE C 223 5.81 -2.25 18.32
C PHE C 223 7.16 -2.87 17.89
N ASP C 224 8.07 -3.07 18.85
CA ASP C 224 9.26 -3.90 18.62
C ASP C 224 8.97 -5.10 17.70
N ASN C 225 8.20 -6.06 18.18
CA ASN C 225 8.12 -7.36 17.50
C ASN C 225 7.52 -7.26 16.10
N LYS C 226 6.69 -6.24 15.91
CA LYS C 226 5.97 -6.02 14.68
C LYS C 226 6.64 -4.97 13.75
N TYR C 227 6.61 -3.69 14.13
CA TYR C 227 7.26 -2.64 13.33
C TYR C 227 8.76 -2.81 13.22
N GLY C 228 9.37 -3.21 14.33
CA GLY C 228 10.80 -3.46 14.37
C GLY C 228 11.19 -4.42 13.28
N CYS C 229 10.49 -5.54 13.17
CA CYS C 229 10.82 -6.53 12.16
C CYS C 229 10.45 -6.03 10.78
N LYS C 230 9.43 -5.19 10.70
CA LYS C 230 9.07 -4.60 9.43
C LYS C 230 10.26 -3.81 8.91
N GLU C 231 10.94 -3.08 9.80
CA GLU C 231 12.10 -2.25 9.42
C GLU C 231 13.35 -3.05 9.11
N SER C 232 13.64 -4.06 9.90
CA SER C 232 14.98 -4.67 9.85
C SER C 232 15.10 -6.02 9.14
N LEU C 233 13.97 -6.70 8.91
CA LEU C 233 14.01 -7.96 8.17
C LEU C 233 14.55 -7.76 6.73
N VAL C 234 13.82 -6.98 5.94
CA VAL C 234 14.26 -6.72 4.56
C VAL C 234 15.65 -6.08 4.56
N ASP C 235 15.91 -5.20 5.53
CA ASP C 235 17.24 -4.59 5.71
C ASP C 235 18.35 -5.66 5.75
N GLY C 236 18.20 -6.63 6.64
CA GLY C 236 19.14 -7.73 6.72
C GLY C 236 19.27 -8.56 5.46
N ILE C 237 18.15 -8.84 4.79
CA ILE C 237 18.22 -9.63 3.57
C ILE C 237 18.97 -8.86 2.50
N ARG C 238 18.68 -7.57 2.41
CA ARG C 238 19.26 -6.71 1.40
C ARG C 238 20.77 -6.60 1.59
N ARG C 239 21.20 -6.36 2.82
CA ARG C 239 22.63 -6.18 3.01
C ARG C 239 23.33 -7.49 2.73
N GLY C 240 22.70 -8.60 3.12
CA GLY C 240 23.27 -9.91 2.90
C GLY C 240 23.42 -10.33 1.44
N THR C 241 22.42 -10.02 0.63
CA THR C 241 22.27 -10.60 -0.70
C THR C 241 22.13 -9.56 -1.82
N ASP C 242 21.71 -8.35 -1.49
CA ASP C 242 21.40 -7.30 -2.47
C ASP C 242 20.34 -7.76 -3.50
N VAL C 243 19.46 -8.65 -3.10
CA VAL C 243 18.49 -9.24 -4.03
C VAL C 243 17.34 -8.28 -4.39
N MET C 244 16.85 -8.37 -5.62
CA MET C 244 15.63 -7.65 -6.02
C MET C 244 14.41 -8.24 -5.30
N MET C 245 13.64 -7.42 -4.59
CA MET C 245 12.42 -7.89 -3.95
C MET C 245 11.21 -7.96 -4.93
N ALA C 246 11.00 -6.91 -5.72
CA ALA C 246 9.94 -6.91 -6.73
C ALA C 246 10.02 -8.11 -7.66
N GLY C 247 8.90 -8.80 -7.82
CA GLY C 247 8.84 -9.96 -8.67
C GLY C 247 9.08 -11.26 -7.94
N LYS C 248 9.57 -11.18 -6.71
CA LYS C 248 9.91 -12.39 -5.96
C LYS C 248 8.80 -12.88 -5.02
N VAL C 249 8.83 -14.19 -4.77
CA VAL C 249 7.95 -14.84 -3.82
C VAL C 249 8.70 -15.13 -2.55
N ALA C 250 8.17 -14.64 -1.44
CA ALA C 250 8.76 -14.88 -0.14
C ALA C 250 7.77 -15.66 0.70
N VAL C 251 8.21 -16.77 1.28
CA VAL C 251 7.39 -17.52 2.22
C VAL C 251 7.75 -17.16 3.65
N VAL C 252 6.77 -16.73 4.42
CA VAL C 252 7.01 -16.39 5.83
C VAL C 252 6.41 -17.47 6.75
N CYS C 253 7.28 -18.20 7.45
CA CYS C 253 6.85 -19.27 8.36
C CYS C 253 6.46 -18.69 9.69
N GLY C 254 5.16 -18.62 9.95
CA GLY C 254 4.63 -18.08 11.19
C GLY C 254 3.98 -16.73 10.97
N TYR C 255 2.94 -16.45 11.74
CA TYR C 255 2.20 -15.21 11.59
C TYR C 255 1.78 -14.65 12.95
N GLY C 256 2.68 -14.76 13.93
CA GLY C 256 2.56 -14.04 15.18
C GLY C 256 2.99 -12.59 15.01
N ASP C 257 3.49 -11.95 16.06
CA ASP C 257 3.88 -10.55 15.95
C ASP C 257 5.03 -10.34 14.95
N VAL C 258 6.05 -11.18 15.11
CA VAL C 258 7.22 -11.16 14.24
C VAL C 258 6.84 -11.53 12.81
N GLY C 259 6.11 -12.64 12.66
CA GLY C 259 5.64 -13.05 11.35
C GLY C 259 4.85 -11.94 10.67
N LYS C 260 3.99 -11.26 11.42
CA LYS C 260 3.19 -10.19 10.85
C LYS C 260 4.09 -9.07 10.34
N GLY C 261 4.99 -8.59 11.20
CA GLY C 261 5.93 -7.54 10.85
C GLY C 261 6.75 -7.93 9.65
N SER C 262 7.17 -9.19 9.62
CA SER C 262 8.01 -9.69 8.55
C SER C 262 7.32 -9.63 7.20
N ALA C 263 6.05 -10.03 7.17
CA ALA C 263 5.26 -10.00 5.95
C ALA C 263 5.13 -8.58 5.41
N GLN C 264 4.81 -7.64 6.29
CA GLN C 264 4.76 -6.22 5.89
C GLN C 264 6.12 -5.72 5.40
N SER C 265 7.20 -6.21 5.99
CA SER C 265 8.55 -5.83 5.57
C SER C 265 8.74 -6.21 4.11
N LEU C 266 8.55 -7.50 3.82
CA LEU C 266 8.68 -8.01 2.46
C LEU C 266 7.64 -7.41 1.48
N ALA C 267 6.38 -7.36 1.87
CA ALA C 267 5.34 -6.80 1.01
C ALA C 267 5.63 -5.35 0.66
N GLY C 268 6.09 -4.60 1.65
CA GLY C 268 6.31 -3.18 1.46
C GLY C 268 7.47 -2.95 0.52
N ALA C 269 8.34 -3.95 0.38
CA ALA C 269 9.47 -3.85 -0.52
C ALA C 269 9.13 -4.37 -1.89
N GLY C 270 7.97 -4.99 -2.04
CA GLY C 270 7.52 -5.41 -3.36
C GLY C 270 7.52 -6.90 -3.60
N ALA C 271 7.98 -7.68 -2.62
CA ALA C 271 7.87 -9.12 -2.76
C ALA C 271 6.43 -9.57 -2.55
N ARG C 272 6.05 -10.65 -3.23
CA ARG C 272 4.75 -11.25 -2.99
C ARG C 272 4.90 -12.27 -1.87
N VAL C 273 4.11 -12.11 -0.81
CA VAL C 273 4.30 -12.90 0.43
C VAL C 273 3.29 -14.03 0.61
N LYS C 274 3.81 -15.24 0.86
CA LYS C 274 2.98 -16.36 1.29
C LYS C 274 3.29 -16.66 2.77
N VAL C 275 2.27 -17.09 3.51
CA VAL C 275 2.39 -17.35 4.95
C VAL C 275 2.06 -18.79 5.36
N THR C 276 2.83 -19.36 6.29
CA THR C 276 2.51 -20.63 6.94
C THR C 276 2.16 -20.40 8.40
N GLU C 277 1.25 -21.22 8.93
CA GLU C 277 0.85 -21.14 10.33
C GLU C 277 0.26 -22.46 10.83
N VAL C 278 0.24 -22.62 12.16
CA VAL C 278 -0.38 -23.77 12.83
C VAL C 278 -1.64 -23.36 13.61
N ASP C 279 -1.68 -22.08 13.98
CA ASP C 279 -2.80 -21.49 14.68
C ASP C 279 -3.79 -21.00 13.63
N PRO C 280 -5.05 -21.50 13.68
CA PRO C 280 -6.10 -21.16 12.73
C PRO C 280 -6.49 -19.69 12.81
N ILE C 281 -6.47 -19.11 14.01
CA ILE C 281 -6.76 -17.69 14.13
C ILE C 281 -5.71 -16.85 13.38
N CYS C 282 -4.43 -17.10 13.61
CA CYS C 282 -3.38 -16.33 12.96
C CYS C 282 -3.39 -16.56 11.47
N ALA C 283 -3.71 -17.78 11.06
CA ALA C 283 -3.77 -18.08 9.65
C ALA C 283 -4.90 -17.29 9.01
N LEU C 284 -6.03 -17.17 9.70
CA LEU C 284 -7.17 -16.44 9.15
C LEU C 284 -6.81 -14.96 8.98
N GLN C 285 -6.15 -14.40 9.99
CA GLN C 285 -5.56 -13.06 9.89
C GLN C 285 -4.71 -12.88 8.63
N ALA C 286 -3.83 -13.83 8.36
CA ALA C 286 -2.91 -13.70 7.24
C ALA C 286 -3.65 -13.64 5.90
N ALA C 287 -4.61 -14.55 5.73
CA ALA C 287 -5.49 -14.54 4.56
C ALA C 287 -6.25 -13.23 4.44
N MET C 288 -6.81 -12.76 5.55
CA MET C 288 -7.57 -11.51 5.55
C MET C 288 -6.67 -10.34 5.19
N ASP C 289 -5.41 -10.43 5.62
CA ASP C 289 -4.39 -9.41 5.32
C ASP C 289 -3.86 -9.49 3.86
N GLY C 290 -4.40 -10.42 3.08
CA GLY C 290 -4.15 -10.47 1.65
C GLY C 290 -3.12 -11.49 1.19
N PHE C 291 -2.70 -12.35 2.11
CA PHE C 291 -1.60 -13.24 1.81
C PHE C 291 -2.10 -14.65 1.57
N GLU C 292 -1.51 -15.32 0.58
CA GLU C 292 -1.78 -16.73 0.36
C GLU C 292 -1.23 -17.55 1.55
N VAL C 293 -2.10 -18.36 2.13
CA VAL C 293 -1.69 -19.20 3.24
C VAL C 293 -1.39 -20.64 2.80
N VAL C 294 -0.13 -21.02 2.85
CA VAL C 294 0.31 -22.29 2.32
C VAL C 294 1.07 -23.10 3.38
N THR C 295 1.48 -24.30 3.00
CA THR C 295 2.41 -25.07 3.83
C THR C 295 3.76 -24.98 3.16
N LEU C 296 4.82 -25.11 3.93
CA LEU C 296 6.15 -25.01 3.34
C LEU C 296 6.46 -26.27 2.53
N ASP C 297 5.82 -27.38 2.88
CA ASP C 297 5.87 -28.61 2.08
C ASP C 297 5.43 -28.35 0.63
N ASP C 298 4.35 -27.60 0.46
CA ASP C 298 3.82 -27.28 -0.87
C ASP C 298 4.56 -26.12 -1.56
N ALA C 299 5.00 -25.12 -0.79
CA ALA C 299 5.50 -23.86 -1.37
C ALA C 299 7.02 -23.77 -1.53
N ALA C 300 7.74 -24.73 -0.98
CA ALA C 300 9.18 -24.66 -0.89
C ALA C 300 9.88 -24.66 -2.23
N SER C 301 9.37 -25.44 -3.18
CA SER C 301 10.10 -25.69 -4.41
C SER C 301 10.02 -24.53 -5.38
N THR C 302 9.16 -23.56 -5.09
CA THR C 302 9.09 -22.38 -5.94
C THR C 302 9.34 -21.04 -5.23
N ALA C 303 9.79 -21.09 -3.98
CA ALA C 303 10.04 -19.86 -3.24
C ALA C 303 11.38 -19.26 -3.64
N ASP C 304 11.48 -17.93 -3.57
CA ASP C 304 12.74 -17.22 -3.82
C ASP C 304 13.43 -16.91 -2.52
N ILE C 305 12.60 -16.71 -1.51
CA ILE C 305 13.05 -16.35 -0.18
C ILE C 305 12.22 -17.15 0.82
N VAL C 306 12.86 -17.75 1.82
CA VAL C 306 12.15 -18.41 2.92
C VAL C 306 12.62 -17.97 4.30
N VAL C 307 11.69 -17.37 5.06
CA VAL C 307 11.99 -16.83 6.38
C VAL C 307 11.14 -17.46 7.52
N THR C 308 11.80 -17.86 8.59
CA THR C 308 11.09 -18.46 9.71
C THR C 308 11.02 -17.47 10.87
N THR C 309 9.88 -17.40 11.55
CA THR C 309 9.61 -16.39 12.58
C THR C 309 8.93 -16.99 13.80
N THR C 310 9.07 -18.29 14.01
CA THR C 310 8.11 -19.02 14.87
C THR C 310 8.46 -19.13 16.37
N GLY C 311 9.74 -19.18 16.70
CA GLY C 311 10.13 -19.44 18.08
C GLY C 311 10.13 -20.94 18.35
N ASN C 312 9.70 -21.70 17.35
CA ASN C 312 9.65 -23.15 17.40
C ASN C 312 10.93 -23.74 16.85
N LYS C 313 10.87 -25.00 16.40
CA LYS C 313 12.05 -25.68 15.90
C LYS C 313 11.71 -26.63 14.78
N ASP C 314 12.74 -26.94 13.99
CA ASP C 314 12.60 -27.79 12.80
C ASP C 314 11.46 -27.33 11.88
N VAL C 315 11.37 -26.02 11.72
CA VAL C 315 10.39 -25.38 10.83
C VAL C 315 10.82 -25.49 9.37
N ILE C 316 12.09 -25.21 9.11
CA ILE C 316 12.65 -25.40 7.77
C ILE C 316 13.64 -26.57 7.82
N THR C 317 13.25 -27.71 7.27
CA THR C 317 14.04 -28.92 7.43
C THR C 317 14.91 -29.20 6.22
N ILE C 318 15.72 -30.24 6.34
CA ILE C 318 16.59 -30.68 5.26
C ILE C 318 15.75 -31.15 4.06
N ASP C 319 14.55 -31.68 4.34
CA ASP C 319 13.66 -32.10 3.24
CA ASP C 319 13.65 -32.11 3.27
C ASP C 319 13.12 -30.90 2.50
N HIS C 320 12.74 -29.86 3.24
CA HIS C 320 12.34 -28.62 2.59
C HIS C 320 13.48 -28.09 1.71
N MET C 321 14.67 -28.00 2.29
CA MET C 321 15.78 -27.36 1.61
C MET C 321 16.21 -28.11 0.36
N ARG C 322 16.01 -29.42 0.32
CA ARG C 322 16.28 -30.21 -0.89
C ARG C 322 15.31 -29.86 -1.99
N LYS C 323 14.12 -29.44 -1.62
CA LYS C 323 13.13 -29.12 -2.65
C LYS C 323 13.36 -27.74 -3.23
N MET C 324 13.98 -26.87 -2.45
CA MET C 324 14.16 -25.47 -2.84
C MET C 324 14.95 -25.32 -4.13
N LYS C 325 14.65 -24.29 -4.89
CA LYS C 325 15.33 -24.08 -6.15
C LYS C 325 16.68 -23.40 -5.94
N ASP C 326 17.51 -23.45 -6.97
CA ASP C 326 18.86 -22.90 -6.92
C ASP C 326 18.84 -21.44 -6.53
N MET C 327 19.71 -21.06 -5.60
CA MET C 327 19.87 -19.67 -5.14
C MET C 327 18.73 -19.11 -4.30
N CYS C 328 17.87 -19.99 -3.81
CA CYS C 328 16.82 -19.56 -2.89
C CYS C 328 17.49 -19.07 -1.63
N ILE C 329 16.96 -18.01 -1.05
CA ILE C 329 17.53 -17.41 0.15
C ILE C 329 16.82 -17.90 1.41
N VAL C 330 17.59 -18.41 2.36
CA VAL C 330 17.03 -18.95 3.61
C VAL C 330 17.53 -18.21 4.83
N GLY C 331 16.62 -17.86 5.74
CA GLY C 331 16.98 -17.09 6.91
C GLY C 331 16.01 -17.29 8.04
N ASN C 332 16.40 -16.86 9.23
CA ASN C 332 15.59 -16.99 10.43
C ASN C 332 15.62 -15.71 11.28
N ILE C 333 14.47 -15.30 11.78
CA ILE C 333 14.42 -14.09 12.58
C ILE C 333 13.75 -14.36 13.92
N GLY C 334 13.55 -15.63 14.22
CA GLY C 334 13.15 -16.05 15.56
C GLY C 334 14.39 -16.14 16.42
N HIS C 335 14.21 -16.24 17.72
CA HIS C 335 15.33 -16.08 18.65
C HIS C 335 16.50 -17.06 18.48
N PHE C 336 16.20 -18.32 18.15
CA PHE C 336 17.25 -19.33 18.17
C PHE C 336 17.45 -19.94 16.80
N ASP C 337 18.67 -20.41 16.57
CA ASP C 337 19.11 -20.94 15.27
C ASP C 337 18.59 -22.32 14.88
N ASN C 338 17.84 -22.96 15.77
CA ASN C 338 17.32 -24.29 15.46
C ASN C 338 16.01 -24.32 14.66
N GLU C 339 15.48 -23.16 14.31
CA GLU C 339 14.27 -23.11 13.50
C GLU C 339 14.57 -23.69 12.14
N ILE C 340 15.83 -23.56 11.73
CA ILE C 340 16.28 -24.18 10.51
C ILE C 340 17.19 -25.33 10.92
N GLN C 341 17.17 -26.41 10.16
CA GLN C 341 18.05 -27.54 10.46
C GLN C 341 19.43 -27.32 9.88
N VAL C 342 20.14 -26.32 10.40
CA VAL C 342 21.46 -25.98 9.90
C VAL C 342 22.41 -27.15 10.07
N ALA C 343 22.39 -27.76 11.25
CA ALA C 343 23.28 -28.88 11.54
C ALA C 343 23.20 -29.94 10.46
N ALA C 344 22.03 -30.06 9.83
CA ALA C 344 21.86 -31.04 8.78
C ALA C 344 22.59 -30.66 7.50
N LEU C 345 22.90 -29.38 7.33
CA LEU C 345 23.55 -28.90 6.12
C LEU C 345 25.08 -28.97 6.18
N ARG C 346 25.60 -29.13 7.39
CA ARG C 346 27.03 -29.16 7.66
C ARG C 346 27.83 -30.23 6.91
N ASN C 347 27.14 -31.24 6.38
CA ASN C 347 27.85 -32.28 5.64
C ASN C 347 27.86 -31.96 4.15
N LEU C 348 27.25 -30.84 3.80
CA LEU C 348 27.29 -30.35 2.43
C LEU C 348 28.41 -29.33 2.24
N LYS C 349 28.69 -28.99 0.98
CA LYS C 349 29.78 -28.07 0.63
C LYS C 349 29.40 -26.61 0.89
N TRP C 350 30.08 -25.96 1.82
CA TRP C 350 29.82 -24.55 2.08
C TRP C 350 30.90 -23.67 1.46
N THR C 351 30.48 -22.56 0.87
CA THR C 351 31.42 -21.54 0.39
C THR C 351 31.06 -20.23 1.06
N ASN C 352 31.94 -19.69 1.89
CA ASN C 352 31.63 -18.39 2.49
C ASN C 352 31.69 -17.31 1.43
N VAL C 353 30.68 -16.46 1.40
CA VAL C 353 30.63 -15.33 0.46
C VAL C 353 31.28 -14.16 1.16
N LYS C 354 30.73 -13.84 2.33
CA LYS C 354 31.22 -12.78 3.20
C LYS C 354 30.62 -13.03 4.58
N PRO C 355 31.00 -12.23 5.57
CA PRO C 355 30.46 -12.45 6.91
C PRO C 355 28.92 -12.65 6.93
N GLN C 356 28.47 -13.73 7.56
CA GLN C 356 27.06 -14.02 7.72
C GLN C 356 26.35 -14.30 6.41
N VAL C 357 27.11 -14.66 5.38
CA VAL C 357 26.50 -15.04 4.11
C VAL C 357 27.22 -16.25 3.52
N ASP C 358 26.52 -17.37 3.45
CA ASP C 358 27.13 -18.61 3.02
C ASP C 358 26.32 -19.32 1.94
N LEU C 359 27.04 -19.86 0.97
CA LEU C 359 26.48 -20.59 -0.16
C LEU C 359 26.59 -22.08 0.14
N ILE C 360 25.45 -22.75 0.20
CA ILE C 360 25.45 -24.17 0.53
C ILE C 360 25.02 -25.02 -0.67
N GLU C 361 25.85 -26.00 -1.00
CA GLU C 361 25.67 -26.74 -2.25
C GLU C 361 25.31 -28.19 -2.02
N PHE C 362 24.18 -28.58 -2.62
CA PHE C 362 23.62 -29.91 -2.48
C PHE C 362 24.21 -30.84 -3.54
N PRO C 363 24.15 -32.15 -3.28
CA PRO C 363 24.74 -33.14 -4.18
C PRO C 363 24.44 -32.85 -5.64
N ASP C 364 23.21 -32.44 -5.94
CA ASP C 364 22.76 -32.27 -7.32
C ASP C 364 23.13 -30.92 -7.92
N GLY C 365 24.00 -30.19 -7.25
CA GLY C 365 24.46 -28.92 -7.79
C GLY C 365 23.63 -27.73 -7.38
N LYS C 366 22.49 -27.96 -6.74
CA LYS C 366 21.66 -26.86 -6.30
C LYS C 366 22.32 -26.09 -5.15
N ARG C 367 22.31 -24.77 -5.24
CA ARG C 367 22.87 -23.91 -4.21
C ARG C 367 21.81 -23.17 -3.40
N LEU C 368 22.05 -22.99 -2.10
CA LEU C 368 21.19 -22.15 -1.25
C LEU C 368 22.04 -21.04 -0.68
N ILE C 369 21.41 -19.90 -0.40
CA ILE C 369 22.10 -18.83 0.29
C ILE C 369 21.56 -18.81 1.71
N LEU C 370 22.42 -19.06 2.68
CA LEU C 370 22.02 -19.09 4.07
C LEU C 370 22.53 -17.84 4.76
N LEU C 371 21.67 -17.19 5.52
CA LEU C 371 22.01 -15.94 6.17
C LEU C 371 22.30 -16.13 7.68
N SER C 372 23.41 -15.58 8.14
CA SER C 372 23.77 -15.56 9.56
C SER C 372 23.79 -16.96 10.19
N GLU C 373 24.14 -17.95 9.37
CA GLU C 373 24.19 -19.34 9.80
C GLU C 373 22.92 -19.76 10.56
N GLY C 374 21.77 -19.26 10.13
CA GLY C 374 20.50 -19.60 10.73
C GLY C 374 20.14 -18.81 11.97
N ARG C 375 20.95 -17.80 12.32
CA ARG C 375 20.66 -16.94 13.46
C ARG C 375 19.89 -15.65 13.07
N LEU C 376 19.27 -14.98 14.04
CA LEU C 376 18.44 -13.83 13.72
C LEU C 376 19.13 -12.93 12.71
N LEU C 377 18.56 -12.89 11.51
CA LEU C 377 19.24 -12.33 10.35
C LEU C 377 19.22 -10.81 10.35
N ASN C 378 18.21 -10.22 10.98
CA ASN C 378 18.15 -8.75 11.06
C ASN C 378 19.34 -8.19 11.84
N LEU C 379 19.70 -8.86 12.92
CA LEU C 379 20.83 -8.45 13.73
C LEU C 379 22.14 -9.01 13.19
N GLY C 380 22.10 -10.23 12.64
CA GLY C 380 23.31 -10.81 12.08
C GLY C 380 23.75 -10.20 10.75
N ASN C 381 22.80 -9.94 9.84
CA ASN C 381 23.12 -9.38 8.52
C ASN C 381 23.06 -7.87 8.43
N ALA C 382 22.43 -7.23 9.41
CA ALA C 382 22.36 -5.79 9.45
C ALA C 382 22.59 -5.29 10.86
N THR C 383 21.67 -4.49 11.36
CA THR C 383 21.85 -3.88 12.66
C THR C 383 20.65 -4.03 13.61
N GLY C 384 19.74 -4.95 13.36
CA GLY C 384 18.56 -5.03 14.23
C GLY C 384 17.61 -3.85 14.05
N HIS C 385 16.72 -3.66 15.03
CA HIS C 385 15.64 -2.65 14.94
C HIS C 385 16.19 -1.25 15.12
N PRO C 386 15.61 -0.27 14.42
CA PRO C 386 16.07 1.12 14.58
C PRO C 386 15.92 1.63 16.01
N SER C 387 16.68 2.67 16.32
CA SER C 387 16.70 3.28 17.63
C SER C 387 15.32 3.64 18.17
N PHE C 388 14.48 4.27 17.36
CA PHE C 388 13.18 4.72 17.85
C PHE C 388 12.34 3.63 18.51
N VAL C 389 12.20 2.50 17.83
CA VAL C 389 11.35 1.45 18.33
C VAL C 389 12.00 0.80 19.53
N MET C 390 13.33 0.67 19.50
CA MET C 390 14.05 0.11 20.62
C MET C 390 13.90 0.98 21.87
N SER C 391 13.68 2.28 21.69
CA SER C 391 13.41 3.17 22.82
C SER C 391 12.14 2.79 23.60
N ALA C 392 11.12 2.34 22.88
CA ALA C 392 9.88 1.94 23.51
C ALA C 392 10.12 0.69 24.32
N SER C 393 10.85 -0.26 23.73
CA SER C 393 11.13 -1.51 24.41
C SER C 393 11.96 -1.26 25.65
N PHE C 394 13.01 -0.45 25.48
CA PHE C 394 14.02 -0.28 26.52
C PHE C 394 13.53 0.62 27.66
N THR C 395 12.58 1.49 27.37
CA THR C 395 11.95 2.28 28.43
C THR C 395 11.16 1.36 29.36
N ASN C 396 10.49 0.36 28.79
CA ASN C 396 9.85 -0.67 29.60
C ASN C 396 10.88 -1.41 30.47
N GLN C 397 12.00 -1.81 29.87
CA GLN C 397 13.12 -2.42 30.59
C GLN C 397 13.56 -1.58 31.80
N VAL C 398 13.66 -0.28 31.61
CA VAL C 398 14.10 0.61 32.68
C VAL C 398 13.09 0.59 33.80
N LEU C 399 11.81 0.73 33.45
CA LEU C 399 10.74 0.70 34.44
C LEU C 399 10.68 -0.65 35.18
N GLY C 400 10.88 -1.73 34.44
CA GLY C 400 10.91 -3.05 35.02
C GLY C 400 12.04 -3.20 36.01
N GLN C 401 13.20 -2.65 35.68
CA GLN C 401 14.35 -2.72 36.58
C GLN C 401 14.09 -1.92 37.85
N ILE C 402 13.53 -0.72 37.69
CA ILE C 402 13.17 0.11 38.84
C ILE C 402 12.18 -0.61 39.77
N GLU C 403 11.15 -1.25 39.22
CA GLU C 403 10.18 -1.98 40.03
C GLU C 403 10.83 -3.07 40.86
N LEU C 404 11.54 -3.99 40.21
CA LEU C 404 12.04 -5.16 40.89
C LEU C 404 13.21 -4.85 41.82
N PHE C 405 13.92 -3.75 41.55
CA PHE C 405 15.02 -3.38 42.42
C PHE C 405 14.55 -2.54 43.61
N THR C 406 13.59 -1.65 43.40
CA THR C 406 13.20 -0.74 44.47
C THR C 406 11.93 -1.15 45.23
N ARG C 407 11.23 -2.17 44.76
CA ARG C 407 9.98 -2.56 45.40
C ARG C 407 9.87 -4.07 45.42
N THR C 408 11.00 -4.73 45.69
CA THR C 408 11.14 -6.16 45.52
C THR C 408 10.16 -6.95 46.38
N ASP C 409 9.79 -6.40 47.52
CA ASP C 409 8.92 -7.11 48.45
C ASP C 409 7.46 -7.10 48.03
N ALA C 410 7.12 -6.27 47.05
CA ALA C 410 5.76 -6.24 46.53
C ALA C 410 5.51 -7.42 45.60
N TYR C 411 6.55 -8.17 45.28
CA TYR C 411 6.48 -9.20 44.25
C TYR C 411 6.81 -10.58 44.79
N LYS C 412 6.17 -11.60 44.23
CA LYS C 412 6.44 -12.98 44.62
C LYS C 412 7.23 -13.67 43.51
N ASN C 413 7.52 -14.96 43.68
CA ASN C 413 8.30 -15.70 42.70
C ASN C 413 7.51 -16.06 41.44
N GLU C 414 6.99 -15.06 40.74
CA GLU C 414 6.21 -15.31 39.51
C GLU C 414 6.45 -14.27 38.41
N VAL C 415 5.93 -14.55 37.22
CA VAL C 415 6.09 -13.64 36.09
C VAL C 415 5.02 -12.55 36.07
N TYR C 416 5.43 -11.29 36.05
CA TYR C 416 4.52 -10.15 36.06
C TYR C 416 4.60 -9.38 34.75
N VAL C 417 3.61 -8.53 34.46
CA VAL C 417 3.73 -7.50 33.43
C VAL C 417 3.50 -6.17 34.08
N LEU C 418 4.02 -5.12 33.46
CA LEU C 418 3.82 -3.78 33.99
C LEU C 418 2.37 -3.37 33.88
N PRO C 419 1.92 -2.48 34.78
CA PRO C 419 0.53 -2.01 34.76
C PRO C 419 0.28 -1.07 33.58
N LYS C 420 -0.98 -0.99 33.16
CA LYS C 420 -1.33 -0.30 31.92
C LYS C 420 -0.92 1.17 31.95
N HIS C 421 -1.00 1.82 33.11
CA HIS C 421 -0.67 3.25 33.15
C HIS C 421 0.78 3.50 32.77
N LEU C 422 1.63 2.52 33.03
CA LEU C 422 3.03 2.61 32.62
C LEU C 422 3.16 2.39 31.11
N ASP C 423 2.46 1.39 30.60
CA ASP C 423 2.42 1.13 29.18
C ASP C 423 1.98 2.40 28.47
N GLU C 424 0.95 3.05 28.99
CA GLU C 424 0.45 4.28 28.37
C GLU C 424 1.48 5.40 28.44
N LYS C 425 2.16 5.51 29.58
CA LYS C 425 3.23 6.49 29.74
C LYS C 425 4.31 6.36 28.66
N VAL C 426 4.73 5.12 28.41
CA VAL C 426 5.78 4.83 27.45
C VAL C 426 5.42 5.32 26.06
N ALA C 427 4.19 5.04 25.61
CA ALA C 427 3.71 5.52 24.32
C ALA C 427 3.65 7.04 24.28
N ARG C 428 3.19 7.61 25.37
CA ARG C 428 3.02 9.04 25.45
C ARG C 428 4.36 9.75 25.29
N LEU C 429 5.42 9.12 25.79
CA LEU C 429 6.75 9.74 25.74
C LEU C 429 7.27 9.79 24.32
N HIS C 430 6.72 8.95 23.45
CA HIS C 430 7.23 8.85 22.08
C HIS C 430 6.41 9.62 21.07
N LEU C 431 5.26 10.16 21.49
CA LEU C 431 4.39 10.91 20.59
C LEU C 431 4.98 12.20 20.01
N ASP C 432 5.58 13.02 20.85
CA ASP C 432 6.05 14.36 20.43
C ASP C 432 7.08 14.25 19.33
N LYS C 433 8.05 13.39 19.56
CA LYS C 433 9.05 13.05 18.56
C LYS C 433 8.48 12.91 17.15
N LEU C 434 7.22 12.46 17.02
CA LEU C 434 6.62 12.24 15.70
C LEU C 434 5.66 13.36 15.33
N GLY C 435 5.54 14.33 16.23
CA GLY C 435 4.60 15.42 16.08
C GLY C 435 3.17 14.93 16.04
N ALA C 436 2.90 13.90 16.82
CA ALA C 436 1.56 13.32 16.98
C ALA C 436 0.83 14.03 18.11
N LYS C 437 -0.21 14.79 17.78
CA LYS C 437 -0.94 15.57 18.78
C LYS C 437 -2.11 14.74 19.35
N LEU C 438 -2.09 14.49 20.67
CA LEU C 438 -3.11 13.72 21.36
C LEU C 438 -4.30 14.58 21.77
N THR C 439 -5.52 14.09 21.55
CA THR C 439 -6.73 14.76 22.01
C THR C 439 -7.00 14.44 23.50
N VAL C 440 -7.59 15.39 24.21
CA VAL C 440 -7.99 15.18 25.62
C VAL C 440 -9.49 15.07 25.82
N LEU C 441 -9.90 14.04 26.53
CA LEU C 441 -11.32 13.80 26.82
C LEU C 441 -11.88 14.86 27.76
N SER C 442 -13.07 15.36 27.47
CA SER C 442 -13.81 16.16 28.44
C SER C 442 -14.17 15.28 29.64
N GLU C 443 -14.40 15.90 30.79
CA GLU C 443 -14.83 15.13 31.96
C GLU C 443 -16.03 14.27 31.62
N GLU C 444 -16.91 14.81 30.79
CA GLU C 444 -18.18 14.16 30.45
C GLU C 444 -17.99 12.97 29.50
N GLN C 445 -17.10 13.13 28.52
CA GLN C 445 -16.74 12.04 27.61
C GLN C 445 -16.07 10.88 28.33
N ALA C 446 -15.15 11.19 29.23
CA ALA C 446 -14.52 10.14 30.03
C ALA C 446 -15.58 9.39 30.84
N ALA C 447 -16.47 10.15 31.48
CA ALA C 447 -17.55 9.53 32.25
C ALA C 447 -18.37 8.61 31.34
N TYR C 448 -18.63 9.08 30.15
CA TYR C 448 -19.54 8.40 29.23
C TYR C 448 -19.02 7.04 28.76
N ILE C 449 -17.70 6.85 28.74
CA ILE C 449 -17.17 5.54 28.35
C ILE C 449 -16.50 4.77 29.48
N GLY C 450 -16.55 5.30 30.70
CA GLY C 450 -16.05 4.57 31.85
C GLY C 450 -14.57 4.70 32.17
N VAL C 451 -14.00 5.87 31.90
CA VAL C 451 -12.59 6.09 32.21
C VAL C 451 -12.40 7.48 32.81
N THR C 452 -11.19 7.77 33.26
CA THR C 452 -10.83 9.11 33.68
C THR C 452 -10.13 9.73 32.47
N PRO C 453 -10.07 11.07 32.39
CA PRO C 453 -9.32 11.74 31.32
C PRO C 453 -7.82 11.44 31.32
N GLN C 454 -7.31 10.93 32.43
CA GLN C 454 -5.90 10.66 32.60
C GLN C 454 -5.54 9.23 32.20
N GLY C 455 -6.57 8.41 31.99
CA GLY C 455 -6.40 7.02 31.67
C GLY C 455 -6.14 6.22 32.93
N PRO C 456 -5.99 4.89 32.80
CA PRO C 456 -5.95 4.11 31.56
C PRO C 456 -7.26 4.16 30.78
N PHE C 457 -7.18 3.94 29.48
CA PHE C 457 -8.33 4.12 28.60
C PHE C 457 -8.93 2.80 28.18
N LYS C 458 -8.19 1.72 28.36
CA LYS C 458 -8.71 0.42 27.95
C LYS C 458 -8.82 -0.57 29.12
N SER C 459 -9.72 -1.53 28.99
CA SER C 459 -9.84 -2.60 29.98
C SER C 459 -8.56 -3.41 29.96
N GLU C 460 -8.31 -4.12 31.05
CA GLU C 460 -7.04 -4.81 31.25
C GLU C 460 -6.61 -5.64 30.05
N HIS C 461 -7.54 -6.34 29.42
CA HIS C 461 -7.15 -7.29 28.39
C HIS C 461 -7.54 -6.90 26.98
N TYR C 462 -7.82 -5.62 26.79
CA TYR C 462 -7.93 -5.06 25.43
C TYR C 462 -6.72 -5.50 24.59
N ARG C 463 -6.95 -5.80 23.31
CA ARG C 463 -5.91 -6.37 22.46
C ARG C 463 -5.22 -5.37 21.52
N TYR C 464 -5.80 -4.19 21.34
CA TYR C 464 -5.24 -3.19 20.42
C TYR C 464 -4.99 -3.77 19.01
N SER D 4 -48.36 -9.38 13.43
CA SER D 4 -47.89 -10.65 12.87
C SER D 4 -46.47 -10.55 12.28
N MET D 5 -46.27 -9.57 11.40
CA MET D 5 -44.95 -9.19 10.91
C MET D 5 -45.11 -7.78 10.40
N VAL D 6 -44.01 -7.05 10.28
CA VAL D 6 -44.02 -5.74 9.64
C VAL D 6 -42.76 -5.57 8.80
N VAL D 7 -42.91 -5.58 7.48
CA VAL D 7 -41.78 -5.35 6.59
C VAL D 7 -42.20 -4.30 5.58
N LYS D 8 -41.26 -3.84 4.74
CA LYS D 8 -41.61 -2.76 3.85
C LYS D 8 -42.51 -3.26 2.73
N ASP D 9 -42.26 -4.49 2.28
CA ASP D 9 -42.86 -4.98 1.04
C ASP D 9 -42.59 -6.48 0.87
N ILE D 10 -43.62 -7.31 1.06
CA ILE D 10 -43.42 -8.76 1.12
C ILE D 10 -43.07 -9.36 -0.23
N SER D 11 -43.30 -8.61 -1.29
CA SER D 11 -42.97 -9.06 -2.65
C SER D 11 -41.45 -9.12 -2.90
N LEU D 12 -40.66 -8.56 -1.99
CA LEU D 12 -39.20 -8.57 -2.15
C LEU D 12 -38.62 -9.91 -1.73
N ALA D 13 -39.48 -10.80 -1.29
CA ALA D 13 -39.05 -12.06 -0.69
C ALA D 13 -38.17 -12.89 -1.62
N ASP D 14 -38.56 -12.95 -2.90
CA ASP D 14 -37.86 -13.75 -3.90
C ASP D 14 -36.43 -13.28 -4.11
N TRP D 15 -36.27 -11.97 -4.24
CA TRP D 15 -34.95 -11.35 -4.34
C TRP D 15 -34.15 -11.73 -3.08
N GLY D 16 -34.70 -11.39 -1.91
CA GLY D 16 -34.14 -11.84 -0.65
C GLY D 16 -33.64 -13.28 -0.71
N ARG D 17 -34.51 -14.17 -1.17
CA ARG D 17 -34.17 -15.58 -1.20
C ARG D 17 -32.97 -15.87 -2.09
N LYS D 18 -32.89 -15.18 -3.23
CA LYS D 18 -31.80 -15.42 -4.16
C LYS D 18 -30.50 -14.94 -3.55
N GLU D 19 -30.54 -13.84 -2.81
CA GLU D 19 -29.34 -13.36 -2.16
C GLU D 19 -28.88 -14.22 -0.96
N LEU D 20 -29.83 -14.92 -0.33
CA LEU D 20 -29.53 -15.89 0.72
C LEU D 20 -28.82 -17.15 0.18
N ASP D 21 -29.28 -17.64 -0.98
CA ASP D 21 -28.60 -18.76 -1.65
C ASP D 21 -27.12 -18.45 -1.92
N ILE D 22 -26.81 -17.19 -2.17
CA ILE D 22 -25.46 -16.77 -2.48
C ILE D 22 -24.72 -16.59 -1.17
N ALA D 23 -25.36 -15.83 -0.28
CA ALA D 23 -24.79 -15.53 1.02
C ALA D 23 -24.37 -16.81 1.77
N GLU D 24 -25.12 -17.88 1.61
CA GLU D 24 -24.79 -19.13 2.30
C GLU D 24 -23.45 -19.70 1.85
N THR D 25 -23.09 -19.47 0.60
CA THR D 25 -21.82 -19.97 0.09
C THR D 25 -20.67 -19.15 0.66
N GLU D 26 -21.00 -17.97 1.18
CA GLU D 26 -20.02 -17.08 1.77
C GLU D 26 -19.96 -17.22 3.30
N MET D 27 -20.82 -18.05 3.88
CA MET D 27 -20.81 -18.17 5.35
C MET D 27 -20.67 -19.61 5.82
N PRO D 28 -19.48 -20.18 5.66
CA PRO D 28 -19.18 -21.57 6.01
C PRO D 28 -19.32 -21.85 7.50
N GLY D 29 -19.10 -20.82 8.31
CA GLY D 29 -19.25 -20.95 9.75
C GLY D 29 -20.66 -21.31 10.13
N LEU D 30 -21.63 -20.60 9.55
CA LEU D 30 -23.04 -20.84 9.83
C LEU D 30 -23.53 -22.15 9.22
N MET D 31 -23.13 -22.43 8.00
CA MET D 31 -23.47 -23.68 7.33
C MET D 31 -22.85 -24.90 8.05
N ALA D 32 -21.65 -24.76 8.60
CA ALA D 32 -21.05 -25.86 9.37
C ALA D 32 -21.87 -26.15 10.62
N ALA D 33 -22.42 -25.09 11.22
CA ALA D 33 -23.22 -25.26 12.43
C ALA D 33 -24.51 -26.03 12.12
N ARG D 34 -25.11 -25.75 10.95
CA ARG D 34 -26.33 -26.45 10.54
C ARG D 34 -26.06 -27.93 10.39
N GLU D 35 -24.96 -28.27 9.71
CA GLU D 35 -24.54 -29.66 9.59
C GLU D 35 -24.29 -30.29 10.96
N GLU D 36 -23.60 -29.56 11.84
CA GLU D 36 -23.20 -30.14 13.13
C GLU D 36 -24.33 -30.28 14.15
N PHE D 37 -25.26 -29.33 14.18
CA PHE D 37 -26.25 -29.29 15.25
C PHE D 37 -27.68 -29.39 14.73
N GLY D 38 -27.84 -29.62 13.44
CA GLY D 38 -29.17 -29.72 12.88
C GLY D 38 -30.00 -30.86 13.44
N LYS D 39 -29.39 -32.03 13.55
CA LYS D 39 -30.15 -33.22 13.91
C LYS D 39 -30.33 -33.26 15.42
N SER D 40 -29.28 -32.91 16.15
CA SER D 40 -29.37 -32.91 17.61
C SER D 40 -30.17 -31.74 18.19
N GLN D 41 -30.40 -30.70 17.39
CA GLN D 41 -31.32 -29.62 17.77
C GLN D 41 -31.16 -29.06 19.17
N PRO D 42 -29.95 -28.57 19.51
CA PRO D 42 -29.68 -28.05 20.86
C PRO D 42 -30.57 -26.86 21.24
N LEU D 43 -31.16 -26.18 20.26
CA LEU D 43 -32.03 -25.05 20.57
C LEU D 43 -33.54 -25.36 20.50
N LYS D 44 -33.90 -26.64 20.47
CA LYS D 44 -35.32 -26.97 20.57
C LYS D 44 -35.85 -26.42 21.90
N GLY D 45 -36.94 -25.65 21.83
CA GLY D 45 -37.48 -25.00 23.02
C GLY D 45 -36.93 -23.61 23.32
N ALA D 46 -35.97 -23.15 22.54
CA ALA D 46 -35.53 -21.76 22.66
C ALA D 46 -36.55 -20.81 22.07
N ARG D 47 -36.87 -19.76 22.81
CA ARG D 47 -37.70 -18.69 22.27
C ARG D 47 -36.92 -17.38 22.29
N ILE D 48 -36.26 -17.12 21.17
CA ILE D 48 -35.26 -16.06 21.05
C ILE D 48 -35.81 -14.74 20.52
N SER D 49 -35.63 -13.67 21.29
CA SER D 49 -35.94 -12.31 20.85
C SER D 49 -34.66 -11.68 20.32
N GLY D 50 -34.63 -11.40 19.01
CA GLY D 50 -33.44 -10.89 18.39
C GLY D 50 -33.57 -9.42 18.04
N SER D 51 -32.58 -8.63 18.44
CA SER D 51 -32.47 -7.22 18.06
C SER D 51 -31.12 -7.01 17.38
N LEU D 52 -31.11 -7.08 16.04
CA LEU D 52 -29.87 -7.07 15.27
C LEU D 52 -30.18 -6.67 13.84
N HIS D 53 -29.44 -5.67 13.33
CA HIS D 53 -29.59 -5.21 11.93
C HIS D 53 -30.12 -6.32 11.03
N MET D 54 -31.35 -6.11 10.52
CA MET D 54 -32.03 -7.09 9.69
C MET D 54 -31.51 -7.05 8.25
N THR D 55 -30.38 -7.71 8.04
CA THR D 55 -29.67 -7.74 6.77
C THR D 55 -29.71 -9.16 6.19
N ILE D 56 -29.24 -9.32 4.96
CA ILE D 56 -29.08 -10.65 4.38
C ILE D 56 -28.26 -11.55 5.33
N GLN D 57 -27.16 -11.03 5.87
CA GLN D 57 -26.32 -11.76 6.81
C GLN D 57 -27.12 -12.26 8.03
N THR D 58 -27.87 -11.36 8.64
CA THR D 58 -28.65 -11.71 9.83
C THR D 58 -29.71 -12.78 9.47
N ALA D 59 -30.28 -12.66 8.27
CA ALA D 59 -31.22 -13.64 7.75
C ALA D 59 -30.61 -15.04 7.75
N VAL D 60 -29.36 -15.16 7.31
CA VAL D 60 -28.70 -16.47 7.34
C VAL D 60 -28.55 -16.97 8.78
N LEU D 61 -28.37 -16.04 9.71
CA LEU D 61 -28.22 -16.40 11.11
C LEU D 61 -29.53 -16.93 11.64
N ILE D 62 -30.60 -16.25 11.25
CA ILE D 62 -31.94 -16.55 11.74
C ILE D 62 -32.36 -17.94 11.31
N GLU D 63 -32.10 -18.24 10.05
CA GLU D 63 -32.43 -19.55 9.53
C GLU D 63 -31.56 -20.61 10.18
N THR D 64 -30.31 -20.25 10.49
CA THR D 64 -29.42 -21.16 11.19
C THR D 64 -29.92 -21.50 12.59
N LEU D 65 -30.35 -20.49 13.33
CA LEU D 65 -30.92 -20.72 14.65
C LEU D 65 -32.19 -21.59 14.57
N LYS D 66 -33.01 -21.42 13.53
CA LYS D 66 -34.22 -22.22 13.35
C LYS D 66 -33.87 -23.66 13.07
N VAL D 67 -32.87 -23.87 12.21
CA VAL D 67 -32.41 -25.22 11.91
C VAL D 67 -31.90 -25.94 13.17
N LEU D 68 -31.54 -25.18 14.19
CA LEU D 68 -31.06 -25.75 15.46
C LEU D 68 -32.21 -25.98 16.45
N GLY D 69 -33.43 -25.65 16.03
CA GLY D 69 -34.61 -25.90 16.85
C GLY D 69 -35.29 -24.63 17.36
N ALA D 70 -34.55 -23.53 17.36
CA ALA D 70 -35.05 -22.29 17.94
C ALA D 70 -36.29 -21.76 17.24
N GLU D 71 -37.19 -21.15 18.01
CA GLU D 71 -38.20 -20.25 17.46
C GLU D 71 -37.74 -18.83 17.74
N VAL D 72 -37.80 -17.95 16.74
CA VAL D 72 -37.35 -16.59 16.96
C VAL D 72 -38.40 -15.54 16.59
N ARG D 73 -38.24 -14.37 17.20
CA ARG D 73 -38.96 -13.15 16.82
C ARG D 73 -37.91 -12.09 16.66
N TRP D 74 -37.92 -11.39 15.53
CA TRP D 74 -36.82 -10.48 15.19
C TRP D 74 -37.19 -9.01 14.95
N ALA D 75 -36.25 -8.13 15.32
CA ALA D 75 -36.31 -6.73 14.93
C ALA D 75 -34.89 -6.25 14.64
N SER D 76 -34.77 -5.12 13.96
CA SER D 76 -33.46 -4.51 13.69
C SER D 76 -33.03 -3.64 14.88
N CYS D 77 -31.74 -3.38 15.01
CA CYS D 77 -31.26 -2.57 16.13
C CYS D 77 -30.88 -1.16 15.67
N ASN D 78 -31.34 -0.79 14.48
CA ASN D 78 -31.07 0.53 13.95
C ASN D 78 -32.12 0.86 12.91
N ILE D 79 -32.58 2.10 12.90
CA ILE D 79 -33.71 2.48 12.03
C ILE D 79 -33.42 2.46 10.54
N PHE D 80 -32.15 2.51 10.16
CA PHE D 80 -31.76 2.59 8.73
C PHE D 80 -31.03 1.36 8.20
N SER D 81 -30.77 0.37 9.07
CA SER D 81 -29.85 -0.70 8.71
C SER D 81 -30.50 -1.93 8.06
N THR D 82 -31.83 -1.98 8.06
CA THR D 82 -32.53 -3.10 7.43
C THR D 82 -32.21 -3.20 5.95
N GLN D 83 -32.14 -4.42 5.43
CA GLN D 83 -32.30 -4.59 4.00
C GLN D 83 -33.68 -5.19 3.82
N ASP D 84 -34.58 -4.36 3.31
CA ASP D 84 -35.96 -4.75 3.04
C ASP D 84 -36.16 -6.15 2.43
N HIS D 85 -35.39 -6.51 1.41
CA HIS D 85 -35.59 -7.81 0.76
C HIS D 85 -35.17 -8.99 1.63
N ALA D 86 -34.25 -8.73 2.56
CA ALA D 86 -33.88 -9.73 3.55
C ALA D 86 -35.00 -9.86 4.60
N ALA D 87 -35.51 -8.74 5.08
CA ALA D 87 -36.63 -8.76 6.00
C ALA D 87 -37.79 -9.59 5.41
N ALA D 88 -38.15 -9.29 4.17
CA ALA D 88 -39.21 -9.98 3.45
C ALA D 88 -39.01 -11.49 3.31
N ALA D 89 -37.79 -11.92 2.97
CA ALA D 89 -37.56 -13.35 2.78
C ALA D 89 -37.77 -14.08 4.09
N ILE D 90 -37.39 -13.42 5.19
CA ILE D 90 -37.59 -13.97 6.52
C ILE D 90 -39.06 -14.00 6.95
N ALA D 91 -39.77 -12.91 6.67
CA ALA D 91 -41.20 -12.87 6.95
C ALA D 91 -41.92 -13.97 6.18
N ALA D 92 -41.48 -14.23 4.96
CA ALA D 92 -42.12 -15.22 4.09
C ALA D 92 -41.97 -16.67 4.57
N THR D 93 -41.05 -16.92 5.50
CA THR D 93 -40.93 -18.27 6.07
C THR D 93 -41.87 -18.43 7.26
N GLY D 94 -42.53 -17.33 7.62
CA GLY D 94 -43.41 -17.33 8.78
C GLY D 94 -42.76 -16.82 10.06
N THR D 95 -41.44 -16.67 10.05
CA THR D 95 -40.79 -16.08 11.21
C THR D 95 -41.24 -14.62 11.32
N PRO D 96 -41.79 -14.24 12.49
CA PRO D 96 -42.21 -12.85 12.71
C PRO D 96 -41.00 -11.93 12.74
N VAL D 97 -41.06 -10.92 11.90
CA VAL D 97 -39.95 -9.98 11.75
C VAL D 97 -40.53 -8.58 11.66
N PHE D 98 -39.97 -7.66 12.43
CA PHE D 98 -40.49 -6.30 12.40
C PHE D 98 -39.33 -5.38 12.14
N ALA D 99 -39.11 -5.08 10.86
CA ALA D 99 -37.96 -4.28 10.44
C ALA D 99 -38.21 -3.63 9.10
N VAL D 100 -38.06 -2.30 9.05
CA VAL D 100 -38.20 -1.53 7.82
C VAL D 100 -37.03 -0.56 7.70
N LYS D 101 -36.45 -0.45 6.52
CA LYS D 101 -35.40 0.54 6.27
C LYS D 101 -35.99 1.94 6.27
N GLY D 102 -35.62 2.73 7.25
CA GLY D 102 -36.14 4.08 7.36
C GLY D 102 -37.40 4.12 8.20
N GLU D 103 -37.38 3.39 9.30
CA GLU D 103 -38.44 3.47 10.29
C GLU D 103 -38.19 4.69 11.18
N THR D 104 -39.25 5.17 11.80
CA THR D 104 -39.15 6.28 12.72
C THR D 104 -38.70 5.76 14.07
N LEU D 105 -38.43 6.67 14.98
CA LEU D 105 -38.12 6.31 16.37
C LEU D 105 -39.28 5.59 17.05
N GLU D 106 -40.48 6.14 16.90
CA GLU D 106 -41.66 5.51 17.48
C GLU D 106 -41.79 4.07 16.98
N GLU D 107 -41.67 3.89 15.66
CA GLU D 107 -41.78 2.55 15.07
C GLU D 107 -40.69 1.64 15.61
N TYR D 108 -39.49 2.17 15.75
CA TYR D 108 -38.38 1.36 16.24
C TYR D 108 -38.69 0.69 17.58
N TRP D 109 -39.17 1.49 18.53
CA TRP D 109 -39.50 0.94 19.84
C TRP D 109 -40.72 0.03 19.82
N THR D 110 -41.71 0.36 19.00
CA THR D 110 -42.87 -0.51 18.81
C THR D 110 -42.43 -1.91 18.36
N TYR D 111 -41.52 -1.95 17.38
CA TYR D 111 -40.94 -3.22 16.93
C TYR D 111 -40.14 -3.94 18.02
N THR D 112 -39.29 -3.19 18.71
CA THR D 112 -38.51 -3.79 19.80
C THR D 112 -39.43 -4.54 20.76
N ASP D 113 -40.58 -3.94 21.04
CA ASP D 113 -41.57 -4.51 21.97
C ASP D 113 -42.22 -5.76 21.38
N GLN D 114 -42.43 -5.73 20.08
CA GLN D 114 -43.06 -6.82 19.36
C GLN D 114 -42.29 -8.14 19.43
N ILE D 115 -40.96 -8.06 19.44
CA ILE D 115 -40.15 -9.28 19.48
C ILE D 115 -40.40 -10.09 20.75
N PHE D 116 -41.06 -9.49 21.75
CA PHE D 116 -41.31 -10.16 23.03
C PHE D 116 -42.76 -10.63 23.18
N GLN D 117 -43.59 -10.26 22.20
CA GLN D 117 -45.02 -10.58 22.23
C GLN D 117 -45.32 -11.88 21.51
N TRP D 118 -45.07 -13.02 22.17
CA TRP D 118 -45.40 -14.32 21.59
C TRP D 118 -46.91 -14.61 21.55
N PRO D 119 -47.35 -15.29 20.49
CA PRO D 119 -48.76 -15.61 20.23
C PRO D 119 -49.37 -16.49 21.32
N ASP D 120 -48.57 -17.33 21.97
CA ASP D 120 -49.11 -18.18 23.03
C ASP D 120 -49.10 -17.47 24.39
N GLY D 121 -48.76 -16.19 24.36
CA GLY D 121 -48.76 -15.38 25.57
C GLY D 121 -47.61 -15.63 26.51
N GLU D 122 -46.76 -16.62 26.19
CA GLU D 122 -45.60 -16.94 27.03
C GLU D 122 -44.36 -16.09 26.68
N PRO D 123 -43.50 -15.78 27.67
CA PRO D 123 -42.32 -14.94 27.38
C PRO D 123 -41.23 -15.62 26.57
N SER D 124 -40.30 -14.82 26.04
CA SER D 124 -39.09 -15.34 25.41
C SER D 124 -38.23 -15.93 26.54
N ASN D 125 -37.26 -16.77 26.19
CA ASN D 125 -36.35 -17.31 27.20
C ASN D 125 -34.90 -16.98 26.87
N MET D 126 -34.69 -16.35 25.73
CA MET D 126 -33.36 -15.89 25.31
C MET D 126 -33.36 -14.53 24.59
N ILE D 127 -32.24 -13.82 24.70
CA ILE D 127 -32.04 -12.59 23.94
C ILE D 127 -30.74 -12.64 23.12
N LEU D 128 -30.82 -12.17 21.88
CA LEU D 128 -29.66 -12.05 21.04
C LEU D 128 -29.65 -10.60 20.64
N ASP D 129 -28.68 -9.88 21.16
CA ASP D 129 -28.75 -8.42 21.16
C ASP D 129 -27.51 -7.78 20.53
N ASP D 130 -27.68 -6.58 19.98
CA ASP D 130 -26.59 -5.80 19.37
C ASP D 130 -26.80 -4.33 19.70
N GLY D 131 -26.03 -3.81 20.64
CA GLY D 131 -26.26 -2.46 21.12
C GLY D 131 -26.89 -2.45 22.50
N GLY D 132 -27.57 -3.53 22.88
CA GLY D 132 -28.18 -3.63 24.19
C GLY D 132 -29.58 -3.03 24.31
N ASP D 133 -30.18 -2.62 23.21
CA ASP D 133 -31.51 -1.99 23.26
C ASP D 133 -32.59 -2.92 23.82
N ALA D 134 -32.62 -4.16 23.36
CA ALA D 134 -33.62 -5.12 23.78
C ALA D 134 -33.45 -5.52 25.23
N THR D 135 -32.20 -5.65 25.65
CA THR D 135 -31.91 -5.97 27.05
C THR D 135 -32.40 -4.83 27.94
N MET D 136 -31.89 -3.62 27.71
CA MET D 136 -32.26 -2.42 28.45
C MET D 136 -33.78 -2.23 28.60
N TYR D 137 -34.49 -2.41 27.50
CA TYR D 137 -35.94 -2.27 27.48
C TYR D 137 -36.58 -3.14 28.55
N ILE D 138 -36.21 -4.41 28.59
CA ILE D 138 -36.80 -5.32 29.56
C ILE D 138 -36.43 -4.90 30.97
N LEU D 139 -35.17 -4.51 31.14
CA LEU D 139 -34.62 -4.27 32.47
C LEU D 139 -35.13 -2.97 33.07
N ILE D 140 -35.16 -1.92 32.25
CA ILE D 140 -35.68 -0.63 32.68
C ILE D 140 -37.17 -0.71 32.87
N GLY D 141 -37.83 -1.45 31.98
CA GLY D 141 -39.25 -1.68 32.12
C GLY D 141 -39.57 -2.40 33.43
N ALA D 142 -38.77 -3.40 33.76
CA ALA D 142 -39.04 -4.18 34.96
C ALA D 142 -38.90 -3.30 36.19
N ARG D 143 -37.86 -2.47 36.20
CA ARG D 143 -37.57 -1.59 37.32
C ARG D 143 -38.70 -0.59 37.52
N ALA D 144 -39.16 -0.01 36.42
CA ALA D 144 -40.32 0.87 36.46
C ALA D 144 -41.51 0.17 37.12
N GLU D 145 -41.68 -1.11 36.79
CA GLU D 145 -42.79 -1.90 37.31
C GLU D 145 -42.65 -2.14 38.81
N ALA D 146 -41.40 -2.24 39.27
CA ALA D 146 -41.15 -2.40 40.69
C ALA D 146 -41.29 -1.07 41.45
N GLY D 147 -41.59 0.01 40.72
CA GLY D 147 -41.89 1.28 41.35
C GLY D 147 -40.74 2.27 41.38
N GLU D 148 -39.59 1.86 40.84
CA GLU D 148 -38.42 2.71 40.72
C GLU D 148 -38.68 3.86 39.73
N ASP D 149 -38.11 5.03 39.98
CA ASP D 149 -38.36 6.20 39.12
C ASP D 149 -37.34 6.29 37.98
N VAL D 150 -37.56 5.49 36.94
CA VAL D 150 -36.58 5.35 35.85
C VAL D 150 -37.08 5.96 34.55
N LEU D 151 -38.26 6.59 34.62
CA LEU D 151 -38.94 7.06 33.42
C LEU D 151 -39.14 8.58 33.39
N SER D 152 -38.31 9.28 34.15
CA SER D 152 -38.42 10.72 34.24
C SER D 152 -37.12 11.48 33.94
N ASN D 153 -37.28 12.74 33.54
CA ASN D 153 -36.18 13.58 33.13
C ASN D 153 -35.42 13.11 31.86
N PRO D 154 -36.15 12.60 30.86
CA PRO D 154 -35.46 12.10 29.66
C PRO D 154 -34.54 13.14 29.01
N GLN D 155 -33.33 12.70 28.68
CA GLN D 155 -32.28 13.54 28.10
C GLN D 155 -32.43 13.73 26.59
N SER D 156 -32.84 12.69 25.87
CA SER D 156 -32.97 12.75 24.42
C SER D 156 -34.41 12.60 23.93
N GLU D 157 -34.65 12.98 22.68
CA GLU D 157 -35.90 12.65 22.02
C GLU D 157 -36.03 11.14 22.01
N GLU D 158 -34.92 10.45 21.71
CA GLU D 158 -34.88 8.97 21.70
C GLU D 158 -35.25 8.37 23.07
N GLU D 159 -34.82 9.04 24.15
CA GLU D 159 -35.09 8.56 25.51
C GLU D 159 -36.58 8.70 25.84
N GLU D 160 -37.16 9.82 25.42
CA GLU D 160 -38.57 10.10 25.64
C GLU D 160 -39.48 9.06 24.94
N VAL D 161 -39.16 8.73 23.68
CA VAL D 161 -39.94 7.69 22.99
C VAL D 161 -39.81 6.27 23.58
N LEU D 162 -38.63 5.93 24.08
CA LEU D 162 -38.43 4.68 24.80
C LEU D 162 -39.27 4.66 26.09
N PHE D 163 -39.38 5.80 26.76
CA PHE D 163 -40.14 5.86 28.01
C PHE D 163 -41.63 5.68 27.74
N ALA D 164 -42.12 6.44 26.77
CA ALA D 164 -43.51 6.32 26.33
C ALA D 164 -43.87 4.87 25.99
N GLN D 165 -42.99 4.18 25.27
CA GLN D 165 -43.26 2.79 24.87
C GLN D 165 -43.32 1.88 26.08
N ILE D 166 -42.43 2.11 27.05
CA ILE D 166 -42.48 1.34 28.28
C ILE D 166 -43.81 1.55 29.04
N LYS D 167 -44.20 2.82 29.22
CA LYS D 167 -45.46 3.13 29.89
C LYS D 167 -46.59 2.41 29.17
N LYS D 168 -46.69 2.65 27.86
CA LYS D 168 -47.65 2.00 26.97
C LYS D 168 -47.80 0.50 27.21
N ARG D 169 -46.67 -0.20 27.31
CA ARG D 169 -46.67 -1.64 27.50
C ARG D 169 -47.14 -1.99 28.92
N MET D 170 -46.67 -1.23 29.92
CA MET D 170 -47.11 -1.41 31.31
C MET D 170 -48.63 -1.35 31.47
N ALA D 171 -49.26 -0.39 30.79
CA ALA D 171 -50.72 -0.24 30.84
C ALA D 171 -51.49 -1.37 30.12
N ALA D 172 -51.05 -1.72 28.92
CA ALA D 172 -51.68 -2.77 28.11
C ALA D 172 -51.61 -4.16 28.76
N THR D 173 -50.43 -4.53 29.25
CA THR D 173 -50.25 -5.82 29.90
C THR D 173 -49.40 -5.73 31.17
N PRO D 174 -50.04 -5.38 32.30
CA PRO D 174 -49.32 -5.21 33.58
C PRO D 174 -48.61 -6.49 34.02
N GLY D 175 -47.41 -6.35 34.59
CA GLY D 175 -46.62 -7.51 34.98
C GLY D 175 -45.69 -8.00 33.87
N PHE D 176 -45.95 -7.59 32.62
CA PHE D 176 -45.18 -8.05 31.47
C PHE D 176 -43.65 -8.04 31.65
N PHE D 177 -43.10 -6.91 32.07
CA PHE D 177 -41.64 -6.74 32.12
C PHE D 177 -41.01 -7.65 33.14
N THR D 178 -41.65 -7.72 34.31
CA THR D 178 -41.19 -8.51 35.44
C THR D 178 -41.28 -10.00 35.11
N LYS D 179 -42.38 -10.42 34.51
CA LYS D 179 -42.51 -11.81 34.08
C LYS D 179 -41.50 -12.18 32.98
N GLN D 180 -41.16 -11.21 32.13
CA GLN D 180 -40.19 -11.45 31.07
C GLN D 180 -38.74 -11.41 31.57
N ARG D 181 -38.42 -10.45 32.43
CA ARG D 181 -37.09 -10.39 33.05
C ARG D 181 -36.76 -11.74 33.65
N ALA D 182 -37.73 -12.30 34.35
CA ALA D 182 -37.51 -13.52 35.12
C ALA D 182 -37.32 -14.70 34.20
N ALA D 183 -37.87 -14.62 33.00
CA ALA D 183 -37.87 -15.77 32.10
C ALA D 183 -36.64 -15.85 31.20
N ILE D 184 -35.79 -14.83 31.23
CA ILE D 184 -34.60 -14.85 30.39
C ILE D 184 -33.51 -15.72 31.01
N LYS D 185 -33.17 -16.80 30.31
CA LYS D 185 -32.05 -17.66 30.70
C LYS D 185 -30.70 -17.00 30.41
N GLY D 186 -30.62 -16.22 29.33
CA GLY D 186 -29.37 -15.53 29.03
C GLY D 186 -29.46 -14.57 27.86
N VAL D 187 -28.48 -13.67 27.77
CA VAL D 187 -28.36 -12.76 26.64
C VAL D 187 -26.99 -12.90 25.98
N THR D 188 -26.94 -12.85 24.64
CA THR D 188 -25.67 -12.72 23.96
C THR D 188 -25.60 -11.33 23.34
N GLU D 189 -24.45 -10.66 23.50
CA GLU D 189 -24.29 -9.28 23.01
C GLU D 189 -23.17 -9.12 21.96
N GLU D 190 -23.53 -8.52 20.83
CA GLU D 190 -22.72 -8.49 19.62
C GLU D 190 -21.57 -7.45 19.61
N THR D 191 -21.83 -6.26 20.12
CA THR D 191 -20.96 -5.13 19.79
C THR D 191 -20.41 -4.39 20.99
N THR D 192 -19.31 -3.67 20.74
CA THR D 192 -18.58 -2.97 21.77
C THR D 192 -19.49 -2.15 22.66
N THR D 193 -20.29 -1.29 22.05
CA THR D 193 -21.17 -0.39 22.81
C THR D 193 -22.16 -1.11 23.71
N GLY D 194 -22.71 -2.23 23.21
CA GLY D 194 -23.58 -3.06 24.01
C GLY D 194 -22.84 -3.74 25.17
N VAL D 195 -21.63 -4.24 24.89
CA VAL D 195 -20.84 -4.90 25.90
C VAL D 195 -20.49 -3.92 27.01
N ASN D 196 -20.23 -2.67 26.64
CA ASN D 196 -19.97 -1.65 27.65
C ASN D 196 -21.16 -1.42 28.58
N ARG D 197 -22.38 -1.43 28.00
CA ARG D 197 -23.62 -1.32 28.78
C ARG D 197 -23.77 -2.48 29.76
N LEU D 198 -23.44 -3.67 29.28
CA LEU D 198 -23.48 -4.88 30.11
C LEU D 198 -22.55 -4.77 31.30
N TYR D 199 -21.32 -4.29 31.06
CA TYR D 199 -20.34 -4.10 32.14
C TYR D 199 -20.79 -3.05 33.17
N GLN D 200 -21.43 -1.98 32.70
CA GLN D 200 -22.08 -1.03 33.60
C GLN D 200 -23.10 -1.74 34.52
N LEU D 201 -23.99 -2.54 33.93
CA LEU D 201 -25.00 -3.31 34.67
C LEU D 201 -24.41 -4.22 35.75
N GLN D 202 -23.52 -5.13 35.32
CA GLN D 202 -22.85 -6.08 36.19
C GLN D 202 -22.22 -5.35 37.36
N LYS D 203 -21.55 -4.26 37.03
CA LYS D 203 -20.88 -3.42 38.03
C LYS D 203 -21.88 -2.88 39.05
N LYS D 204 -23.07 -2.53 38.59
CA LYS D 204 -24.08 -1.99 39.49
C LYS D 204 -24.92 -3.08 40.22
N GLY D 205 -24.65 -4.35 39.89
CA GLY D 205 -25.48 -5.44 40.38
C GLY D 205 -26.84 -5.50 39.68
N LEU D 206 -26.90 -4.92 38.48
CA LEU D 206 -28.17 -4.82 37.74
C LEU D 206 -28.25 -5.77 36.54
N LEU D 207 -27.42 -6.81 36.55
CA LEU D 207 -27.52 -7.89 35.56
C LEU D 207 -28.06 -9.13 36.27
N PRO D 208 -29.28 -9.54 35.93
CA PRO D 208 -30.00 -10.62 36.62
C PRO D 208 -29.93 -11.94 35.87
N PHE D 209 -29.07 -12.00 34.86
CA PHE D 209 -28.82 -13.25 34.15
C PHE D 209 -27.43 -13.23 33.51
N PRO D 210 -26.97 -14.40 33.06
CA PRO D 210 -25.68 -14.46 32.36
C PRO D 210 -25.68 -13.79 30.97
N ALA D 211 -24.58 -13.13 30.64
CA ALA D 211 -24.37 -12.55 29.32
C ALA D 211 -23.10 -13.11 28.68
N ILE D 212 -23.19 -13.50 27.40
CA ILE D 212 -21.97 -13.82 26.64
C ILE D 212 -21.51 -12.64 25.79
N ASN D 213 -20.34 -12.12 26.11
CA ASN D 213 -19.76 -11.02 25.36
C ASN D 213 -19.16 -11.58 24.07
N VAL D 214 -19.97 -11.54 23.01
CA VAL D 214 -19.58 -12.07 21.70
C VAL D 214 -18.52 -11.15 21.06
N ASN D 215 -18.65 -9.85 21.33
CA ASN D 215 -17.73 -8.88 20.76
C ASN D 215 -16.28 -9.25 20.97
N ASP D 216 -15.97 -9.77 22.16
CA ASP D 216 -14.56 -9.93 22.49
C ASP D 216 -13.96 -11.30 22.16
N SER D 217 -14.71 -12.08 21.39
CA SER D 217 -14.15 -13.23 20.71
C SER D 217 -13.11 -12.64 19.78
N VAL D 218 -11.97 -13.30 19.66
CA VAL D 218 -10.92 -12.80 18.78
C VAL D 218 -11.42 -12.81 17.34
N THR D 219 -12.15 -13.86 17.00
CA THR D 219 -12.73 -13.99 15.66
C THR D 219 -13.95 -13.07 15.45
N LYS D 220 -14.28 -12.27 16.44
CA LYS D 220 -15.27 -11.22 16.22
C LYS D 220 -14.59 -9.86 16.11
N SER D 221 -14.01 -9.39 17.22
CA SER D 221 -13.42 -8.06 17.34
C SER D 221 -12.28 -7.79 16.35
N LYS D 222 -11.41 -8.76 16.16
CA LYS D 222 -10.25 -8.52 15.29
C LYS D 222 -10.55 -8.84 13.84
N PHE D 223 -11.83 -9.09 13.52
CA PHE D 223 -12.26 -9.39 12.15
C PHE D 223 -13.43 -8.50 11.72
N ASP D 224 -14.64 -8.85 12.14
CA ASP D 224 -15.77 -7.93 12.06
C ASP D 224 -15.40 -6.44 12.23
N ASN D 225 -14.94 -6.07 13.44
CA ASN D 225 -14.73 -4.65 13.78
C ASN D 225 -13.65 -3.97 12.98
N LYS D 226 -12.66 -4.73 12.54
CA LYS D 226 -11.55 -4.19 11.75
C LYS D 226 -11.77 -4.39 10.24
N TYR D 227 -11.77 -5.64 9.79
CA TYR D 227 -11.86 -5.96 8.37
C TYR D 227 -13.21 -5.60 7.77
N GLY D 228 -14.26 -5.80 8.56
CA GLY D 228 -15.61 -5.44 8.15
C GLY D 228 -15.71 -3.98 7.76
N CYS D 229 -15.26 -3.09 8.65
CA CYS D 229 -15.30 -1.66 8.40
C CYS D 229 -14.35 -1.28 7.28
N LYS D 230 -13.26 -2.03 7.14
CA LYS D 230 -12.39 -1.80 6.01
C LYS D 230 -13.17 -2.00 4.73
N GLU D 231 -13.97 -3.08 4.67
CA GLU D 231 -14.79 -3.38 3.50
C GLU D 231 -15.91 -2.36 3.29
N SER D 232 -16.54 -1.95 4.39
CA SER D 232 -17.86 -1.29 4.32
C SER D 232 -17.95 0.22 4.60
N LEU D 233 -16.92 0.81 5.17
CA LEU D 233 -16.91 2.26 5.35
C LEU D 233 -16.91 3.03 4.01
N VAL D 234 -15.90 2.85 3.16
CA VAL D 234 -15.93 3.62 1.90
C VAL D 234 -17.10 3.21 1.01
N ASP D 235 -17.51 1.94 1.13
CA ASP D 235 -18.71 1.44 0.43
C ASP D 235 -19.87 2.39 0.73
N GLY D 236 -20.03 2.74 1.98
CA GLY D 236 -21.12 3.61 2.36
C GLY D 236 -20.93 5.01 1.83
N ILE D 237 -19.70 5.50 1.91
CA ILE D 237 -19.38 6.85 1.44
C ILE D 237 -19.55 7.00 -0.08
N ARG D 238 -19.06 6.04 -0.84
CA ARG D 238 -19.27 6.03 -2.28
C ARG D 238 -20.76 5.98 -2.66
N ARG D 239 -21.53 5.04 -2.11
CA ARG D 239 -22.94 4.94 -2.51
C ARG D 239 -23.66 6.22 -2.16
N GLY D 240 -23.29 6.81 -1.03
CA GLY D 240 -23.90 8.04 -0.59
C GLY D 240 -23.52 9.29 -1.37
N THR D 241 -22.34 9.31 -1.98
CA THR D 241 -21.81 10.56 -2.53
C THR D 241 -21.12 10.47 -3.90
N ASP D 242 -20.67 9.27 -4.26
CA ASP D 242 -19.97 9.05 -5.53
C ASP D 242 -18.72 9.93 -5.66
N VAL D 243 -18.27 10.48 -4.55
CA VAL D 243 -17.07 11.30 -4.52
C VAL D 243 -15.83 10.48 -4.96
N MET D 244 -14.89 11.16 -5.62
CA MET D 244 -13.55 10.65 -5.92
C MET D 244 -12.69 10.54 -4.66
N MET D 245 -12.17 9.36 -4.35
CA MET D 245 -11.32 9.19 -3.16
C MET D 245 -9.86 9.67 -3.31
N ALA D 246 -9.14 9.18 -4.32
CA ALA D 246 -7.79 9.69 -4.61
C ALA D 246 -7.77 11.20 -4.64
N GLY D 247 -6.86 11.81 -3.89
CA GLY D 247 -6.71 13.25 -3.88
C GLY D 247 -7.38 13.91 -2.69
N LYS D 248 -8.20 13.15 -1.97
CA LYS D 248 -8.93 13.71 -0.84
C LYS D 248 -8.31 13.36 0.50
N VAL D 249 -8.49 14.27 1.45
CA VAL D 249 -8.01 14.09 2.79
C VAL D 249 -9.20 13.70 3.68
N ALA D 250 -9.08 12.57 4.39
CA ALA D 250 -10.08 12.08 5.34
C ALA D 250 -9.56 12.16 6.77
N VAL D 251 -10.43 12.58 7.70
CA VAL D 251 -10.10 12.56 9.11
C VAL D 251 -10.87 11.46 9.83
N VAL D 252 -10.14 10.49 10.37
CA VAL D 252 -10.75 9.41 11.13
C VAL D 252 -10.58 9.67 12.62
N CYS D 253 -11.70 9.88 13.29
CA CYS D 253 -11.69 10.12 14.74
C CYS D 253 -11.72 8.80 15.51
N GLY D 254 -10.62 8.48 16.18
CA GLY D 254 -10.53 7.24 16.92
C GLY D 254 -9.76 6.19 16.16
N TYR D 255 -8.99 5.38 16.87
CA TYR D 255 -8.13 4.40 16.23
C TYR D 255 -8.14 3.08 17.00
N GLY D 256 -9.33 2.69 17.44
CA GLY D 256 -9.54 1.37 17.99
C GLY D 256 -9.77 0.42 16.83
N ASP D 257 -10.45 -0.70 17.07
CA ASP D 257 -10.67 -1.70 16.04
C ASP D 257 -11.42 -1.15 14.83
N VAL D 258 -12.44 -0.33 15.08
CA VAL D 258 -13.19 0.28 13.99
C VAL D 258 -12.38 1.38 13.27
N GLY D 259 -11.71 2.24 14.03
CA GLY D 259 -10.90 3.29 13.44
C GLY D 259 -9.77 2.69 12.64
N LYS D 260 -9.17 1.62 13.14
CA LYS D 260 -8.14 0.92 12.39
C LYS D 260 -8.65 0.47 11.03
N GLY D 261 -9.80 -0.22 11.02
CA GLY D 261 -10.41 -0.68 9.77
C GLY D 261 -10.90 0.43 8.86
N SER D 262 -11.47 1.47 9.47
CA SER D 262 -11.91 2.65 8.73
C SER D 262 -10.75 3.33 8.02
N ALA D 263 -9.61 3.44 8.71
CA ALA D 263 -8.45 4.08 8.14
C ALA D 263 -7.98 3.27 6.94
N GLN D 264 -7.91 1.95 7.08
CA GLN D 264 -7.52 1.08 5.95
C GLN D 264 -8.48 1.20 4.78
N SER D 265 -9.77 1.28 5.09
CA SER D 265 -10.82 1.46 4.09
C SER D 265 -10.55 2.67 3.18
N LEU D 266 -10.25 3.81 3.80
CA LEU D 266 -10.02 5.05 3.08
C LEU D 266 -8.67 5.06 2.37
N ALA D 267 -7.62 4.65 3.08
CA ALA D 267 -6.29 4.63 2.49
C ALA D 267 -6.26 3.70 1.29
N GLY D 268 -6.87 2.53 1.45
CA GLY D 268 -6.89 1.52 0.40
C GLY D 268 -7.69 1.94 -0.82
N ALA D 269 -8.49 2.99 -0.67
CA ALA D 269 -9.25 3.54 -1.80
C ALA D 269 -8.54 4.76 -2.43
N GLY D 270 -7.49 5.24 -1.78
CA GLY D 270 -6.70 6.30 -2.34
C GLY D 270 -6.73 7.63 -1.59
N ALA D 271 -7.48 7.68 -0.50
CA ALA D 271 -7.54 8.91 0.27
C ALA D 271 -6.34 8.99 1.20
N ARG D 272 -6.00 10.21 1.60
CA ARG D 272 -4.88 10.47 2.49
C ARG D 272 -5.42 10.66 3.90
N VAL D 273 -5.05 9.76 4.82
CA VAL D 273 -5.75 9.63 6.12
C VAL D 273 -5.05 10.23 7.34
N LYS D 274 -5.74 11.13 8.04
CA LYS D 274 -5.27 11.70 9.31
C LYS D 274 -6.12 11.05 10.39
N VAL D 275 -5.57 10.88 11.60
CA VAL D 275 -6.26 10.13 12.66
C VAL D 275 -6.29 10.95 13.93
N THR D 276 -7.39 10.91 14.68
CA THR D 276 -7.37 11.48 16.03
C THR D 276 -7.49 10.34 17.07
N GLU D 277 -7.05 10.61 18.30
CA GLU D 277 -7.14 9.65 19.39
C GLU D 277 -6.96 10.35 20.73
N VAL D 278 -7.52 9.75 21.77
CA VAL D 278 -7.27 10.19 23.16
C VAL D 278 -6.32 9.20 23.85
N ASP D 279 -6.22 7.99 23.32
CA ASP D 279 -5.35 6.96 23.86
C ASP D 279 -3.98 7.02 23.20
N PRO D 280 -2.92 7.26 24.00
CA PRO D 280 -1.57 7.44 23.46
C PRO D 280 -1.01 6.19 22.79
N ILE D 281 -1.36 5.01 23.28
CA ILE D 281 -0.96 3.76 22.62
C ILE D 281 -1.60 3.60 21.23
N CYS D 282 -2.90 3.87 21.13
CA CYS D 282 -3.61 3.84 19.86
C CYS D 282 -3.11 4.93 18.89
N ALA D 283 -2.78 6.11 19.42
CA ALA D 283 -2.19 7.17 18.60
C ALA D 283 -0.83 6.77 18.05
N LEU D 284 0.03 6.21 18.89
CA LEU D 284 1.33 5.78 18.43
C LEU D 284 1.20 4.69 17.36
N GLN D 285 0.20 3.82 17.49
CA GLN D 285 -0.08 2.82 16.46
C GLN D 285 -0.42 3.48 15.11
N ALA D 286 -1.26 4.51 15.16
CA ALA D 286 -1.66 5.24 13.96
C ALA D 286 -0.47 5.97 13.31
N ALA D 287 0.37 6.60 14.11
CA ALA D 287 1.58 7.24 13.59
C ALA D 287 2.53 6.22 12.97
N MET D 288 2.75 5.12 13.67
CA MET D 288 3.55 4.01 13.15
C MET D 288 3.00 3.42 11.86
N ASP D 289 1.68 3.49 11.70
CA ASP D 289 0.99 2.93 10.54
C ASP D 289 1.06 3.92 9.37
N GLY D 290 1.69 5.06 9.62
CA GLY D 290 2.01 6.00 8.58
C GLY D 290 1.01 7.13 8.46
N PHE D 291 0.13 7.26 9.44
CA PHE D 291 -0.87 8.32 9.42
C PHE D 291 -0.47 9.50 10.27
N GLU D 292 -0.77 10.70 9.76
CA GLU D 292 -0.57 11.90 10.52
C GLU D 292 -1.62 11.94 11.63
N VAL D 293 -1.17 12.03 12.88
CA VAL D 293 -2.05 12.09 14.05
C VAL D 293 -2.30 13.53 14.46
N VAL D 294 -3.56 13.96 14.37
CA VAL D 294 -3.94 15.35 14.57
C VAL D 294 -5.16 15.44 15.51
N THR D 295 -5.50 16.65 15.93
CA THR D 295 -6.77 16.91 16.60
C THR D 295 -7.74 17.44 15.56
N LEU D 296 -9.00 17.06 15.68
CA LEU D 296 -10.04 17.57 14.80
C LEU D 296 -10.12 19.11 14.83
N ASP D 297 -9.89 19.71 16.00
CA ASP D 297 -9.84 21.17 16.09
C ASP D 297 -8.91 21.73 15.01
N ASP D 298 -7.73 21.13 14.87
CA ASP D 298 -6.73 21.64 13.93
C ASP D 298 -7.03 21.24 12.50
N ALA D 299 -7.62 20.06 12.33
CA ALA D 299 -7.74 19.44 11.00
C ALA D 299 -9.08 19.66 10.32
N ALA D 300 -10.08 20.06 11.09
CA ALA D 300 -11.45 20.18 10.56
C ALA D 300 -11.54 21.08 9.31
N SER D 301 -10.89 22.23 9.35
CA SER D 301 -11.14 23.24 8.32
C SER D 301 -10.69 22.84 6.91
N THR D 302 -9.85 21.82 6.79
CA THR D 302 -9.33 21.45 5.47
C THR D 302 -9.64 20.03 5.03
N ALA D 303 -10.36 19.30 5.88
CA ALA D 303 -10.72 17.94 5.56
C ALA D 303 -11.76 17.87 4.45
N ASP D 304 -11.70 16.81 3.65
CA ASP D 304 -12.74 16.53 2.66
C ASP D 304 -13.81 15.57 3.19
N ILE D 305 -13.39 14.67 4.08
CA ILE D 305 -14.24 13.65 4.66
C ILE D 305 -13.91 13.61 6.15
N VAL D 306 -14.92 13.54 7.01
CA VAL D 306 -14.66 13.39 8.44
C VAL D 306 -15.55 12.29 9.02
N VAL D 307 -14.94 11.31 9.64
CA VAL D 307 -15.66 10.13 10.09
C VAL D 307 -15.31 9.84 11.55
N THR D 308 -16.30 9.46 12.31
CA THR D 308 -16.10 9.15 13.72
C THR D 308 -16.28 7.64 13.98
N THR D 309 -15.40 7.06 14.81
CA THR D 309 -15.41 5.61 15.06
C THR D 309 -15.26 5.25 16.53
N THR D 310 -15.59 6.18 17.43
CA THR D 310 -15.21 6.08 18.83
C THR D 310 -16.18 5.32 19.76
N GLY D 311 -17.48 5.43 19.51
CA GLY D 311 -18.45 4.92 20.45
C GLY D 311 -18.57 5.84 21.64
N ASN D 312 -17.95 7.01 21.53
CA ASN D 312 -18.08 8.06 22.53
C ASN D 312 -19.11 9.05 22.05
N LYS D 313 -19.20 10.23 22.66
CA LYS D 313 -20.19 11.23 22.22
C LYS D 313 -19.60 12.64 22.05
N ASP D 314 -20.22 13.44 21.19
CA ASP D 314 -19.76 14.82 21.00
C ASP D 314 -18.30 14.87 20.51
N VAL D 315 -18.00 13.99 19.56
CA VAL D 315 -16.69 13.90 18.96
C VAL D 315 -16.58 14.90 17.79
N ILE D 316 -17.63 14.97 16.97
CA ILE D 316 -17.72 16.00 15.94
C ILE D 316 -18.79 17.02 16.35
N THR D 317 -18.35 18.20 16.76
CA THR D 317 -19.25 19.18 17.36
C THR D 317 -19.71 20.23 16.38
N ILE D 318 -20.63 21.07 16.82
CA ILE D 318 -21.12 22.17 15.99
C ILE D 318 -19.96 23.12 15.70
N ASP D 319 -19.02 23.20 16.62
CA ASP D 319 -17.89 24.09 16.42
C ASP D 319 -17.00 23.59 15.31
N HIS D 320 -16.85 22.27 15.24
CA HIS D 320 -16.05 21.63 14.21
C HIS D 320 -16.71 21.77 12.85
N MET D 321 -18.01 21.50 12.81
CA MET D 321 -18.76 21.54 11.56
C MET D 321 -18.85 22.95 10.98
N ARG D 322 -18.85 23.95 11.86
CA ARG D 322 -18.75 25.33 11.41
C ARG D 322 -17.45 25.57 10.63
N LYS D 323 -16.32 25.05 11.16
CA LYS D 323 -15.01 25.30 10.56
C LYS D 323 -14.86 24.57 9.22
N MET D 324 -15.61 23.49 9.04
CA MET D 324 -15.46 22.64 7.85
C MET D 324 -15.61 23.44 6.57
N LYS D 325 -15.04 22.95 5.49
CA LYS D 325 -15.17 23.61 4.20
C LYS D 325 -16.40 23.11 3.46
N ASP D 326 -16.90 23.94 2.55
CA ASP D 326 -18.09 23.61 1.78
C ASP D 326 -18.00 22.21 1.19
N MET D 327 -19.06 21.43 1.36
CA MET D 327 -19.20 20.09 0.79
C MET D 327 -18.37 19.01 1.48
N CYS D 328 -17.73 19.34 2.60
CA CYS D 328 -17.11 18.31 3.42
C CYS D 328 -18.17 17.25 3.79
N ILE D 329 -17.81 15.99 3.65
CA ILE D 329 -18.70 14.87 3.97
C ILE D 329 -18.49 14.45 5.42
N VAL D 330 -19.58 14.26 6.15
CA VAL D 330 -19.51 13.91 7.57
C VAL D 330 -20.31 12.67 7.88
N GLY D 331 -19.70 11.71 8.56
CA GLY D 331 -20.39 10.46 8.84
C GLY D 331 -19.98 9.84 10.16
N ASN D 332 -20.80 8.93 10.67
CA ASN D 332 -20.48 8.17 11.88
C ASN D 332 -20.56 6.66 11.66
N ILE D 333 -19.58 5.92 12.15
CA ILE D 333 -19.62 4.47 12.04
C ILE D 333 -19.54 3.77 13.41
N GLY D 334 -19.65 4.58 14.46
CA GLY D 334 -19.79 4.04 15.81
C GLY D 334 -21.27 3.71 16.01
N HIS D 335 -21.60 3.02 17.09
CA HIS D 335 -22.95 2.45 17.21
C HIS D 335 -24.14 3.42 17.31
N PHE D 336 -23.91 4.63 17.82
CA PHE D 336 -25.03 5.52 18.17
C PHE D 336 -24.83 6.88 17.55
N ASP D 337 -25.95 7.53 17.22
CA ASP D 337 -25.94 8.80 16.49
C ASP D 337 -25.52 10.06 17.27
N ASN D 338 -25.03 9.90 18.50
CA ASN D 338 -24.59 11.07 19.27
C ASN D 338 -23.11 11.43 19.15
N GLU D 339 -22.36 10.67 18.36
CA GLU D 339 -20.95 10.98 18.17
C GLU D 339 -20.85 12.32 17.45
N ILE D 340 -21.72 12.54 16.48
CA ILE D 340 -21.86 13.84 15.83
C ILE D 340 -22.99 14.64 16.45
N GLN D 341 -22.84 15.95 16.52
CA GLN D 341 -23.88 16.78 17.11
C GLN D 341 -24.97 17.14 16.10
N VAL D 342 -25.69 16.11 15.65
CA VAL D 342 -26.76 16.27 14.67
C VAL D 342 -27.89 17.14 15.22
N ALA D 343 -28.27 16.92 16.48
CA ALA D 343 -29.32 17.74 17.07
C ALA D 343 -29.02 19.23 16.85
N ALA D 344 -27.74 19.58 16.93
CA ALA D 344 -27.37 20.98 16.80
C ALA D 344 -27.46 21.50 15.36
N LEU D 345 -27.64 20.58 14.42
CA LEU D 345 -27.79 20.94 13.00
C LEU D 345 -29.25 21.09 12.60
N ARG D 346 -30.14 20.52 13.40
CA ARG D 346 -31.58 20.58 13.13
C ARG D 346 -32.04 22.03 12.94
N ASN D 347 -31.22 22.95 13.44
CA ASN D 347 -31.54 24.37 13.40
C ASN D 347 -31.45 24.96 12.00
N LEU D 348 -30.62 24.35 11.15
CA LEU D 348 -30.27 24.91 9.84
C LEU D 348 -31.06 24.30 8.67
N LYS D 349 -30.80 24.83 7.48
CA LYS D 349 -31.53 24.43 6.28
C LYS D 349 -31.08 23.07 5.70
N TRP D 350 -31.90 22.04 5.91
CA TRP D 350 -31.64 20.76 5.28
C TRP D 350 -32.28 20.63 3.90
N THR D 351 -31.60 19.92 3.02
CA THR D 351 -32.15 19.55 1.73
C THR D 351 -31.83 18.09 1.55
N ASN D 352 -32.85 17.25 1.45
CA ASN D 352 -32.58 15.84 1.19
C ASN D 352 -32.10 15.65 -0.24
N VAL D 353 -31.11 14.79 -0.41
CA VAL D 353 -30.51 14.52 -1.71
C VAL D 353 -31.06 13.18 -2.15
N LYS D 354 -31.16 12.28 -1.19
CA LYS D 354 -31.67 10.95 -1.44
C LYS D 354 -31.68 10.19 -0.13
N PRO D 355 -32.14 8.93 -0.14
CA PRO D 355 -32.20 8.26 1.16
C PRO D 355 -30.84 8.26 1.85
N GLN D 356 -30.85 8.70 3.10
CA GLN D 356 -29.67 8.74 3.96
C GLN D 356 -28.59 9.70 3.49
N VAL D 357 -28.95 10.68 2.66
CA VAL D 357 -27.98 11.69 2.26
C VAL D 357 -28.61 13.08 2.30
N ASP D 358 -28.11 13.91 3.21
CA ASP D 358 -28.65 15.26 3.38
C ASP D 358 -27.61 16.37 3.21
N LEU D 359 -28.07 17.47 2.63
CA LEU D 359 -27.22 18.63 2.42
C LEU D 359 -27.65 19.62 3.46
N ILE D 360 -26.76 19.93 4.38
CA ILE D 360 -27.10 20.88 5.43
C ILE D 360 -26.36 22.19 5.20
N GLU D 361 -27.10 23.28 5.18
CA GLU D 361 -26.55 24.57 4.82
C GLU D 361 -26.45 25.52 5.97
N PHE D 362 -25.23 26.00 6.23
CA PHE D 362 -24.97 26.94 7.32
C PHE D 362 -25.36 28.36 6.86
N PRO D 363 -25.46 29.31 7.80
CA PRO D 363 -25.82 30.69 7.49
C PRO D 363 -24.92 31.32 6.42
N ASP D 364 -23.62 31.08 6.53
CA ASP D 364 -22.67 31.66 5.57
C ASP D 364 -22.78 31.02 4.20
N GLY D 365 -23.70 30.07 4.07
CA GLY D 365 -23.87 29.34 2.82
C GLY D 365 -23.01 28.09 2.69
N LYS D 366 -22.19 27.79 3.70
CA LYS D 366 -21.34 26.61 3.64
C LYS D 366 -22.20 25.39 3.80
N ARG D 367 -21.98 24.41 2.92
CA ARG D 367 -22.77 23.21 2.94
C ARG D 367 -21.96 22.02 3.44
N LEU D 368 -22.64 21.09 4.08
CA LEU D 368 -22.07 19.81 4.48
C LEU D 368 -22.90 18.69 3.86
N ILE D 369 -22.29 17.54 3.67
CA ILE D 369 -23.07 16.37 3.29
C ILE D 369 -23.10 15.45 4.49
N LEU D 370 -24.28 15.23 5.06
CA LEU D 370 -24.38 14.36 6.24
C LEU D 370 -24.89 13.01 5.85
N LEU D 371 -24.28 11.97 6.37
CA LEU D 371 -24.59 10.62 5.94
C LEU D 371 -25.43 9.88 6.99
N SER D 372 -26.51 9.24 6.52
CA SER D 372 -27.45 8.48 7.39
C SER D 372 -27.86 9.22 8.66
N GLU D 373 -28.00 10.54 8.57
CA GLU D 373 -28.37 11.35 9.71
C GLU D 373 -27.48 11.09 10.92
N GLY D 374 -26.20 10.84 10.65
CA GLY D 374 -25.24 10.62 11.71
C GLY D 374 -25.31 9.28 12.42
N ARG D 375 -26.03 8.33 11.85
CA ARG D 375 -26.05 6.95 12.36
C ARG D 375 -25.12 6.08 11.50
N LEU D 376 -24.80 4.86 11.95
CA LEU D 376 -23.85 3.98 11.26
C LEU D 376 -23.96 4.06 9.76
N LEU D 377 -22.98 4.67 9.12
CA LEU D 377 -23.12 4.94 7.70
C LEU D 377 -22.89 3.69 6.85
N ASN D 378 -22.06 2.76 7.31
CA ASN D 378 -21.88 1.53 6.54
C ASN D 378 -23.19 0.79 6.28
N LEU D 379 -24.01 0.69 7.32
CA LEU D 379 -25.30 0.01 7.24
C LEU D 379 -26.41 0.91 6.70
N GLY D 380 -26.33 2.20 6.99
CA GLY D 380 -27.32 3.15 6.49
C GLY D 380 -27.25 3.42 4.99
N ASN D 381 -26.04 3.73 4.51
CA ASN D 381 -25.83 4.14 3.10
C ASN D 381 -25.48 2.99 2.18
N ALA D 382 -25.12 1.87 2.75
CA ALA D 382 -24.91 0.67 1.97
C ALA D 382 -25.57 -0.54 2.65
N THR D 383 -24.80 -1.59 2.88
CA THR D 383 -25.35 -2.82 3.39
C THR D 383 -24.49 -3.40 4.53
N GLY D 384 -23.69 -2.58 5.19
CA GLY D 384 -22.82 -3.09 6.24
C GLY D 384 -21.85 -4.14 5.74
N HIS D 385 -21.37 -4.98 6.64
CA HIS D 385 -20.20 -5.82 6.36
C HIS D 385 -20.57 -6.97 5.45
N PRO D 386 -19.64 -7.44 4.63
CA PRO D 386 -19.97 -8.60 3.79
C PRO D 386 -20.20 -9.90 4.56
N SER D 387 -20.75 -10.86 3.85
CA SER D 387 -21.25 -12.09 4.46
C SER D 387 -20.15 -12.86 5.16
N PHE D 388 -19.04 -13.04 4.48
CA PHE D 388 -17.96 -13.86 5.03
C PHE D 388 -17.56 -13.41 6.43
N VAL D 389 -17.42 -12.11 6.64
CA VAL D 389 -16.96 -11.63 7.93
C VAL D 389 -18.06 -11.79 8.98
N MET D 390 -19.30 -11.53 8.57
CA MET D 390 -20.43 -11.71 9.47
C MET D 390 -20.60 -13.18 9.85
N SER D 391 -20.19 -14.09 8.98
CA SER D 391 -20.20 -15.52 9.33
C SER D 391 -19.30 -15.86 10.54
N ALA D 392 -18.11 -15.27 10.59
CA ALA D 392 -17.19 -15.51 11.70
C ALA D 392 -17.78 -14.97 12.99
N SER D 393 -18.36 -13.78 12.85
CA SER D 393 -19.00 -13.06 13.91
C SER D 393 -20.26 -13.79 14.43
N PHE D 394 -21.12 -14.20 13.51
CA PHE D 394 -22.38 -14.86 13.85
C PHE D 394 -22.23 -16.32 14.31
N THR D 395 -21.13 -16.97 13.96
CA THR D 395 -20.92 -18.34 14.37
C THR D 395 -20.64 -18.34 15.87
N ASN D 396 -20.06 -17.24 16.36
CA ASN D 396 -19.91 -17.02 17.80
C ASN D 396 -21.26 -16.87 18.49
N GLN D 397 -22.11 -16.03 17.92
CA GLN D 397 -23.48 -15.85 18.39
C GLN D 397 -24.17 -17.19 18.60
N VAL D 398 -24.07 -18.07 17.62
CA VAL D 398 -24.75 -19.36 17.72
C VAL D 398 -24.19 -20.21 18.86
N LEU D 399 -22.86 -20.19 19.02
CA LEU D 399 -22.21 -20.91 20.10
C LEU D 399 -22.59 -20.28 21.45
N GLY D 400 -22.74 -18.96 21.46
CA GLY D 400 -23.15 -18.26 22.66
C GLY D 400 -24.54 -18.66 23.10
N GLN D 401 -25.45 -18.75 22.13
CA GLN D 401 -26.81 -19.15 22.42
C GLN D 401 -26.85 -20.59 22.95
N ILE D 402 -26.22 -21.51 22.22
CA ILE D 402 -26.11 -22.91 22.66
C ILE D 402 -25.59 -23.04 24.10
N GLU D 403 -24.54 -22.31 24.45
CA GLU D 403 -24.05 -22.30 25.82
C GLU D 403 -25.15 -21.88 26.80
N LEU D 404 -25.60 -20.64 26.68
CA LEU D 404 -26.50 -20.09 27.69
C LEU D 404 -27.86 -20.77 27.73
N PHE D 405 -28.26 -21.37 26.62
CA PHE D 405 -29.53 -22.06 26.59
C PHE D 405 -29.43 -23.50 27.11
N THR D 406 -28.35 -24.21 26.77
CA THR D 406 -28.21 -25.62 27.18
C THR D 406 -27.38 -25.85 28.47
N ARG D 407 -26.67 -24.83 28.93
CA ARG D 407 -25.82 -24.99 30.10
C ARG D 407 -25.93 -23.79 31.02
N THR D 408 -27.15 -23.29 31.17
CA THR D 408 -27.43 -22.07 31.91
C THR D 408 -26.98 -22.13 33.37
N ASP D 409 -27.04 -23.32 33.93
CA ASP D 409 -26.73 -23.52 35.34
C ASP D 409 -25.24 -23.41 35.64
N ALA D 410 -24.42 -23.42 34.57
CA ALA D 410 -22.98 -23.28 34.71
C ALA D 410 -22.51 -21.84 34.76
N TYR D 411 -23.45 -20.90 34.68
CA TYR D 411 -23.11 -19.48 34.53
C TYR D 411 -23.82 -18.64 35.60
N LYS D 412 -23.10 -17.64 36.09
CA LYS D 412 -23.64 -16.74 37.10
C LYS D 412 -24.11 -15.49 36.37
N ASN D 413 -24.72 -14.56 37.10
CA ASN D 413 -25.13 -13.30 36.49
C ASN D 413 -23.93 -12.43 36.20
N GLU D 414 -23.12 -12.84 35.23
CA GLU D 414 -21.93 -12.09 34.86
C GLU D 414 -21.72 -12.08 33.36
N VAL D 415 -20.80 -11.24 32.89
CA VAL D 415 -20.45 -11.23 31.49
C VAL D 415 -19.27 -12.18 31.25
N TYR D 416 -19.47 -13.20 30.42
CA TYR D 416 -18.43 -14.15 30.03
C TYR D 416 -17.97 -13.95 28.56
N VAL D 417 -16.80 -14.47 28.20
CA VAL D 417 -16.42 -14.62 26.79
C VAL D 417 -16.22 -16.10 26.51
N LEU D 418 -16.42 -16.50 25.26
CA LEU D 418 -16.26 -17.92 24.93
C LEU D 418 -14.81 -18.34 25.17
N PRO D 419 -14.59 -19.64 25.39
CA PRO D 419 -13.21 -20.14 25.55
C PRO D 419 -12.39 -20.12 24.25
N LYS D 420 -11.06 -20.09 24.36
CA LYS D 420 -10.19 -20.05 23.20
C LYS D 420 -10.39 -21.19 22.20
N HIS D 421 -10.54 -22.43 22.68
CA HIS D 421 -10.76 -23.54 21.73
C HIS D 421 -11.95 -23.32 20.77
N LEU D 422 -12.99 -22.62 21.25
CA LEU D 422 -14.14 -22.30 20.39
C LEU D 422 -13.80 -21.18 19.41
N ASP D 423 -13.04 -20.20 19.88
CA ASP D 423 -12.53 -19.12 19.04
C ASP D 423 -11.69 -19.69 17.90
N GLU D 424 -10.81 -20.62 18.24
CA GLU D 424 -9.98 -21.27 17.24
C GLU D 424 -10.82 -22.12 16.30
N LYS D 425 -11.84 -22.81 16.82
CA LYS D 425 -12.74 -23.55 15.96
C LYS D 425 -13.37 -22.63 14.89
N VAL D 426 -13.97 -21.53 15.33
CA VAL D 426 -14.60 -20.59 14.41
C VAL D 426 -13.65 -20.20 13.26
N ALA D 427 -12.42 -19.84 13.60
CA ALA D 427 -11.43 -19.48 12.58
C ALA D 427 -11.18 -20.66 11.67
N ARG D 428 -11.11 -21.85 12.29
CA ARG D 428 -10.77 -23.06 11.57
C ARG D 428 -11.83 -23.33 10.50
N LEU D 429 -13.09 -23.03 10.81
CA LEU D 429 -14.20 -23.29 9.91
C LEU D 429 -14.24 -22.34 8.72
N HIS D 430 -13.41 -21.30 8.75
CA HIS D 430 -13.39 -20.32 7.66
C HIS D 430 -12.17 -20.43 6.76
N LEU D 431 -11.22 -21.29 7.11
CA LEU D 431 -10.00 -21.40 6.35
C LEU D 431 -10.19 -21.96 4.93
N ASP D 432 -10.97 -23.04 4.81
CA ASP D 432 -11.16 -23.72 3.51
C ASP D 432 -11.77 -22.81 2.43
N LYS D 433 -12.78 -22.05 2.82
CA LYS D 433 -13.42 -21.10 1.91
C LYS D 433 -12.39 -20.22 1.18
N LEU D 434 -11.24 -20.00 1.83
CA LEU D 434 -10.23 -19.09 1.31
C LEU D 434 -9.02 -19.81 0.77
N GLY D 435 -9.08 -21.14 0.71
CA GLY D 435 -7.94 -21.93 0.24
C GLY D 435 -6.71 -21.80 1.13
N ALA D 436 -6.95 -21.51 2.41
CA ALA D 436 -5.88 -21.29 3.36
C ALA D 436 -5.58 -22.60 4.09
N LYS D 437 -4.43 -23.18 3.80
CA LYS D 437 -4.10 -24.51 4.30
C LYS D 437 -3.24 -24.48 5.56
N LEU D 438 -3.72 -25.11 6.63
CA LEU D 438 -3.09 -25.01 7.92
C LEU D 438 -1.99 -26.05 8.08
N THR D 439 -0.89 -25.66 8.69
CA THR D 439 0.17 -26.60 9.06
C THR D 439 -0.14 -27.32 10.41
N VAL D 440 0.29 -28.57 10.54
CA VAL D 440 0.07 -29.33 11.78
C VAL D 440 1.36 -29.50 12.58
N LEU D 441 1.36 -29.08 13.85
CA LEU D 441 2.52 -29.32 14.69
C LEU D 441 2.86 -30.82 14.83
N SER D 442 4.14 -31.16 14.71
CA SER D 442 4.63 -32.48 15.11
C SER D 442 4.48 -32.57 16.62
N GLU D 443 4.60 -33.77 17.17
CA GLU D 443 4.43 -33.93 18.61
C GLU D 443 5.57 -33.22 19.35
N GLU D 444 6.78 -33.37 18.84
CA GLU D 444 7.97 -32.70 19.38
C GLU D 444 7.83 -31.18 19.34
N GLN D 445 7.36 -30.65 18.21
CA GLN D 445 7.18 -29.20 18.08
C GLN D 445 6.21 -28.62 19.11
N ALA D 446 5.06 -29.24 19.27
CA ALA D 446 4.08 -28.79 20.27
C ALA D 446 4.65 -28.83 21.69
N ALA D 447 5.25 -29.95 22.04
CA ALA D 447 5.92 -30.06 23.32
C ALA D 447 6.87 -28.87 23.46
N TYR D 448 7.65 -28.62 22.41
CA TYR D 448 8.74 -27.65 22.46
C TYR D 448 8.26 -26.27 22.89
N ILE D 449 7.04 -25.89 22.49
CA ILE D 449 6.54 -24.55 22.76
C ILE D 449 5.47 -24.54 23.84
N GLY D 450 5.13 -25.71 24.36
CA GLY D 450 4.22 -25.83 25.48
C GLY D 450 2.72 -25.88 25.15
N VAL D 451 2.38 -26.47 24.01
CA VAL D 451 0.98 -26.61 23.63
C VAL D 451 0.76 -28.04 23.16
N THR D 452 -0.47 -28.34 22.72
CA THR D 452 -0.76 -29.62 22.11
C THR D 452 -1.02 -29.33 20.66
N PRO D 453 -0.80 -30.32 19.79
CA PRO D 453 -1.04 -30.22 18.36
C PRO D 453 -2.48 -29.85 18.01
N GLN D 454 -3.41 -29.98 18.95
CA GLN D 454 -4.82 -29.67 18.70
C GLN D 454 -5.20 -28.28 19.22
N GLY D 455 -4.26 -27.65 19.91
CA GLY D 455 -4.46 -26.33 20.45
C GLY D 455 -5.24 -26.43 21.75
N PRO D 456 -5.56 -25.27 22.38
CA PRO D 456 -5.25 -23.90 21.96
C PRO D 456 -3.76 -23.62 21.81
N PHE D 457 -3.42 -22.64 20.97
CA PHE D 457 -2.03 -22.39 20.63
C PHE D 457 -1.46 -21.16 21.31
N LYS D 458 -2.31 -20.38 21.97
CA LYS D 458 -1.85 -19.12 22.58
C LYS D 458 -2.30 -19.04 24.03
N SER D 459 -1.56 -18.29 24.84
CA SER D 459 -1.93 -18.09 26.24
C SER D 459 -3.26 -17.33 26.31
N GLU D 460 -3.92 -17.33 27.46
CA GLU D 460 -5.29 -16.84 27.53
C GLU D 460 -5.46 -15.40 27.01
N HIS D 461 -4.49 -14.55 27.32
CA HIS D 461 -4.60 -13.12 27.00
C HIS D 461 -3.73 -12.62 25.83
N TYR D 462 -3.24 -13.54 25.01
CA TYR D 462 -2.49 -13.22 23.80
C TYR D 462 -3.27 -12.19 22.98
N ARG D 463 -2.60 -11.16 22.47
CA ARG D 463 -3.34 -10.07 21.83
C ARG D 463 -3.56 -10.23 20.33
N TYR D 464 -2.81 -11.13 19.69
CA TYR D 464 -2.91 -11.35 18.25
C TYR D 464 -2.61 -10.08 17.42
#